data_8SNY
#
_entry.id   8SNY
#
_cell.length_a   1.00
_cell.length_b   1.00
_cell.length_c   1.00
_cell.angle_alpha   90.00
_cell.angle_beta   90.00
_cell.angle_gamma   90.00
#
_symmetry.space_group_name_H-M   'P 1'
#
loop_
_entity.id
_entity.type
_entity.pdbx_description
1 polymer 'RNA-directed RNA polymerase L'
2 polymer Phosphoprotein
3 polymer "RNA (5'-R(*UP*UP*UP*UP*UP*CP*UP*CP*GP*U)-3')"
#
loop_
_entity_poly.entity_id
_entity_poly.type
_entity_poly.pdbx_seq_one_letter_code
_entity_poly.pdbx_strand_id
1 'polypeptide(L)'
;MDPIINGNSANVYLTDSYLKGVISFSECNALGSYIFNGPYLKNDYTNLISRQNPLIEHMNLKKLNITQSLISKYHKGEIK
LEEPTYFQSLLMTYKSMTSSEQIATTNLLKKIIRRAIEISDVKVYAILNKLGLKEKDKIKSNNGQDEDNSVITTIIKDDI
LSAVKDNQSHLKADKNHSTKQKDTIKTTLLKKLMCSMQHPPSWLIHWFNLYTKLNNILTQYRSNEVKNHGFTLIDNQTLS
GFQFILNQYGCIVYHKELKRITVTTYNQFLTWKDISLSRLNVCLITWISNCLNTLNKSLGLRCGFNNVILTQLFLYGDCI
LKLFHNEGFYIIKEVEGFIMSLILNITEEDQFRKRFYNSMLNNITDAANKAQKNLLSRVCHTLLDKTVSDNIINGRWIIL
LSKFLKLIKLAGDNNLNNLSELYFLFRIFGHPMVDERQAMDAVKINCNETKFYLLSSLSMLRGAFIYRIIKGFVNNYNRW
PTLRNAIVLPLRWLTYYKLNTYPSLLELTERDLIVLSGLRFYREFRLPKKVDLEMIINDKAISPPKNLIWTSFPRNYMPS
HIQNYIEHEKLKFSESDKSRRVLEYYLRDNKFNECDLYNCVVNQSYLNNPNHVVSLTGKERELSVGRMFAMQPGMFRQVQ
ILAEKMIAENILQFFPESLTRYGDLELQKILELKAGISNKSNRYNDNYNNYISKCSIITDLSKFNQAFRYETSCICSDVL
DELHGVQSLFSWLHLTIPHVTIICTYRHAPPYIGDHIVDLNNVDEQSGLYRYHMGGIEGWCQKLWTIEAISLLDLISLKG
KFSITALINGDNQSIDISKPIRLMEGQTHAQADYLLALNSLKLLYKEYAGIGHKLKGTETYISRDMQFMSKTIQHNGVYY
PASIKKVLRVGPWINTILDDFKVSLESIGSLTQELEYRGESLLCSLIFRNVWLYNQIALQLKNHALCNNKLYLDILKVLK
HLKTFFNLDNIDTALTLYMNLPMLFGGGDPNLLYRSFYRRTPDFLTEAIVHSVFILSYYTNHDLKDKLQDLSDDRLNKFL
TCIITFDKNPNAEFVTLMRDPQALGSERQAKITSEINRLAVTEVLSTAPNKIFSKSAQHYTTTEIDLNDIMQNIEPTYPH
GLRVVYESLPFYKAEKIVNLISGTKSITNILEKTSAIDLTDIDRATEMMRKNITLLIRILPLDCNRDKREILSMENLSIT
ELSKYVRERSWSLSNIVGVTSPSIMYTMDIKYTTSTISSGIIIEKYNVNSLTRGERGPTKPWVGSSTQEKKTMPVYNRQV
LTKKQRDQIDLLAKLDWVYASIDNKDEFMEELSIGTLGLTYEKAKKLFPQYLSVNYLHRLTVSSRPCEFPASIPAYRTTN
YHFDTSPINRILTEKYGDEDIDIVFQNCISFGLSLMSVVEQFTNVCPNRIILIPKLNEIHLMKPPIFTGDVDIHKLKQVI
QKQHMFLPDKISLTQYVELFLSNKTLKSGSHVNSNLILAHKISDYFHNTYILSTNLAGHWILIIQLMKDSKGIFEKDWGE
GYITDHMFINLKVFFNAYKTYLLCFHKGYGKAKLECDMNTSDLLCVLELIDSSYWKSMSKVFLEQKVIKYILSQDASLHR
VKGCHSFKLWFLKRLNVAEFTVCPWVVNIDYHPTHMKAILTYIDLVRMGLINIDRIHIKNKHKFNDEFYTSNLFYINYNF
SDNTHLLTKHIRIANSELENNYNKLYHPTPETLENILANPIKSNDKKTLNDYCIGKNVDSIMLPLLSNKKLIKSSAMIRT
NYSKQDLYNLFPMVVIDRIIDHSGNTAKSNQLYTTTSHQISLVHNSTSLYCMLPWHHINRFNFVFSSTGCKISIEYILKD
LKIKDPNCIAFIGEGAGNLLLRTVVELHPDIRYIYRSLKDCNDHSLPIEFLRLYNGHINIDYGENLTIPATDATNNIHWS
YLHIKFAEPISLFVCDAELSVTVNWSKIIIEWSKHVRKCKYCSSVNKCMLIVKYHAQDDIDFKLDNITILKTYVCLGSKL
KGSEVYLVLTIGPANIFPVFNVVQNAKLILSRTKNFIMPKKADKESIDANIKSLIPFLCYPITKKGINTALSKLKSVVSG
DILSYSIAGRNEVFSNKLINHKHMNILKWFNHVLNFRSTELNYNHLYMVESTYPYLSELLNSLTTNELKKLIKITGSLLY
NFHNE
;
A
2 'polypeptide(L)'
;MEKFAPEFHGEDANNRATKFLESIKGKFTSPKDPKKKDSIISVNSIDIEVTKESPITSNSTIINPTNETDDTAGNKPNYQ
RKPLVSFKEDPTPSDNPFSKLYKETIETFDNNEEESSYSYEEINDQTNDNITARLDRIDEKLSEILGMLHTLVVASAGPT
SARDGIRDAMVGLREEMIEKIRTEALMTNDRLEAMARLRNEESEKMAKDTSDEVSLNPTSEKLNNLLEGNDSDNDLSLED
F
;
B,C,D,E
3 'polyribonucleotide' UUUUUCUCGU T
#
# COMPACT_ATOMS: atom_id res chain seq x y z
N ALA A 10 9.30 -24.06 -28.49
CA ALA A 10 9.22 -22.60 -28.57
C ALA A 10 8.82 -22.00 -27.23
N ASN A 11 7.94 -21.00 -27.29
CA ASN A 11 7.43 -20.33 -26.10
C ASN A 11 5.94 -20.59 -25.98
N VAL A 12 5.48 -20.80 -24.75
CA VAL A 12 4.08 -21.13 -24.46
C VAL A 12 3.46 -19.96 -23.71
N TYR A 13 2.17 -19.72 -23.97
CA TYR A 13 1.42 -18.66 -23.31
C TYR A 13 0.52 -19.29 -22.25
N LEU A 14 0.73 -18.91 -20.99
CA LEU A 14 -0.08 -19.37 -19.88
C LEU A 14 -1.00 -18.24 -19.44
N THR A 15 -2.29 -18.51 -19.39
CA THR A 15 -3.29 -17.51 -19.02
C THR A 15 -3.73 -17.73 -17.58
N ASP A 16 -3.88 -16.63 -16.84
CA ASP A 16 -4.28 -16.70 -15.45
C ASP A 16 -5.71 -17.21 -15.31
N SER A 17 -5.98 -17.89 -14.19
CA SER A 17 -7.32 -18.37 -13.89
C SER A 17 -8.13 -17.35 -13.10
N TYR A 18 -7.49 -16.30 -12.59
CA TYR A 18 -8.16 -15.20 -11.92
C TYR A 18 -7.80 -13.91 -12.64
N LEU A 19 -8.76 -12.97 -12.66
CA LEU A 19 -8.62 -11.82 -13.55
C LEU A 19 -7.37 -11.01 -13.24
N LYS A 20 -7.14 -10.68 -11.96
CA LYS A 20 -6.00 -9.91 -11.48
C LYS A 20 -5.61 -8.80 -12.47
N GLY A 21 -6.61 -8.14 -13.04
CA GLY A 21 -6.38 -7.16 -14.08
C GLY A 21 -7.59 -6.28 -14.23
N VAL A 22 -7.84 -5.83 -15.46
CA VAL A 22 -8.89 -4.87 -15.75
C VAL A 22 -9.82 -5.44 -16.80
N ILE A 23 -11.12 -5.32 -16.57
CA ILE A 23 -12.12 -5.54 -17.60
C ILE A 23 -12.21 -4.24 -18.40
N SER A 24 -11.79 -4.28 -19.66
CA SER A 24 -11.64 -3.07 -20.45
C SER A 24 -12.87 -2.84 -21.30
N PHE A 25 -13.50 -1.66 -21.13
CA PHE A 25 -14.60 -1.26 -21.99
C PHE A 25 -14.15 -1.12 -23.44
N SER A 26 -12.92 -0.65 -23.65
CA SER A 26 -12.44 -0.35 -24.99
C SER A 26 -12.28 -1.61 -25.83
N GLU A 27 -11.64 -2.65 -25.29
CA GLU A 27 -11.42 -3.85 -26.07
C GLU A 27 -12.73 -4.58 -26.33
N CYS A 28 -13.63 -4.60 -25.35
CA CYS A 28 -14.94 -5.21 -25.56
C CYS A 28 -15.71 -4.48 -26.64
N ASN A 29 -15.70 -3.14 -26.61
CA ASN A 29 -16.37 -2.37 -27.64
C ASN A 29 -15.76 -2.62 -29.01
N ALA A 30 -14.43 -2.67 -29.10
CA ALA A 30 -13.79 -2.88 -30.38
C ALA A 30 -14.11 -4.26 -30.94
N LEU A 31 -14.05 -5.29 -30.11
CA LEU A 31 -14.34 -6.65 -30.58
C LEU A 31 -15.79 -6.77 -31.02
N GLY A 32 -16.72 -6.26 -30.20
CA GLY A 32 -18.11 -6.30 -30.59
C GLY A 32 -18.39 -5.53 -31.87
N SER A 33 -17.75 -4.38 -32.03
CA SER A 33 -17.94 -3.57 -33.23
C SER A 33 -17.43 -4.29 -34.46
N TYR A 34 -16.25 -4.91 -34.37
CA TYR A 34 -15.75 -5.66 -35.53
C TYR A 34 -16.63 -6.87 -35.84
N ILE A 35 -17.13 -7.54 -34.80
CA ILE A 35 -17.92 -8.75 -35.03
C ILE A 35 -19.27 -8.42 -35.64
N PHE A 36 -19.92 -7.35 -35.17
CA PHE A 36 -21.28 -7.04 -35.59
C PHE A 36 -21.36 -5.90 -36.61
N ASN A 37 -20.21 -5.43 -37.11
CA ASN A 37 -20.16 -4.42 -38.16
C ASN A 37 -20.96 -3.17 -37.80
N GLY A 38 -20.83 -2.75 -36.54
CA GLY A 38 -21.49 -1.55 -36.07
C GLY A 38 -21.07 -1.17 -34.67
N PRO A 39 -21.35 0.06 -34.25
CA PRO A 39 -20.98 0.49 -32.90
C PRO A 39 -21.66 -0.37 -31.86
N TYR A 40 -20.85 -1.05 -31.05
CA TYR A 40 -21.35 -2.07 -30.13
C TYR A 40 -21.67 -1.51 -28.75
N LEU A 41 -20.67 -0.93 -28.08
CA LEU A 41 -20.85 -0.43 -26.72
C LEU A 41 -20.97 1.08 -26.64
N LYS A 42 -20.22 1.81 -27.46
CA LYS A 42 -20.27 3.27 -27.42
C LYS A 42 -19.80 3.80 -28.76
N ASN A 43 -20.28 4.99 -29.12
CA ASN A 43 -19.95 5.62 -30.39
C ASN A 43 -18.67 6.45 -30.20
N ASP A 44 -17.55 5.74 -30.18
CA ASP A 44 -16.22 6.33 -30.05
C ASP A 44 -15.39 6.02 -31.29
N TYR A 45 -14.15 6.53 -31.30
CA TYR A 45 -13.22 6.19 -32.36
C TYR A 45 -12.74 4.75 -32.25
N THR A 46 -12.89 4.13 -31.08
CA THR A 46 -12.49 2.74 -30.92
C THR A 46 -13.24 1.82 -31.88
N ASN A 47 -14.57 1.95 -31.91
CA ASN A 47 -15.37 1.10 -32.80
C ASN A 47 -15.04 1.39 -34.26
N LEU A 48 -14.85 2.67 -34.61
CA LEU A 48 -14.54 3.03 -35.98
C LEU A 48 -13.23 2.40 -36.44
N ILE A 49 -12.19 2.51 -35.61
CA ILE A 49 -10.89 1.96 -36.00
C ILE A 49 -10.92 0.44 -35.97
N SER A 50 -11.72 -0.16 -35.08
CA SER A 50 -11.83 -1.62 -35.06
C SER A 50 -12.51 -2.13 -36.31
N ARG A 51 -13.55 -1.43 -36.77
CA ARG A 51 -14.22 -1.84 -38.01
C ARG A 51 -13.36 -1.54 -39.23
N GLN A 52 -12.56 -0.48 -39.19
CA GLN A 52 -11.75 -0.10 -40.34
C GLN A 52 -10.54 -1.03 -40.50
N ASN A 53 -9.66 -1.07 -39.50
CA ASN A 53 -8.43 -1.85 -39.55
C ASN A 53 -8.38 -2.75 -38.33
N PRO A 54 -8.94 -3.95 -38.40
CA PRO A 54 -9.06 -4.80 -37.22
C PRO A 54 -7.71 -5.39 -36.79
N LEU A 55 -7.74 -6.04 -35.63
CA LEU A 55 -6.58 -6.77 -35.14
C LEU A 55 -6.56 -8.18 -35.71
N ILE A 56 -5.39 -8.80 -35.67
CA ILE A 56 -5.25 -10.17 -36.16
C ILE A 56 -6.07 -11.13 -35.31
N GLU A 57 -6.04 -10.96 -33.99
CA GLU A 57 -6.80 -11.85 -33.10
C GLU A 57 -8.30 -11.69 -33.32
N HIS A 58 -8.77 -10.45 -33.53
CA HIS A 58 -10.18 -10.24 -33.82
C HIS A 58 -10.58 -10.89 -35.13
N MET A 59 -9.71 -10.79 -36.14
CA MET A 59 -9.98 -11.46 -37.42
C MET A 59 -10.06 -12.97 -37.25
N ASN A 60 -9.15 -13.55 -36.45
CA ASN A 60 -9.19 -14.98 -36.20
C ASN A 60 -10.47 -15.38 -35.47
N LEU A 61 -10.88 -14.58 -34.48
CA LEU A 61 -12.10 -14.89 -33.75
C LEU A 61 -13.34 -14.80 -34.63
N LYS A 62 -13.38 -13.80 -35.52
CA LYS A 62 -14.54 -13.64 -36.38
C LYS A 62 -14.60 -14.66 -37.51
N LYS A 63 -13.44 -15.06 -38.04
CA LYS A 63 -13.40 -15.95 -39.19
C LYS A 63 -13.83 -17.37 -38.87
N LEU A 64 -14.02 -17.71 -37.59
CA LEU A 64 -14.45 -19.06 -37.23
C LEU A 64 -15.82 -19.34 -37.81
N ASN A 65 -16.04 -20.61 -38.18
CA ASN A 65 -17.30 -20.99 -38.80
C ASN A 65 -18.47 -20.79 -37.85
N ILE A 66 -18.30 -21.13 -36.57
CA ILE A 66 -19.36 -20.94 -35.60
C ILE A 66 -19.63 -19.45 -35.39
N THR A 67 -18.58 -18.63 -35.40
CA THR A 67 -18.77 -17.18 -35.29
C THR A 67 -19.48 -16.63 -36.51
N GLN A 68 -19.14 -17.12 -37.71
CA GLN A 68 -19.83 -16.69 -38.91
C GLN A 68 -21.30 -17.06 -38.87
N SER A 69 -21.60 -18.28 -38.41
CA SER A 69 -23.00 -18.70 -38.28
C SER A 69 -23.73 -17.83 -37.27
N LEU A 70 -23.08 -17.50 -36.15
CA LEU A 70 -23.72 -16.68 -35.13
C LEU A 70 -24.01 -15.27 -35.66
N ILE A 71 -23.05 -14.67 -36.36
CA ILE A 71 -23.27 -13.32 -36.88
C ILE A 71 -24.32 -13.34 -37.98
N SER A 72 -24.36 -14.41 -38.80
CA SER A 72 -25.40 -14.52 -39.81
C SER A 72 -26.78 -14.64 -39.17
N LYS A 73 -26.89 -15.42 -38.09
CA LYS A 73 -28.16 -15.54 -37.39
C LYS A 73 -28.57 -14.21 -36.77
N TYR A 74 -27.61 -13.47 -36.21
CA TYR A 74 -27.92 -12.15 -35.67
C TYR A 74 -28.39 -11.19 -36.75
N HIS A 75 -27.74 -11.22 -37.92
CA HIS A 75 -28.17 -10.37 -39.03
C HIS A 75 -29.56 -10.76 -39.51
N LYS A 76 -29.88 -12.05 -39.48
CA LYS A 76 -31.21 -12.51 -39.84
C LYS A 76 -32.28 -12.10 -38.85
N GLY A 77 -31.90 -11.59 -37.68
CA GLY A 77 -32.84 -11.17 -36.67
C GLY A 77 -33.33 -12.28 -35.75
N GLU A 78 -32.83 -13.50 -35.91
CA GLU A 78 -33.24 -14.59 -35.03
C GLU A 78 -32.81 -14.31 -33.58
N ILE A 79 -31.60 -13.81 -33.40
CA ILE A 79 -31.09 -13.46 -32.09
C ILE A 79 -30.76 -11.97 -32.07
N LYS A 80 -30.79 -11.38 -30.88
CA LYS A 80 -30.56 -9.96 -30.70
C LYS A 80 -29.37 -9.73 -29.79
N LEU A 81 -28.58 -8.72 -30.10
CA LEU A 81 -27.38 -8.41 -29.35
C LEU A 81 -27.74 -7.95 -27.93
N GLU A 82 -26.90 -8.32 -26.97
CA GLU A 82 -27.15 -8.06 -25.57
C GLU A 82 -25.84 -7.65 -24.91
N GLU A 83 -25.82 -7.65 -23.57
CA GLU A 83 -24.67 -7.10 -22.86
C GLU A 83 -24.03 -8.14 -21.94
N PRO A 84 -22.72 -8.04 -21.71
CA PRO A 84 -22.06 -8.89 -20.72
C PRO A 84 -22.76 -8.90 -19.38
N THR A 85 -23.33 -7.79 -18.95
CA THR A 85 -24.07 -7.78 -17.69
C THR A 85 -25.34 -8.62 -17.79
N TYR A 86 -26.03 -8.56 -18.92
CA TYR A 86 -27.20 -9.41 -19.12
C TYR A 86 -26.83 -10.87 -19.04
N PHE A 87 -25.75 -11.29 -19.69
CA PHE A 87 -25.35 -12.69 -19.59
C PHE A 87 -24.76 -13.03 -18.22
N GLN A 88 -24.21 -12.06 -17.51
CA GLN A 88 -23.82 -12.31 -16.12
C GLN A 88 -25.04 -12.66 -15.28
N SER A 89 -26.11 -11.89 -15.44
CA SER A 89 -27.35 -12.20 -14.76
C SER A 89 -27.88 -13.57 -15.16
N LEU A 90 -27.83 -13.87 -16.47
CA LEU A 90 -28.32 -15.15 -16.96
C LEU A 90 -27.54 -16.31 -16.37
N LEU A 91 -26.21 -16.18 -16.29
CA LEU A 91 -25.38 -17.24 -15.72
C LEU A 91 -25.65 -17.38 -14.22
N MET A 92 -25.81 -16.27 -13.50
CA MET A 92 -26.09 -16.36 -12.07
C MET A 92 -27.42 -17.05 -11.81
N THR A 93 -28.45 -16.70 -12.58
CA THR A 93 -29.71 -17.44 -12.53
C THR A 93 -29.72 -18.49 -13.65
N TYR A 94 -28.92 -19.54 -13.41
CA TYR A 94 -28.69 -20.55 -14.42
C TYR A 94 -30.00 -21.16 -14.91
N LYS A 95 -30.80 -21.69 -13.99
CA LYS A 95 -32.14 -22.23 -14.27
C LYS A 95 -32.11 -23.15 -15.49
N SER A 96 -31.04 -23.94 -15.63
CA SER A 96 -30.92 -24.85 -16.76
C SER A 96 -30.32 -26.18 -16.32
N MET A 97 -30.41 -26.51 -15.04
CA MET A 97 -29.83 -27.73 -14.52
C MET A 97 -30.74 -28.93 -14.79
N THR A 98 -30.13 -30.09 -14.92
CA THR A 98 -30.85 -31.33 -15.11
C THR A 98 -30.61 -32.26 -13.91
N SER A 99 -31.47 -33.27 -13.80
CA SER A 99 -31.43 -34.16 -12.64
C SER A 99 -30.09 -34.89 -12.54
N SER A 100 -29.57 -35.36 -13.67
CA SER A 100 -28.32 -36.12 -13.65
C SER A 100 -27.17 -35.29 -13.12
N GLU A 101 -26.97 -34.10 -13.69
CA GLU A 101 -25.84 -33.27 -13.25
C GLU A 101 -26.08 -32.72 -11.85
N GLN A 102 -27.33 -32.48 -11.47
CA GLN A 102 -27.60 -32.05 -10.10
C GLN A 102 -27.24 -33.14 -9.10
N ILE A 103 -27.59 -34.39 -9.41
CA ILE A 103 -27.23 -35.50 -8.53
C ILE A 103 -25.72 -35.66 -8.47
N ALA A 104 -25.05 -35.55 -9.62
CA ALA A 104 -23.59 -35.68 -9.64
C ALA A 104 -22.93 -34.59 -8.82
N THR A 105 -23.39 -33.35 -8.97
CA THR A 105 -22.82 -32.24 -8.20
C THR A 105 -23.10 -32.40 -6.71
N THR A 106 -24.30 -32.85 -6.35
CA THR A 106 -24.61 -33.07 -4.94
C THR A 106 -23.72 -34.15 -4.35
N ASN A 107 -23.51 -35.25 -5.09
CA ASN A 107 -22.62 -36.30 -4.61
C ASN A 107 -21.20 -35.80 -4.47
N LEU A 108 -20.72 -35.02 -5.44
CA LEU A 108 -19.36 -34.48 -5.36
C LEU A 108 -19.20 -33.56 -4.16
N LEU A 109 -20.18 -32.69 -3.92
CA LEU A 109 -20.09 -31.79 -2.77
C LEU A 109 -20.18 -32.54 -1.46
N LYS A 110 -21.03 -33.58 -1.39
CA LYS A 110 -21.10 -34.39 -0.18
C LYS A 110 -19.78 -35.09 0.09
N LYS A 111 -19.14 -35.63 -0.96
CA LYS A 111 -17.83 -36.26 -0.80
C LYS A 111 -16.79 -35.25 -0.35
N ILE A 112 -16.83 -34.03 -0.92
CA ILE A 112 -15.87 -33.00 -0.53
C ILE A 112 -16.04 -32.66 0.94
N ILE A 113 -17.28 -32.46 1.39
CA ILE A 113 -17.54 -32.10 2.77
C ILE A 113 -17.12 -33.23 3.70
N ARG A 114 -17.45 -34.47 3.34
CA ARG A 114 -17.10 -35.61 4.18
C ARG A 114 -15.59 -35.77 4.30
N ARG A 115 -14.86 -35.63 3.20
CA ARG A 115 -13.41 -35.74 3.24
C ARG A 115 -12.79 -34.60 4.03
N ALA A 116 -13.33 -33.38 3.88
CA ALA A 116 -12.80 -32.26 4.65
C ALA A 116 -13.03 -32.45 6.14
N ILE A 117 -14.20 -32.98 6.51
CA ILE A 117 -14.48 -33.24 7.93
C ILE A 117 -13.57 -34.35 8.44
N GLU A 118 -13.30 -35.37 7.61
CA GLU A 118 -12.40 -36.43 8.01
C GLU A 118 -10.98 -35.89 8.25
N ILE A 119 -10.52 -35.00 7.37
CA ILE A 119 -9.21 -34.39 7.57
C ILE A 119 -9.21 -33.50 8.81
N SER A 120 -10.30 -32.76 9.01
CA SER A 120 -10.41 -31.89 10.18
C SER A 120 -10.42 -32.68 11.48
N ASP A 121 -10.91 -33.92 11.43
CA ASP A 121 -11.01 -34.72 12.65
C ASP A 121 -9.64 -34.95 13.27
N VAL A 122 -8.61 -35.16 12.44
CA VAL A 122 -7.27 -35.39 12.97
C VAL A 122 -6.80 -34.17 13.76
N LYS A 123 -6.92 -32.99 13.15
CA LYS A 123 -6.48 -31.77 13.81
C LYS A 123 -7.28 -31.51 15.08
N VAL A 124 -8.59 -31.75 15.03
CA VAL A 124 -9.43 -31.48 16.19
C VAL A 124 -9.12 -32.45 17.32
N TYR A 125 -8.90 -33.73 16.99
CA TYR A 125 -8.55 -34.71 18.01
C TYR A 125 -7.22 -34.37 18.65
N ALA A 126 -6.25 -33.94 17.84
CA ALA A 126 -4.97 -33.50 18.39
C ALA A 126 -5.16 -32.33 19.34
N ILE A 127 -5.95 -31.34 18.91
CA ILE A 127 -6.18 -30.17 19.76
C ILE A 127 -6.85 -30.59 21.07
N LEU A 128 -7.86 -31.46 20.98
CA LEU A 128 -8.62 -31.85 22.17
C LEU A 128 -7.78 -32.65 23.14
N ASN A 129 -7.05 -33.66 22.66
CA ASN A 129 -6.28 -34.49 23.58
C ASN A 129 -5.01 -33.81 24.06
N LYS A 130 -4.54 -32.76 23.36
CA LYS A 130 -3.52 -31.91 23.95
C LYS A 130 -4.13 -30.95 24.98
N LEU A 131 -5.39 -30.57 24.78
CA LEU A 131 -6.06 -29.60 25.64
C LEU A 131 -6.58 -30.22 26.93
N GLY A 132 -6.80 -31.53 26.96
CA GLY A 132 -7.34 -32.18 28.13
C GLY A 132 -8.83 -32.06 28.30
N LEU A 133 -9.54 -31.50 27.32
CA LEU A 133 -10.99 -31.38 27.41
C LEU A 133 -11.64 -32.73 27.13
N LYS A 134 -12.60 -33.10 27.97
CA LYS A 134 -13.34 -34.35 27.82
C LYS A 134 -12.42 -35.56 27.76
N ASP A 183 -14.55 -45.44 13.83
CA ASP A 183 -14.55 -45.41 12.37
C ASP A 183 -13.74 -44.25 11.82
N THR A 184 -14.21 -43.66 10.71
CA THR A 184 -13.47 -42.58 10.06
C THR A 184 -13.38 -41.34 10.94
N ILE A 185 -14.37 -41.10 11.80
CA ILE A 185 -14.39 -39.95 12.68
C ILE A 185 -14.22 -40.42 14.11
N LYS A 186 -13.28 -39.82 14.83
CA LYS A 186 -12.98 -40.20 16.21
C LYS A 186 -13.65 -39.30 17.24
N THR A 187 -13.84 -38.02 16.94
CA THR A 187 -14.39 -37.08 17.89
C THR A 187 -15.91 -36.97 17.73
N THR A 188 -16.61 -36.95 18.87
CA THR A 188 -18.07 -36.84 18.84
C THR A 188 -18.52 -35.50 18.26
N LEU A 189 -17.74 -34.44 18.47
CA LEU A 189 -18.09 -33.14 17.91
C LEU A 189 -18.15 -33.20 16.39
N LEU A 190 -17.09 -33.74 15.77
CA LEU A 190 -17.08 -33.87 14.31
C LEU A 190 -18.07 -34.92 13.84
N LYS A 191 -18.35 -35.95 14.65
CA LYS A 191 -19.39 -36.91 14.30
C LYS A 191 -20.74 -36.22 14.16
N LYS A 192 -21.11 -35.42 15.16
CA LYS A 192 -22.37 -34.67 15.10
C LYS A 192 -22.35 -33.66 13.97
N LEU A 193 -21.19 -33.01 13.74
CA LEU A 193 -21.11 -32.03 12.66
C LEU A 193 -21.33 -32.69 11.30
N MET A 194 -20.74 -33.87 11.08
CA MET A 194 -20.95 -34.59 9.83
C MET A 194 -22.38 -35.08 9.71
N CYS A 195 -22.97 -35.53 10.82
CA CYS A 195 -24.36 -35.97 10.79
C CYS A 195 -25.31 -34.82 10.48
N SER A 196 -24.93 -33.60 10.85
CA SER A 196 -25.74 -32.44 10.52
C SER A 196 -25.51 -31.97 9.09
N MET A 197 -24.26 -32.02 8.63
CA MET A 197 -23.89 -31.55 7.29
C MET A 197 -23.94 -32.68 6.27
N GLN A 198 -25.07 -33.38 6.19
CA GLN A 198 -25.23 -34.48 5.24
C GLN A 198 -25.70 -34.00 3.88
N HIS A 199 -26.84 -33.29 3.85
CA HIS A 199 -27.42 -32.83 2.60
C HIS A 199 -27.18 -31.35 2.43
N PRO A 200 -26.31 -30.93 1.50
CA PRO A 200 -26.18 -29.49 1.23
C PRO A 200 -27.44 -28.94 0.61
N PRO A 201 -27.78 -27.69 0.87
CA PRO A 201 -29.04 -27.14 0.36
C PRO A 201 -28.96 -26.85 -1.13
N SER A 202 -30.14 -26.57 -1.70
CA SER A 202 -30.24 -26.38 -3.15
C SER A 202 -29.45 -25.16 -3.61
N TRP A 203 -29.50 -24.08 -2.85
CA TRP A 203 -28.66 -22.91 -3.12
C TRP A 203 -27.16 -23.23 -3.10
N LEU A 204 -26.70 -23.99 -2.11
CA LEU A 204 -25.29 -24.37 -2.09
C LEU A 204 -24.93 -25.23 -3.30
N ILE A 205 -25.80 -26.20 -3.63
CA ILE A 205 -25.53 -27.06 -4.78
C ILE A 205 -25.50 -26.25 -6.07
N HIS A 206 -26.41 -25.29 -6.21
CA HIS A 206 -26.46 -24.48 -7.43
C HIS A 206 -25.18 -23.67 -7.59
N TRP A 207 -24.72 -23.02 -6.52
CA TRP A 207 -23.49 -22.25 -6.63
C TRP A 207 -22.29 -23.14 -6.89
N PHE A 208 -22.21 -24.30 -6.24
CA PHE A 208 -21.10 -25.20 -6.48
C PHE A 208 -21.11 -25.70 -7.92
N ASN A 209 -22.28 -26.04 -8.45
CA ASN A 209 -22.38 -26.54 -9.82
C ASN A 209 -21.96 -25.47 -10.82
N LEU A 210 -22.44 -24.24 -10.62
CA LEU A 210 -22.07 -23.16 -11.54
C LEU A 210 -20.57 -22.91 -11.51
N TYR A 211 -19.98 -22.86 -10.31
CA TYR A 211 -18.54 -22.64 -10.20
C TYR A 211 -17.77 -23.78 -10.85
N THR A 212 -18.22 -25.02 -10.63
CA THR A 212 -17.53 -26.18 -11.19
C THR A 212 -17.56 -26.16 -12.71
N LYS A 213 -18.72 -25.83 -13.30
CA LYS A 213 -18.81 -25.78 -14.76
C LYS A 213 -17.92 -24.68 -15.32
N LEU A 214 -17.97 -23.49 -14.72
CA LEU A 214 -17.13 -22.41 -15.22
C LEU A 214 -15.65 -22.73 -15.07
N ASN A 215 -15.26 -23.33 -13.95
CA ASN A 215 -13.87 -23.71 -13.75
C ASN A 215 -13.44 -24.80 -14.72
N ASN A 216 -14.34 -25.74 -15.03
CA ASN A 216 -14.01 -26.76 -16.03
C ASN A 216 -13.76 -26.13 -17.39
N ILE A 217 -14.62 -25.19 -17.79
CA ILE A 217 -14.41 -24.51 -19.08
C ILE A 217 -13.07 -23.78 -19.06
N LEU A 218 -12.78 -23.06 -17.97
CA LEU A 218 -11.56 -22.28 -17.90
C LEU A 218 -10.32 -23.17 -17.94
N THR A 219 -10.32 -24.27 -17.19
CA THR A 219 -9.15 -25.12 -17.15
C THR A 219 -8.96 -25.87 -18.46
N GLN A 220 -10.06 -26.27 -19.12
CA GLN A 220 -9.94 -26.87 -20.45
C GLN A 220 -9.31 -25.88 -21.42
N TYR A 221 -9.77 -24.63 -21.41
CA TYR A 221 -9.20 -23.64 -22.31
C TYR A 221 -7.73 -23.39 -22.01
N ARG A 222 -7.38 -23.30 -20.72
CA ARG A 222 -5.99 -23.05 -20.36
C ARG A 222 -5.09 -24.20 -20.77
N SER A 223 -5.53 -25.44 -20.55
CA SER A 223 -4.74 -26.59 -20.95
C SER A 223 -4.55 -26.63 -22.46
N ASN A 224 -5.62 -26.36 -23.23
CA ASN A 224 -5.49 -26.37 -24.67
C ASN A 224 -4.58 -25.24 -25.15
N GLU A 225 -4.67 -24.06 -24.52
CA GLU A 225 -3.81 -22.94 -24.88
C GLU A 225 -2.35 -23.29 -24.60
N VAL A 226 -2.09 -23.97 -23.48
CA VAL A 226 -0.74 -24.44 -23.21
C VAL A 226 -0.29 -25.43 -24.28
N LYS A 227 -1.19 -26.33 -24.69
CA LYS A 227 -0.83 -27.32 -25.69
C LYS A 227 -0.44 -26.67 -27.01
N ASN A 228 -1.29 -25.78 -27.53
CA ASN A 228 -1.00 -25.10 -28.79
C ASN A 228 -1.43 -23.64 -28.71
N HIS A 229 -0.75 -22.81 -29.49
CA HIS A 229 -1.00 -21.37 -29.47
C HIS A 229 -2.18 -21.01 -30.37
N GLY A 230 -2.84 -19.91 -30.04
CA GLY A 230 -3.97 -19.43 -30.81
C GLY A 230 -5.18 -20.35 -30.77
N PHE A 231 -5.45 -20.95 -29.62
CA PHE A 231 -6.57 -21.86 -29.47
C PHE A 231 -7.82 -21.10 -29.08
N THR A 232 -8.96 -21.54 -29.61
CA THR A 232 -10.27 -21.00 -29.24
C THR A 232 -11.16 -22.15 -28.81
N LEU A 233 -11.72 -22.05 -27.61
CA LEU A 233 -12.52 -23.12 -27.03
C LEU A 233 -13.99 -22.89 -27.34
N ILE A 234 -14.61 -23.89 -27.97
CA ILE A 234 -16.04 -23.90 -28.24
C ILE A 234 -16.67 -24.95 -27.33
N ASP A 235 -17.54 -24.50 -26.43
CA ASP A 235 -18.15 -25.39 -25.43
C ASP A 235 -19.64 -25.03 -25.31
N ASN A 236 -20.47 -25.74 -26.06
CA ASN A 236 -21.92 -25.61 -25.96
C ASN A 236 -22.55 -26.73 -25.14
N GLN A 237 -21.73 -27.56 -24.49
CA GLN A 237 -22.23 -28.71 -23.74
C GLN A 237 -21.97 -28.66 -22.25
N THR A 238 -20.91 -27.98 -21.80
CA THR A 238 -20.62 -27.92 -20.37
C THR A 238 -21.74 -27.22 -19.62
N LEU A 239 -22.21 -26.09 -20.15
CA LEU A 239 -23.35 -25.37 -19.60
C LEU A 239 -24.55 -25.61 -20.50
N SER A 240 -25.62 -26.17 -19.92
CA SER A 240 -26.78 -26.55 -20.71
C SER A 240 -27.48 -25.30 -21.26
N GLY A 241 -27.67 -25.28 -22.58
CA GLY A 241 -28.34 -24.19 -23.24
C GLY A 241 -27.46 -23.00 -23.57
N PHE A 242 -26.20 -23.00 -23.16
CA PHE A 242 -25.30 -21.88 -23.40
C PHE A 242 -24.37 -22.19 -24.56
N GLN A 243 -23.44 -21.27 -24.82
CA GLN A 243 -22.46 -21.43 -25.89
C GLN A 243 -21.31 -20.47 -25.63
N PHE A 244 -20.09 -20.99 -25.62
CA PHE A 244 -18.90 -20.20 -25.36
C PHE A 244 -17.91 -20.37 -26.50
N ILE A 245 -17.37 -19.24 -26.99
CA ILE A 245 -16.32 -19.25 -28.00
C ILE A 245 -15.09 -18.62 -27.34
N LEU A 246 -14.94 -18.89 -26.05
CA LEU A 246 -13.94 -18.21 -25.23
C LEU A 246 -12.54 -18.33 -25.81
N ASN A 247 -11.85 -17.19 -25.86
CA ASN A 247 -10.45 -17.11 -26.27
C ASN A 247 -9.74 -16.17 -25.32
N GLN A 248 -8.43 -16.00 -25.50
CA GLN A 248 -7.69 -15.06 -24.68
C GLN A 248 -8.04 -13.62 -25.04
N TYR A 249 -8.31 -13.37 -26.32
CA TYR A 249 -8.60 -12.03 -26.81
C TYR A 249 -10.09 -11.75 -26.93
N GLY A 250 -10.94 -12.68 -26.54
CA GLY A 250 -12.37 -12.46 -26.61
C GLY A 250 -13.13 -13.68 -26.15
N CYS A 251 -14.38 -13.45 -25.77
CA CYS A 251 -15.27 -14.50 -25.29
C CYS A 251 -16.68 -14.18 -25.75
N ILE A 252 -17.20 -14.95 -26.70
CA ILE A 252 -18.54 -14.76 -27.23
C ILE A 252 -19.47 -15.75 -26.56
N VAL A 253 -20.52 -15.22 -25.92
CA VAL A 253 -21.50 -16.04 -25.20
C VAL A 253 -22.82 -15.94 -25.95
N TYR A 254 -23.37 -17.09 -26.32
CA TYR A 254 -24.62 -17.16 -27.07
C TYR A 254 -25.60 -18.07 -26.34
N HIS A 255 -26.86 -17.63 -26.25
CA HIS A 255 -27.92 -18.38 -25.59
C HIS A 255 -28.96 -18.76 -26.64
N LYS A 256 -28.94 -20.02 -27.05
CA LYS A 256 -29.87 -20.47 -28.09
C LYS A 256 -31.32 -20.40 -27.62
N GLU A 257 -31.57 -20.81 -26.37
CA GLU A 257 -32.94 -20.85 -25.87
C GLU A 257 -33.55 -19.45 -25.79
N LEU A 258 -32.79 -18.47 -25.30
CA LEU A 258 -33.28 -17.11 -25.14
C LEU A 258 -32.97 -16.22 -26.34
N LYS A 259 -32.26 -16.74 -27.35
CA LYS A 259 -31.98 -16.01 -28.58
C LYS A 259 -31.23 -14.70 -28.31
N ARG A 260 -30.14 -14.81 -27.54
CA ARG A 260 -29.34 -13.65 -27.17
C ARG A 260 -27.87 -13.94 -27.44
N ILE A 261 -27.13 -12.89 -27.82
CA ILE A 261 -25.71 -12.99 -28.12
C ILE A 261 -25.01 -11.76 -27.55
N THR A 262 -23.70 -11.89 -27.33
CA THR A 262 -22.89 -10.79 -26.82
C THR A 262 -21.46 -10.93 -27.31
N VAL A 263 -20.64 -9.95 -26.96
CA VAL A 263 -19.20 -10.01 -27.10
C VAL A 263 -18.59 -9.64 -25.75
N THR A 264 -17.77 -10.52 -25.20
CA THR A 264 -17.13 -10.25 -23.92
C THR A 264 -15.62 -10.46 -24.04
N THR A 265 -14.93 -10.43 -22.91
CA THR A 265 -13.48 -10.58 -22.88
C THR A 265 -13.10 -11.73 -21.97
N TYR A 266 -11.85 -12.18 -22.13
CA TYR A 266 -11.32 -13.21 -21.24
C TYR A 266 -11.32 -12.72 -19.79
N ASN A 267 -11.02 -11.44 -19.58
CA ASN A 267 -11.10 -10.87 -18.25
C ASN A 267 -12.52 -10.90 -17.71
N GLN A 268 -13.51 -10.63 -18.57
CA GLN A 268 -14.91 -10.70 -18.15
C GLN A 268 -15.31 -12.13 -17.78
N PHE A 269 -14.84 -13.12 -18.55
CA PHE A 269 -15.11 -14.51 -18.21
C PHE A 269 -14.47 -14.89 -16.88
N LEU A 270 -13.24 -14.44 -16.66
CA LEU A 270 -12.58 -14.67 -15.37
C LEU A 270 -13.38 -14.01 -14.24
N THR A 271 -13.93 -12.82 -14.50
CA THR A 271 -14.73 -12.14 -13.50
C THR A 271 -16.00 -12.92 -13.18
N TRP A 272 -16.63 -13.49 -14.20
CA TRP A 272 -17.81 -14.32 -13.97
C TRP A 272 -17.46 -15.53 -13.11
N LYS A 273 -16.36 -16.20 -13.45
CA LYS A 273 -15.94 -17.36 -12.67
C LYS A 273 -15.63 -16.96 -11.23
N ASP A 274 -15.00 -15.80 -11.05
CA ASP A 274 -14.66 -15.35 -9.70
C ASP A 274 -15.89 -14.97 -8.91
N ILE A 275 -16.91 -14.42 -9.58
CA ILE A 275 -18.19 -14.15 -8.92
C ILE A 275 -18.80 -15.45 -8.41
N SER A 276 -18.82 -16.47 -9.28
CA SER A 276 -19.36 -17.76 -8.87
C SER A 276 -18.56 -18.36 -7.71
N LEU A 277 -17.23 -18.27 -7.79
CA LEU A 277 -16.38 -18.83 -6.73
C LEU A 277 -16.56 -18.07 -5.42
N SER A 278 -16.72 -16.75 -5.48
CA SER A 278 -16.94 -15.96 -4.28
C SER A 278 -18.28 -16.29 -3.64
N ARG A 279 -19.32 -16.47 -4.44
CA ARG A 279 -20.60 -16.86 -3.88
C ARG A 279 -20.53 -18.27 -3.28
N LEU A 280 -19.79 -19.17 -3.91
CA LEU A 280 -19.58 -20.49 -3.33
C LEU A 280 -18.84 -20.40 -2.00
N ASN A 281 -17.82 -19.56 -1.91
CA ASN A 281 -17.08 -19.40 -0.66
C ASN A 281 -17.99 -18.84 0.43
N VAL A 282 -18.77 -17.81 0.11
CA VAL A 282 -19.68 -17.24 1.10
C VAL A 282 -20.69 -18.28 1.57
N CYS A 283 -21.26 -19.03 0.63
CA CYS A 283 -22.25 -20.05 0.98
C CYS A 283 -21.64 -21.13 1.87
N LEU A 284 -20.43 -21.60 1.52
CA LEU A 284 -19.79 -22.64 2.32
C LEU A 284 -19.48 -22.14 3.72
N ILE A 285 -18.94 -20.93 3.83
CA ILE A 285 -18.59 -20.39 5.14
C ILE A 285 -19.84 -20.23 6.00
N THR A 286 -20.91 -19.68 5.42
CA THR A 286 -22.12 -19.47 6.19
C THR A 286 -22.76 -20.78 6.59
N TRP A 287 -22.76 -21.78 5.69
CA TRP A 287 -23.35 -23.07 6.03
C TRP A 287 -22.58 -23.76 7.14
N ILE A 288 -21.24 -23.74 7.06
CA ILE A 288 -20.44 -24.34 8.10
C ILE A 288 -20.64 -23.63 9.43
N SER A 289 -20.69 -22.30 9.40
CA SER A 289 -20.89 -21.53 10.62
C SER A 289 -22.25 -21.85 11.25
N ASN A 290 -23.30 -21.93 10.42
CA ASN A 290 -24.63 -22.25 10.94
C ASN A 290 -24.67 -23.66 11.51
N CYS A 291 -24.06 -24.63 10.83
CA CYS A 291 -24.06 -26.00 11.33
C CYS A 291 -23.26 -26.14 12.61
N LEU A 292 -22.19 -25.36 12.77
CA LEU A 292 -21.45 -25.37 14.02
C LEU A 292 -22.24 -24.70 15.14
N ASN A 293 -22.86 -23.56 14.84
CA ASN A 293 -23.63 -22.84 15.85
C ASN A 293 -24.89 -23.58 16.28
N THR A 294 -25.41 -24.46 15.43
CA THR A 294 -26.56 -25.27 15.81
C THR A 294 -26.21 -26.20 16.98
N LEU A 295 -25.02 -26.78 16.95
CA LEU A 295 -24.60 -27.70 18.01
C LEU A 295 -23.84 -27.00 19.13
N ASN A 296 -23.34 -25.79 18.91
CA ASN A 296 -22.63 -25.04 19.95
C ASN A 296 -22.63 -23.58 19.55
N LYS A 297 -23.27 -22.73 20.38
CA LYS A 297 -23.53 -21.35 19.99
C LYS A 297 -22.24 -20.57 19.78
N SER A 298 -21.25 -20.75 20.66
CA SER A 298 -20.01 -19.99 20.57
C SER A 298 -18.99 -20.63 19.65
N LEU A 299 -19.24 -21.83 19.14
CA LEU A 299 -18.23 -22.56 18.38
C LEU A 299 -17.98 -21.91 17.03
N GLY A 300 -19.05 -21.59 16.30
CA GLY A 300 -18.93 -21.09 14.95
C GLY A 300 -18.59 -19.62 14.88
N LEU A 301 -18.80 -19.03 13.71
CA LEU A 301 -18.50 -17.63 13.49
C LEU A 301 -19.48 -16.74 14.27
N ARG A 302 -19.18 -15.45 14.27
CA ARG A 302 -20.01 -14.49 15.00
C ARG A 302 -21.32 -14.21 14.28
N CYS A 303 -21.32 -14.26 12.95
CA CYS A 303 -22.50 -13.95 12.17
C CYS A 303 -23.44 -15.15 12.07
N GLY A 304 -24.67 -14.87 11.67
CA GLY A 304 -25.66 -15.91 11.42
C GLY A 304 -26.54 -15.61 10.23
N PHE A 305 -26.59 -16.51 9.26
CA PHE A 305 -27.37 -16.33 8.05
C PHE A 305 -28.15 -17.60 7.73
N ASN A 306 -29.39 -17.42 7.25
CA ASN A 306 -30.15 -18.54 6.68
C ASN A 306 -29.82 -18.75 5.22
N ASN A 307 -29.21 -17.76 4.57
CA ASN A 307 -28.59 -17.83 3.25
C ASN A 307 -29.60 -17.90 2.10
N VAL A 308 -30.88 -18.10 2.41
CA VAL A 308 -31.90 -17.86 1.40
C VAL A 308 -31.99 -16.37 1.11
N ILE A 309 -31.88 -15.55 2.15
CA ILE A 309 -31.79 -14.11 1.98
C ILE A 309 -30.55 -13.76 1.16
N LEU A 310 -29.42 -14.42 1.43
CA LEU A 310 -28.20 -14.13 0.68
C LEU A 310 -28.34 -14.48 -0.79
N THR A 311 -28.92 -15.65 -1.09
CA THR A 311 -29.12 -16.03 -2.50
C THR A 311 -30.05 -15.07 -3.21
N GLN A 312 -31.16 -14.71 -2.56
CA GLN A 312 -32.07 -13.74 -3.16
C GLN A 312 -31.40 -12.38 -3.33
N LEU A 313 -30.53 -12.00 -2.40
CA LEU A 313 -29.82 -10.74 -2.50
C LEU A 313 -28.86 -10.74 -3.69
N PHE A 314 -28.14 -11.85 -3.89
CA PHE A 314 -27.26 -11.96 -5.05
C PHE A 314 -28.08 -11.87 -6.33
N LEU A 315 -29.22 -12.56 -6.38
CA LEU A 315 -30.07 -12.53 -7.56
C LEU A 315 -30.58 -11.12 -7.82
N TYR A 316 -30.98 -10.40 -6.78
CA TYR A 316 -31.49 -9.04 -6.95
C TYR A 316 -30.39 -8.07 -7.37
N GLY A 317 -29.18 -8.25 -6.83
CA GLY A 317 -28.06 -7.44 -7.31
C GLY A 317 -27.77 -7.67 -8.77
N ASP A 318 -27.80 -8.94 -9.21
CA ASP A 318 -27.62 -9.23 -10.62
C ASP A 318 -28.74 -8.63 -11.46
N CYS A 319 -29.97 -8.65 -10.95
CA CYS A 319 -31.08 -8.05 -11.66
C CYS A 319 -30.91 -6.54 -11.79
N ILE A 320 -30.44 -5.89 -10.72
CA ILE A 320 -30.19 -4.45 -10.78
C ILE A 320 -29.12 -4.14 -11.82
N LEU A 321 -28.03 -4.93 -11.81
CA LEU A 321 -26.98 -4.74 -12.80
C LEU A 321 -27.52 -4.93 -14.22
N LYS A 322 -28.33 -5.96 -14.43
CA LYS A 322 -28.90 -6.21 -15.75
C LYS A 322 -29.80 -5.07 -16.19
N LEU A 323 -30.62 -4.56 -15.27
CA LEU A 323 -31.51 -3.46 -15.60
C LEU A 323 -30.74 -2.21 -15.97
N PHE A 324 -29.68 -1.91 -15.23
CA PHE A 324 -28.88 -0.71 -15.47
C PHE A 324 -27.63 -0.99 -16.29
N HIS A 325 -27.51 -2.18 -16.86
CA HIS A 325 -26.45 -2.55 -17.81
C HIS A 325 -25.10 -2.32 -17.13
N ASN A 326 -24.09 -1.83 -17.85
CA ASN A 326 -22.78 -1.61 -17.26
C ASN A 326 -22.83 -0.52 -16.17
N GLU A 327 -23.62 0.53 -16.40
CA GLU A 327 -23.69 1.64 -15.46
C GLU A 327 -24.36 1.28 -14.14
N GLY A 328 -24.78 0.02 -13.94
CA GLY A 328 -25.38 -0.36 -12.67
C GLY A 328 -24.40 -0.41 -11.52
N PHE A 329 -23.10 -0.48 -11.81
CA PHE A 329 -22.11 -0.48 -10.75
C PHE A 329 -22.05 0.85 -10.01
N TYR A 330 -22.57 1.92 -10.60
CA TYR A 330 -22.75 3.16 -9.85
C TYR A 330 -23.67 2.94 -8.66
N ILE A 331 -24.79 2.24 -8.87
CA ILE A 331 -25.70 1.90 -7.78
C ILE A 331 -25.07 0.86 -6.87
N ILE A 332 -24.40 -0.14 -7.46
CA ILE A 332 -23.83 -1.22 -6.67
C ILE A 332 -22.73 -0.71 -5.74
N LYS A 333 -22.08 0.40 -6.10
CA LYS A 333 -21.01 0.97 -5.29
C LYS A 333 -21.49 1.44 -3.93
N GLU A 334 -22.80 1.59 -3.73
CA GLU A 334 -23.35 2.13 -2.49
C GLU A 334 -23.73 1.05 -1.48
N VAL A 335 -23.47 -0.22 -1.75
CA VAL A 335 -23.85 -1.26 -0.80
C VAL A 335 -23.07 -1.12 0.50
N GLU A 336 -21.76 -0.86 0.41
CA GLU A 336 -20.95 -0.69 1.61
C GLU A 336 -21.41 0.53 2.42
N GLY A 337 -21.68 1.64 1.72
CA GLY A 337 -22.19 2.82 2.41
C GLY A 337 -23.53 2.56 3.07
N PHE A 338 -24.40 1.80 2.41
CA PHE A 338 -25.70 1.49 3.00
C PHE A 338 -25.53 0.65 4.26
N ILE A 339 -24.65 -0.34 4.21
CA ILE A 339 -24.34 -1.12 5.40
C ILE A 339 -23.85 -0.21 6.52
N MET A 340 -23.00 0.76 6.17
CA MET A 340 -22.55 1.72 7.16
C MET A 340 -23.68 2.57 7.70
N SER A 341 -24.66 2.89 6.85
CA SER A 341 -25.81 3.66 7.30
C SER A 341 -26.63 2.89 8.33
N LEU A 342 -26.86 1.60 8.10
CA LEU A 342 -27.52 0.79 9.11
C LEU A 342 -26.67 0.65 10.37
N ILE A 343 -25.34 0.55 10.22
CA ILE A 343 -24.48 0.49 11.40
C ILE A 343 -24.64 1.75 12.24
N LEU A 344 -24.65 2.92 11.60
CA LEU A 344 -24.85 4.16 12.33
C LEU A 344 -26.26 4.24 12.92
N ASN A 345 -27.26 3.70 12.23
CA ASN A 345 -28.59 3.64 12.79
C ASN A 345 -28.61 2.84 14.08
N ILE A 346 -27.86 1.73 14.10
CA ILE A 346 -27.80 0.89 15.31
C ILE A 346 -27.04 1.59 16.43
N THR A 347 -25.90 2.20 16.10
CA THR A 347 -24.94 2.65 17.11
C THR A 347 -25.07 4.13 17.46
N GLU A 348 -25.06 5.00 16.46
CA GLU A 348 -24.94 6.44 16.67
C GLU A 348 -26.19 6.99 17.36
N GLU A 349 -26.14 8.29 17.67
CA GLU A 349 -27.24 8.97 18.33
C GLU A 349 -28.31 9.33 17.31
N ASP A 350 -29.35 10.04 17.78
CA ASP A 350 -30.52 10.31 16.94
C ASP A 350 -30.17 11.19 15.75
N GLN A 351 -29.40 12.26 15.98
CA GLN A 351 -29.15 13.23 14.92
C GLN A 351 -28.24 12.65 13.84
N PHE A 352 -27.14 12.03 14.25
CA PHE A 352 -26.15 11.55 13.29
C PHE A 352 -26.74 10.48 12.38
N ARG A 353 -27.51 9.54 12.95
CA ARG A 353 -28.04 8.43 12.16
C ARG A 353 -28.99 8.95 11.09
N LYS A 354 -29.90 9.85 11.44
CA LYS A 354 -30.85 10.36 10.46
C LYS A 354 -30.17 11.24 9.43
N ARG A 355 -29.18 12.04 9.87
CA ARG A 355 -28.43 12.87 8.93
C ARG A 355 -27.75 12.01 7.88
N PHE A 356 -27.01 10.99 8.31
CA PHE A 356 -26.31 10.14 7.35
C PHE A 356 -27.31 9.36 6.49
N TYR A 357 -28.40 8.89 7.08
CA TYR A 357 -29.37 8.11 6.31
C TYR A 357 -30.00 8.93 5.20
N ASN A 358 -30.45 10.15 5.53
CA ASN A 358 -31.04 11.01 4.51
C ASN A 358 -29.99 11.41 3.46
N SER A 359 -28.80 11.78 3.90
CA SER A 359 -27.76 12.20 2.96
C SER A 359 -27.42 11.07 2.00
N MET A 360 -27.37 9.84 2.49
CA MET A 360 -26.99 8.75 1.60
C MET A 360 -28.16 8.23 0.78
N LEU A 361 -29.40 8.38 1.24
CA LEU A 361 -30.53 8.17 0.34
C LEU A 361 -30.42 9.13 -0.84
N ASN A 362 -30.07 10.40 -0.55
CA ASN A 362 -29.79 11.35 -1.62
C ASN A 362 -28.68 10.85 -2.53
N ASN A 363 -27.59 10.34 -1.93
CA ASN A 363 -26.45 9.86 -2.72
C ASN A 363 -26.87 8.71 -3.64
N ILE A 364 -27.61 7.74 -3.09
CA ILE A 364 -27.99 6.56 -3.87
C ILE A 364 -28.91 6.95 -5.02
N THR A 365 -29.91 7.77 -4.73
CA THR A 365 -30.84 8.15 -5.80
C THR A 365 -30.17 9.03 -6.85
N ASP A 366 -29.27 9.93 -6.43
CA ASP A 366 -28.54 10.73 -7.40
C ASP A 366 -27.64 9.88 -8.27
N ALA A 367 -26.97 8.88 -7.66
CA ALA A 367 -26.14 7.97 -8.43
C ALA A 367 -26.98 7.16 -9.41
N ALA A 368 -28.16 6.71 -8.99
CA ALA A 368 -29.04 5.96 -9.89
C ALA A 368 -29.51 6.83 -11.06
N ASN A 369 -29.87 8.08 -10.79
CA ASN A 369 -30.28 8.98 -11.85
C ASN A 369 -29.13 9.25 -12.81
N LYS A 370 -27.92 9.46 -12.27
CA LYS A 370 -26.75 9.66 -13.13
C LYS A 370 -26.47 8.43 -13.98
N ALA A 371 -26.61 7.25 -13.41
CA ALA A 371 -26.40 6.02 -14.16
C ALA A 371 -27.42 5.89 -15.29
N GLN A 372 -28.69 6.20 -14.99
CA GLN A 372 -29.72 6.13 -16.02
C GLN A 372 -29.45 7.13 -17.14
N LYS A 373 -29.07 8.36 -16.78
CA LYS A 373 -28.78 9.37 -17.80
C LYS A 373 -27.61 8.96 -18.66
N ASN A 374 -26.53 8.47 -18.04
CA ASN A 374 -25.36 8.03 -18.81
C ASN A 374 -25.71 6.85 -19.71
N LEU A 375 -26.51 5.91 -19.20
CA LEU A 375 -26.93 4.78 -20.01
C LEU A 375 -27.71 5.24 -21.23
N LEU A 376 -28.71 6.10 -21.03
CA LEU A 376 -29.52 6.57 -22.15
C LEU A 376 -28.66 7.35 -23.15
N SER A 377 -27.71 8.15 -22.66
CA SER A 377 -26.86 8.91 -23.56
C SER A 377 -25.97 7.99 -24.40
N ARG A 378 -25.33 7.02 -23.75
CA ARG A 378 -24.42 6.14 -24.48
C ARG A 378 -25.15 5.23 -25.45
N VAL A 379 -26.31 4.71 -25.05
CA VAL A 379 -26.97 3.65 -25.82
C VAL A 379 -27.65 4.17 -27.09
N CYS A 380 -27.79 5.48 -27.23
CA CYS A 380 -28.61 6.03 -28.31
C CYS A 380 -28.08 5.64 -29.68
N HIS A 381 -26.87 6.10 -30.02
CA HIS A 381 -26.31 5.86 -31.34
C HIS A 381 -25.35 4.68 -31.32
N THR A 382 -25.92 3.51 -31.07
CA THR A 382 -25.16 2.27 -31.04
C THR A 382 -26.11 1.11 -31.34
N LEU A 383 -25.52 -0.08 -31.53
CA LEU A 383 -26.28 -1.27 -31.86
C LEU A 383 -27.13 -1.78 -30.69
N LEU A 384 -26.94 -1.24 -29.49
CA LEU A 384 -27.67 -1.67 -28.31
C LEU A 384 -28.87 -0.78 -28.01
N ASP A 385 -29.24 0.12 -28.93
CA ASP A 385 -30.31 1.08 -28.65
C ASP A 385 -31.62 0.40 -28.34
N LYS A 386 -31.86 -0.78 -28.91
CA LYS A 386 -33.08 -1.53 -28.69
C LYS A 386 -32.98 -2.49 -27.51
N THR A 387 -32.05 -2.25 -26.58
CA THR A 387 -31.81 -3.14 -25.45
C THR A 387 -32.31 -2.57 -24.12
N VAL A 388 -32.40 -1.24 -24.00
CA VAL A 388 -32.77 -0.63 -22.73
C VAL A 388 -34.13 -1.14 -22.27
N SER A 389 -34.19 -1.63 -21.04
CA SER A 389 -35.43 -2.11 -20.48
C SER A 389 -36.41 -0.96 -20.29
N ASP A 390 -37.70 -1.26 -20.48
CA ASP A 390 -38.72 -0.24 -20.29
C ASP A 390 -38.84 0.19 -18.84
N ASN A 391 -38.45 -0.68 -17.90
CA ASN A 391 -38.53 -0.32 -16.48
C ASN A 391 -37.58 0.81 -16.13
N ILE A 392 -36.52 1.00 -16.92
CA ILE A 392 -35.62 2.13 -16.70
C ILE A 392 -36.35 3.44 -16.98
N ILE A 393 -37.03 3.52 -18.12
CA ILE A 393 -37.80 4.72 -18.43
C ILE A 393 -39.03 4.81 -17.54
N ASN A 394 -39.68 3.68 -17.27
CA ASN A 394 -40.88 3.66 -16.45
C ASN A 394 -40.62 4.16 -15.04
N GLY A 395 -39.38 4.03 -14.56
CA GLY A 395 -39.08 4.38 -13.19
C GLY A 395 -39.43 3.31 -12.18
N ARG A 396 -39.86 2.14 -12.63
CA ARG A 396 -40.22 1.04 -11.73
C ARG A 396 -39.00 0.44 -11.04
N TRP A 397 -37.79 0.81 -11.44
CA TRP A 397 -36.59 0.31 -10.78
C TRP A 397 -36.51 0.78 -9.33
N ILE A 398 -37.30 1.78 -8.95
CA ILE A 398 -37.41 2.16 -7.54
C ILE A 398 -37.81 0.96 -6.70
N ILE A 399 -38.81 0.20 -7.15
CA ILE A 399 -39.29 -0.95 -6.40
C ILE A 399 -38.19 -2.00 -6.26
N LEU A 400 -37.49 -2.30 -7.36
CA LEU A 400 -36.44 -3.30 -7.31
C LEU A 400 -35.30 -2.88 -6.38
N LEU A 401 -34.89 -1.62 -6.46
CA LEU A 401 -33.80 -1.15 -5.62
C LEU A 401 -34.23 -1.13 -4.15
N SER A 402 -35.48 -0.74 -3.88
CA SER A 402 -35.99 -0.78 -2.52
C SER A 402 -36.03 -2.20 -1.98
N LYS A 403 -36.42 -3.16 -2.82
CA LYS A 403 -36.38 -4.56 -2.41
C LYS A 403 -34.95 -4.99 -2.10
N PHE A 404 -34.00 -4.57 -2.93
CA PHE A 404 -32.60 -4.91 -2.68
C PHE A 404 -32.14 -4.37 -1.33
N LEU A 405 -32.44 -3.10 -1.04
CA LEU A 405 -32.01 -2.51 0.22
C LEU A 405 -32.72 -3.14 1.42
N LYS A 406 -34.03 -3.43 1.27
CA LYS A 406 -34.76 -4.07 2.36
C LYS A 406 -34.20 -5.45 2.65
N LEU A 407 -33.84 -6.20 1.59
CA LEU A 407 -33.30 -7.53 1.81
C LEU A 407 -31.87 -7.46 2.37
N ILE A 408 -31.12 -6.42 2.01
CA ILE A 408 -29.83 -6.18 2.66
C ILE A 408 -30.02 -5.94 4.15
N LYS A 409 -31.02 -5.14 4.51
CA LYS A 409 -31.30 -4.88 5.92
C LYS A 409 -31.74 -6.15 6.63
N LEU A 410 -32.55 -6.98 5.96
CA LEU A 410 -32.95 -8.25 6.55
C LEU A 410 -31.76 -9.17 6.78
N ALA A 411 -30.81 -9.19 5.83
CA ALA A 411 -29.58 -9.95 6.03
C ALA A 411 -28.81 -9.42 7.23
N GLY A 412 -28.74 -8.10 7.37
CA GLY A 412 -28.11 -7.53 8.54
C GLY A 412 -28.78 -7.95 9.83
N ASP A 413 -30.12 -8.00 9.83
CA ASP A 413 -30.91 -8.51 10.95
C ASP A 413 -30.65 -7.74 12.23
N ASN A 414 -30.36 -6.45 12.11
CA ASN A 414 -30.10 -5.57 13.25
C ASN A 414 -28.94 -6.09 14.11
N ASN A 415 -28.06 -6.88 13.51
CA ASN A 415 -26.91 -7.45 14.21
C ASN A 415 -25.64 -6.79 13.70
N LEU A 416 -24.80 -6.35 14.63
CA LEU A 416 -23.60 -5.61 14.26
C LEU A 416 -22.60 -6.51 13.53
N ASN A 417 -22.44 -7.76 13.99
CA ASN A 417 -21.52 -8.67 13.33
C ASN A 417 -21.95 -8.96 11.91
N ASN A 418 -23.25 -9.19 11.70
CA ASN A 418 -23.75 -9.49 10.36
C ASN A 418 -23.48 -8.33 9.41
N LEU A 419 -23.87 -7.11 9.80
CA LEU A 419 -23.65 -5.96 8.95
C LEU A 419 -22.16 -5.74 8.70
N SER A 420 -21.34 -5.85 9.75
CA SER A 420 -19.92 -5.63 9.60
C SER A 420 -19.29 -6.61 8.62
N GLU A 421 -19.74 -7.87 8.64
CA GLU A 421 -19.19 -8.85 7.73
C GLU A 421 -19.88 -8.87 6.38
N LEU A 422 -20.98 -8.13 6.19
CA LEU A 422 -21.62 -8.05 4.88
C LEU A 422 -20.80 -7.34 3.83
N TYR A 423 -19.61 -6.85 4.16
CA TYR A 423 -18.85 -6.03 3.23
C TYR A 423 -18.31 -6.82 2.04
N PHE A 424 -18.61 -8.11 1.95
CA PHE A 424 -18.26 -8.89 0.77
C PHE A 424 -19.18 -8.63 -0.41
N LEU A 425 -20.37 -8.06 -0.17
CA LEU A 425 -21.25 -7.72 -1.28
C LEU A 425 -20.63 -6.68 -2.19
N PHE A 426 -19.69 -5.88 -1.68
CA PHE A 426 -18.97 -4.93 -2.52
C PHE A 426 -18.19 -5.64 -3.62
N ARG A 427 -17.78 -6.89 -3.39
CA ARG A 427 -16.96 -7.62 -4.34
C ARG A 427 -17.67 -8.78 -5.03
N ILE A 428 -18.78 -9.26 -4.48
CA ILE A 428 -19.48 -10.38 -5.12
C ILE A 428 -20.01 -9.99 -6.49
N PHE A 429 -20.63 -8.82 -6.60
CA PHE A 429 -21.40 -8.50 -7.80
C PHE A 429 -20.53 -8.28 -9.02
N GLY A 430 -19.22 -8.23 -8.87
CA GLY A 430 -18.31 -8.17 -10.00
C GLY A 430 -17.60 -6.83 -10.10
N HIS A 431 -17.05 -6.59 -11.28
CA HIS A 431 -16.31 -5.36 -11.55
C HIS A 431 -16.80 -4.75 -12.85
N PRO A 432 -16.80 -3.42 -12.94
CA PRO A 432 -17.29 -2.76 -14.16
C PRO A 432 -16.24 -2.77 -15.26
N MET A 433 -16.69 -2.50 -16.47
CA MET A 433 -15.80 -2.28 -17.60
C MET A 433 -15.51 -0.79 -17.66
N VAL A 434 -14.35 -0.40 -17.13
CA VAL A 434 -14.03 1.01 -16.98
C VAL A 434 -13.84 1.64 -18.35
N ASP A 435 -14.50 2.78 -18.56
CA ASP A 435 -14.37 3.54 -19.79
C ASP A 435 -13.25 4.56 -19.62
N GLU A 436 -12.17 4.40 -20.37
CA GLU A 436 -11.02 5.28 -20.23
C GLU A 436 -11.38 6.72 -20.60
N ARG A 437 -12.11 6.89 -21.70
CA ARG A 437 -12.39 8.24 -22.19
C ARG A 437 -13.27 9.02 -21.22
N GLN A 438 -14.29 8.37 -20.65
CA GLN A 438 -15.19 9.07 -19.74
C GLN A 438 -14.47 9.49 -18.45
N ALA A 439 -13.68 8.58 -17.88
CA ALA A 439 -12.96 8.91 -16.66
C ALA A 439 -11.91 9.99 -16.91
N MET A 440 -11.23 9.94 -18.05
CA MET A 440 -10.29 11.01 -18.38
C MET A 440 -10.99 12.34 -18.63
N ASP A 441 -12.20 12.31 -19.20
CA ASP A 441 -12.95 13.55 -19.36
C ASP A 441 -13.32 14.13 -18.00
N ALA A 442 -13.73 13.28 -17.06
CA ALA A 442 -14.01 13.77 -15.71
C ALA A 442 -12.77 14.34 -15.05
N VAL A 443 -11.62 13.66 -15.22
CA VAL A 443 -10.37 14.14 -14.63
C VAL A 443 -9.97 15.47 -15.26
N LYS A 444 -10.14 15.61 -16.58
CA LYS A 444 -9.87 16.88 -17.24
C LYS A 444 -10.76 17.99 -16.72
N ILE A 445 -12.06 17.71 -16.57
CA ILE A 445 -12.98 18.72 -16.07
C ILE A 445 -12.59 19.16 -14.66
N ASN A 446 -12.17 18.21 -13.83
CA ASN A 446 -11.81 18.54 -12.45
C ASN A 446 -10.50 19.33 -12.39
N CYS A 447 -9.48 18.88 -13.14
CA CYS A 447 -8.14 19.42 -12.97
C CYS A 447 -7.90 20.68 -13.77
N ASN A 448 -8.41 20.73 -15.00
CA ASN A 448 -8.07 21.78 -15.95
C ASN A 448 -8.89 23.04 -15.68
N GLU A 449 -8.84 23.49 -14.43
CA GLU A 449 -9.62 24.64 -13.98
C GLU A 449 -8.75 25.54 -13.13
N THR A 450 -9.10 26.82 -13.10
CA THR A 450 -8.38 27.81 -12.32
C THR A 450 -8.90 27.82 -10.88
N LYS A 451 -7.99 27.79 -9.92
CA LYS A 451 -8.32 27.85 -8.50
C LYS A 451 -7.83 29.17 -7.93
N PHE A 452 -8.72 29.88 -7.26
CA PHE A 452 -8.43 31.19 -6.71
C PHE A 452 -8.18 31.07 -5.20
N TYR A 453 -7.03 31.57 -4.75
CA TYR A 453 -6.63 31.45 -3.37
C TYR A 453 -6.41 32.81 -2.74
N LEU A 454 -6.87 32.96 -1.50
CA LEU A 454 -6.43 34.09 -0.68
C LEU A 454 -4.97 33.90 -0.32
N LEU A 455 -4.15 34.95 -0.54
CA LEU A 455 -2.75 34.84 -0.18
C LEU A 455 -2.58 34.59 1.31
N SER A 456 -3.52 35.07 2.12
CA SER A 456 -3.50 34.76 3.54
C SER A 456 -3.62 33.26 3.77
N SER A 457 -4.50 32.58 3.03
CA SER A 457 -4.68 31.15 3.22
C SER A 457 -3.42 30.38 2.84
N LEU A 458 -2.79 30.74 1.73
CA LEU A 458 -1.54 30.10 1.34
C LEU A 458 -0.46 30.33 2.37
N SER A 459 -0.38 31.56 2.89
CA SER A 459 0.60 31.86 3.92
C SER A 459 0.34 31.04 5.18
N MET A 460 -0.92 30.89 5.56
CA MET A 460 -1.24 30.07 6.73
C MET A 460 -0.86 28.61 6.52
N LEU A 461 -1.14 28.07 5.33
CA LEU A 461 -0.79 26.67 5.08
C LEU A 461 0.73 26.48 5.11
N ARG A 462 1.47 27.38 4.45
CA ARG A 462 2.92 27.25 4.46
C ARG A 462 3.48 27.43 5.86
N GLY A 463 2.90 28.34 6.64
CA GLY A 463 3.35 28.52 8.01
C GLY A 463 3.05 27.31 8.88
N ALA A 464 1.91 26.66 8.66
CA ALA A 464 1.61 25.44 9.38
C ALA A 464 2.60 24.33 9.03
N PHE A 465 2.94 24.21 7.74
CA PHE A 465 3.94 23.22 7.36
C PHE A 465 5.30 23.54 7.97
N ILE A 466 5.66 24.83 8.00
CA ILE A 466 6.90 25.25 8.63
C ILE A 466 6.90 24.92 10.12
N TYR A 467 5.76 25.15 10.78
CA TYR A 467 5.65 24.83 12.20
C TYR A 467 5.80 23.34 12.44
N ARG A 468 5.21 22.52 11.58
CA ARG A 468 5.40 21.08 11.68
C ARG A 468 6.87 20.71 11.51
N ILE A 469 7.56 21.31 10.54
CA ILE A 469 8.97 21.02 10.34
C ILE A 469 9.77 21.41 11.57
N ILE A 470 9.49 22.58 12.14
CA ILE A 470 10.23 23.05 13.31
C ILE A 470 9.98 22.12 14.49
N LYS A 471 8.72 21.75 14.72
CA LYS A 471 8.38 20.87 15.84
C LYS A 471 9.06 19.51 15.68
N GLY A 472 9.04 18.96 14.47
CA GLY A 472 9.69 17.67 14.25
C GLY A 472 11.19 17.75 14.45
N PHE A 473 11.82 18.81 13.93
CA PHE A 473 13.26 18.97 14.12
C PHE A 473 13.60 19.11 15.60
N VAL A 474 12.83 19.90 16.34
CA VAL A 474 13.10 20.06 17.76
C VAL A 474 12.96 18.72 18.48
N ASN A 475 11.83 18.04 18.26
CA ASN A 475 11.57 16.80 18.98
C ASN A 475 12.55 15.70 18.61
N ASN A 476 13.12 15.75 17.40
CA ASN A 476 14.02 14.68 16.96
C ASN A 476 15.48 14.99 17.29
N TYR A 477 16.00 16.11 16.78
CA TYR A 477 17.42 16.43 16.89
C TYR A 477 17.68 17.52 17.92
N ASN A 478 16.72 17.81 18.80
CA ASN A 478 16.90 18.72 19.93
C ASN A 478 17.33 20.13 19.52
N ARG A 479 17.05 20.53 18.28
CA ARG A 479 17.49 21.85 17.82
C ARG A 479 16.63 22.30 16.65
N TRP A 480 16.63 23.62 16.44
CA TRP A 480 16.01 24.20 15.26
C TRP A 480 16.84 23.88 14.01
N PRO A 481 16.21 23.76 12.86
CA PRO A 481 16.96 23.61 11.61
C PRO A 481 17.69 24.90 11.26
N THR A 482 18.79 24.74 10.53
CA THR A 482 19.59 25.89 10.10
C THR A 482 18.83 26.64 9.00
N LEU A 483 18.51 27.90 9.27
CA LEU A 483 17.68 28.70 8.38
C LEU A 483 18.39 30.00 8.00
N ARG A 484 18.21 30.40 6.73
CA ARG A 484 18.87 31.60 6.23
C ARG A 484 18.32 32.86 6.89
N ASN A 485 17.00 33.01 6.90
CA ASN A 485 16.35 34.27 7.27
C ASN A 485 16.08 34.30 8.77
N ALA A 486 17.16 34.47 9.53
CA ALA A 486 17.03 34.71 10.96
C ALA A 486 16.66 36.15 11.28
N ILE A 487 16.75 37.05 10.29
CA ILE A 487 16.41 38.45 10.51
C ILE A 487 14.92 38.73 10.35
N VAL A 488 14.19 37.87 9.63
CA VAL A 488 12.78 38.12 9.40
C VAL A 488 11.93 37.83 10.63
N LEU A 489 12.48 37.09 11.60
CA LEU A 489 11.71 36.77 12.80
C LEU A 489 11.62 38.00 13.71
N PRO A 490 10.51 38.16 14.43
CA PRO A 490 10.44 39.21 15.46
C PRO A 490 11.33 38.88 16.64
N LEU A 491 11.30 39.71 17.68
CA LEU A 491 12.12 39.43 18.86
C LEU A 491 11.69 38.14 19.54
N ARG A 492 10.38 37.91 19.64
CA ARG A 492 9.86 36.71 20.30
C ARG A 492 10.27 35.45 19.55
N TRP A 493 10.09 35.44 18.22
CA TRP A 493 10.46 34.27 17.45
C TRP A 493 11.97 34.10 17.37
N LEU A 494 12.72 35.20 17.42
CA LEU A 494 14.17 35.10 17.50
C LEU A 494 14.60 34.46 18.82
N THR A 495 13.91 34.79 19.92
CA THR A 495 14.20 34.14 21.19
C THR A 495 13.86 32.65 21.13
N TYR A 496 12.72 32.30 20.52
CA TYR A 496 12.40 30.89 20.35
C TYR A 496 13.42 30.18 19.46
N TYR A 497 14.02 30.88 18.51
CA TYR A 497 15.06 30.26 17.69
C TYR A 497 16.35 30.07 18.49
N LYS A 498 16.75 31.08 19.25
CA LYS A 498 17.97 31.00 20.04
C LYS A 498 17.87 29.90 21.09
N LEU A 499 16.81 29.94 21.90
CA LEU A 499 16.54 28.88 22.88
C LEU A 499 15.73 27.81 22.15
N ASN A 500 16.39 26.70 21.83
CA ASN A 500 15.88 25.76 20.83
C ASN A 500 14.68 25.00 21.38
N THR A 501 13.54 25.68 21.41
CA THR A 501 12.26 25.08 21.75
C THR A 501 11.20 25.57 20.78
N TYR A 502 9.95 25.17 21.00
CA TYR A 502 8.83 25.55 20.16
C TYR A 502 7.63 25.82 21.05
N PRO A 503 6.71 26.69 20.61
CA PRO A 503 5.49 26.92 21.37
C PRO A 503 4.38 25.94 21.00
N SER A 504 3.44 25.79 21.92
CA SER A 504 2.31 24.90 21.71
C SER A 504 1.27 25.55 20.80
N LEU A 505 0.33 24.73 20.32
CA LEU A 505 -0.72 25.24 19.46
C LEU A 505 -1.59 26.26 20.19
N LEU A 506 -1.92 25.99 21.45
CA LEU A 506 -2.74 26.93 22.22
C LEU A 506 -2.02 28.24 22.47
N GLU A 507 -0.68 28.21 22.53
CA GLU A 507 0.13 29.41 22.70
C GLU A 507 0.60 30.00 21.38
N LEU A 508 0.17 29.46 20.26
CA LEU A 508 0.53 29.94 18.93
C LEU A 508 -0.69 30.58 18.29
N THR A 509 -0.46 31.54 17.40
CA THR A 509 -1.55 32.33 16.83
C THR A 509 -1.40 32.46 15.32
N GLU A 510 -2.43 33.07 14.72
CA GLU A 510 -2.42 33.33 13.29
C GLU A 510 -1.27 34.25 12.91
N ARG A 511 -0.96 35.22 13.77
CA ARG A 511 0.20 36.07 13.55
C ARG A 511 1.47 35.23 13.45
N ASP A 512 1.61 34.24 14.34
CA ASP A 512 2.77 33.36 14.31
C ASP A 512 2.81 32.53 13.03
N LEU A 513 1.67 31.98 12.61
CA LEU A 513 1.65 31.21 11.37
C LEU A 513 2.03 32.06 10.18
N ILE A 514 1.52 33.30 10.11
CA ILE A 514 1.87 34.18 9.01
C ILE A 514 3.37 34.51 9.03
N VAL A 515 3.92 34.76 10.22
CA VAL A 515 5.32 35.10 10.34
C VAL A 515 6.20 33.93 9.88
N LEU A 516 5.86 32.72 10.31
CA LEU A 516 6.68 31.55 10.02
C LEU A 516 6.69 31.16 8.54
N SER A 517 5.80 31.73 7.73
CA SER A 517 5.75 31.37 6.32
C SER A 517 7.04 31.74 5.60
N GLY A 518 7.60 32.91 5.91
CA GLY A 518 8.78 33.39 5.23
C GLY A 518 10.10 32.93 5.82
N LEU A 519 10.45 31.66 5.64
CA LEU A 519 11.71 31.12 6.12
C LEU A 519 12.38 30.30 5.03
N ARG A 520 13.71 30.37 5.01
CA ARG A 520 14.52 29.64 4.04
C ARG A 520 15.63 28.92 4.79
N PHE A 521 15.78 27.62 4.53
CA PHE A 521 16.68 26.76 5.29
C PHE A 521 17.88 26.32 4.46
N TYR A 522 18.86 25.77 5.15
CA TYR A 522 20.04 25.16 4.56
C TYR A 522 19.81 23.66 4.42
N ARG A 523 20.86 22.90 4.12
CA ARG A 523 20.73 21.44 4.06
C ARG A 523 20.81 20.85 5.45
N GLU A 524 19.80 20.06 5.81
CA GLU A 524 19.89 19.14 6.93
C GLU A 524 19.91 17.68 6.50
N PHE A 525 19.24 17.35 5.40
CA PHE A 525 19.22 16.01 4.84
C PHE A 525 20.06 15.97 3.56
N ARG A 526 20.46 14.76 3.18
CA ARG A 526 21.40 14.56 2.08
C ARG A 526 20.80 13.67 1.00
N LEU A 527 21.09 14.01 -0.24
CA LEU A 527 20.71 13.20 -1.39
C LEU A 527 21.68 12.02 -1.54
N PRO A 528 21.19 10.79 -1.70
CA PRO A 528 22.09 9.67 -1.98
C PRO A 528 22.71 9.83 -3.36
N LYS A 529 24.04 9.80 -3.42
CA LYS A 529 24.73 9.97 -4.69
C LYS A 529 24.52 8.76 -5.59
N LYS A 530 24.69 7.56 -5.04
CA LYS A 530 24.49 6.34 -5.80
C LYS A 530 23.00 6.01 -5.85
N VAL A 531 22.49 5.76 -7.06
CA VAL A 531 21.07 5.45 -7.20
C VAL A 531 20.77 4.12 -6.50
N ASP A 532 19.58 4.03 -5.91
CA ASP A 532 19.17 2.85 -5.15
C ASP A 532 18.56 1.85 -6.11
N LEU A 533 19.31 0.80 -6.43
CA LEU A 533 18.84 -0.21 -7.38
C LEU A 533 17.62 -0.96 -6.84
N GLU A 534 17.61 -1.24 -5.53
CA GLU A 534 16.43 -1.86 -4.93
C GLU A 534 15.23 -0.94 -5.04
N MET A 535 15.45 0.37 -4.97
CA MET A 535 14.36 1.33 -5.10
C MET A 535 13.81 1.35 -6.51
N ILE A 536 14.69 1.41 -7.52
CA ILE A 536 14.23 1.61 -8.88
C ILE A 536 13.78 0.32 -9.57
N ILE A 537 14.35 -0.82 -9.19
CA ILE A 537 14.03 -2.10 -9.83
C ILE A 537 12.69 -2.61 -9.30
N ASN A 538 11.74 -2.80 -10.20
CA ASN A 538 10.43 -3.35 -9.85
C ASN A 538 9.84 -4.02 -11.07
N ASP A 539 9.07 -5.08 -10.85
CA ASP A 539 8.49 -5.85 -11.95
C ASP A 539 7.50 -5.04 -12.77
N LYS A 540 7.05 -3.90 -12.26
CA LYS A 540 6.02 -3.10 -12.92
C LYS A 540 6.53 -2.53 -14.25
N ALA A 541 5.62 -1.91 -14.97
CA ALA A 541 5.88 -1.40 -16.32
C ALA A 541 6.00 0.12 -16.33
N ILE A 542 6.52 0.63 -17.44
CA ILE A 542 6.69 2.06 -17.66
C ILE A 542 6.14 2.43 -19.03
N SER A 543 6.23 3.71 -19.35
CA SER A 543 5.74 4.27 -20.60
C SER A 543 6.90 4.66 -21.50
N PRO A 544 6.73 4.56 -22.82
CA PRO A 544 7.78 5.01 -23.75
C PRO A 544 7.81 6.53 -23.82
N PRO A 545 8.85 7.12 -24.44
CA PRO A 545 8.92 8.58 -24.53
C PRO A 545 7.83 9.18 -25.40
N LYS A 546 7.87 10.51 -25.59
CA LYS A 546 6.83 11.18 -26.36
C LYS A 546 6.84 10.72 -27.82
N ASN A 547 8.02 10.58 -28.41
CA ASN A 547 8.12 10.15 -29.80
C ASN A 547 7.86 8.67 -29.98
N LEU A 548 7.80 7.89 -28.90
CA LEU A 548 7.58 6.45 -28.99
C LEU A 548 6.29 6.02 -28.31
N ILE A 549 5.45 6.95 -27.87
CA ILE A 549 4.23 6.59 -27.15
C ILE A 549 3.28 5.79 -28.03
N TRP A 550 3.35 5.99 -29.35
CA TRP A 550 2.47 5.26 -30.25
C TRP A 550 2.78 3.77 -30.32
N THR A 551 3.96 3.35 -29.84
CA THR A 551 4.30 1.94 -29.80
C THR A 551 3.47 1.16 -28.79
N SER A 552 2.74 1.85 -27.91
CA SER A 552 1.85 1.19 -26.96
C SER A 552 0.50 0.85 -27.56
N PHE A 553 0.27 1.21 -28.82
CA PHE A 553 -0.95 0.90 -29.56
C PHE A 553 -0.67 -0.11 -30.65
N PRO A 554 -1.67 -0.90 -31.05
CA PRO A 554 -1.45 -1.88 -32.12
C PRO A 554 -1.09 -1.19 -33.43
N ARG A 555 -0.31 -1.91 -34.24
CA ARG A 555 0.13 -1.37 -35.53
C ARG A 555 -1.06 -1.07 -36.42
N ASN A 556 -2.08 -1.93 -36.41
CA ASN A 556 -3.25 -1.72 -37.26
C ASN A 556 -3.99 -0.45 -36.87
N TYR A 557 -4.14 -0.20 -35.57
CA TYR A 557 -4.85 0.99 -35.11
C TYR A 557 -4.10 2.28 -35.42
N MET A 558 -2.81 2.21 -35.70
CA MET A 558 -2.12 3.45 -36.01
C MET A 558 -2.16 3.73 -37.52
N PRO A 559 -2.19 5.01 -37.90
CA PRO A 559 -2.18 5.35 -39.32
C PRO A 559 -0.84 5.00 -39.96
N SER A 560 -0.84 4.99 -41.29
CA SER A 560 0.35 4.61 -42.04
C SER A 560 1.51 5.56 -41.79
N HIS A 561 1.23 6.87 -41.76
CA HIS A 561 2.30 7.83 -41.51
C HIS A 561 2.83 7.71 -40.08
N ILE A 562 1.95 7.40 -39.12
CA ILE A 562 2.40 7.17 -37.76
C ILE A 562 3.29 5.93 -37.70
N GLN A 563 2.92 4.86 -38.41
CA GLN A 563 3.76 3.67 -38.46
C GLN A 563 5.12 3.98 -39.05
N ASN A 564 5.16 4.73 -40.15
CA ASN A 564 6.43 5.09 -40.75
C ASN A 564 7.27 5.95 -39.82
N TYR A 565 6.64 6.89 -39.11
CA TYR A 565 7.37 7.71 -38.15
C TYR A 565 7.93 6.87 -37.03
N ILE A 566 7.18 5.89 -36.54
CA ILE A 566 7.68 5.00 -35.49
C ILE A 566 8.87 4.20 -35.99
N GLU A 567 8.76 3.65 -37.20
CA GLU A 567 9.84 2.84 -37.74
C GLU A 567 11.09 3.68 -37.97
N HIS A 568 10.92 4.96 -38.31
CA HIS A 568 12.07 5.84 -38.48
C HIS A 568 12.66 6.30 -37.15
N GLU A 569 11.81 6.46 -36.12
CA GLU A 569 12.26 6.98 -34.84
C GLU A 569 12.89 5.91 -33.96
N LYS A 570 12.53 4.63 -34.19
CA LYS A 570 13.04 3.56 -33.33
C LYS A 570 14.56 3.48 -33.38
N LEU A 571 15.14 3.64 -34.58
CA LEU A 571 16.59 3.62 -34.70
C LEU A 571 17.25 4.81 -34.02
N LYS A 572 16.50 5.90 -33.82
CA LYS A 572 17.04 7.09 -33.17
C LYS A 572 16.96 7.02 -31.65
N PHE A 573 16.41 5.95 -31.09
CA PHE A 573 16.29 5.79 -29.66
C PHE A 573 17.10 4.58 -29.20
N SER A 574 17.55 4.64 -27.96
CA SER A 574 18.36 3.55 -27.41
C SER A 574 17.52 2.30 -27.20
N GLU A 575 18.22 1.18 -26.99
CA GLU A 575 17.52 -0.08 -26.77
C GLU A 575 16.79 -0.12 -25.44
N SER A 576 17.15 0.75 -24.49
CA SER A 576 16.57 0.71 -23.16
C SER A 576 15.20 1.40 -23.13
N ASP A 577 15.16 2.69 -23.45
CA ASP A 577 13.92 3.43 -23.37
C ASP A 577 12.89 2.96 -24.39
N LYS A 578 13.31 2.22 -25.42
CA LYS A 578 12.36 1.66 -26.38
C LYS A 578 11.46 0.62 -25.74
N SER A 579 11.84 0.06 -24.60
CA SER A 579 11.05 -0.97 -23.93
C SER A 579 9.92 -0.33 -23.12
N ARG A 580 9.07 -1.17 -22.55
CA ARG A 580 7.95 -0.72 -21.74
C ARG A 580 7.94 -1.31 -20.34
N ARG A 581 8.96 -2.08 -19.96
CA ARG A 581 9.05 -2.68 -18.64
C ARG A 581 10.26 -2.14 -17.89
N VAL A 582 10.14 -2.07 -16.57
CA VAL A 582 11.22 -1.52 -15.75
C VAL A 582 12.47 -2.37 -15.86
N LEU A 583 12.32 -3.69 -15.76
CA LEU A 583 13.47 -4.59 -15.82
C LEU A 583 14.19 -4.45 -17.16
N GLU A 584 13.42 -4.49 -18.26
CA GLU A 584 14.04 -4.38 -19.58
C GLU A 584 14.69 -3.01 -19.77
N TYR A 585 14.04 -1.95 -19.27
CA TYR A 585 14.60 -0.62 -19.41
C TYR A 585 15.93 -0.47 -18.70
N TYR A 586 16.03 -1.00 -17.47
CA TYR A 586 17.28 -0.87 -16.74
C TYR A 586 18.35 -1.85 -17.24
N LEU A 587 17.96 -3.05 -17.65
CA LEU A 587 18.94 -4.02 -18.11
C LEU A 587 19.51 -3.64 -19.47
N ARG A 588 18.67 -3.17 -20.39
CA ARG A 588 19.14 -2.79 -21.70
C ARG A 588 19.92 -1.47 -21.70
N ASP A 589 19.91 -0.74 -20.59
CA ASP A 589 20.62 0.52 -20.48
C ASP A 589 22.10 0.22 -20.32
N ASN A 590 22.79 0.06 -21.45
CA ASN A 590 24.22 -0.21 -21.40
C ASN A 590 24.99 0.99 -20.86
N LYS A 591 24.63 2.20 -21.29
CA LYS A 591 25.26 3.42 -20.81
C LYS A 591 24.55 3.93 -19.56
N PHE A 592 24.54 3.07 -18.54
CA PHE A 592 23.88 3.36 -17.28
C PHE A 592 24.96 3.66 -16.23
N ASN A 593 25.05 4.92 -15.84
CA ASN A 593 25.98 5.35 -14.80
C ASN A 593 25.30 5.26 -13.44
N GLU A 594 26.09 4.85 -12.43
CA GLU A 594 25.53 4.69 -11.09
C GLU A 594 25.05 6.03 -10.53
N CYS A 595 25.81 7.10 -10.79
CA CYS A 595 25.41 8.44 -10.36
C CYS A 595 24.65 9.17 -11.47
N ASP A 596 23.59 8.54 -11.98
CA ASP A 596 22.77 9.17 -13.01
C ASP A 596 21.56 9.89 -12.43
N LEU A 597 20.86 9.25 -11.49
CA LEU A 597 19.71 9.90 -10.87
C LEU A 597 20.11 11.15 -10.09
N TYR A 598 21.23 11.08 -9.38
CA TYR A 598 21.70 12.25 -8.64
C TYR A 598 22.04 13.39 -9.59
N ASN A 599 22.74 13.08 -10.69
CA ASN A 599 23.07 14.13 -11.66
C ASN A 599 21.82 14.73 -12.27
N CYS A 600 20.84 13.89 -12.62
CA CYS A 600 19.59 14.40 -13.16
C CYS A 600 18.88 15.30 -12.17
N VAL A 601 18.81 14.89 -10.91
CA VAL A 601 18.10 15.67 -9.90
C VAL A 601 18.78 17.00 -9.67
N VAL A 602 20.12 17.02 -9.58
CA VAL A 602 20.81 18.27 -9.33
C VAL A 602 20.89 19.17 -10.55
N ASN A 603 20.76 18.62 -11.76
CA ASN A 603 20.75 19.42 -12.97
C ASN A 603 19.35 19.76 -13.45
N GLN A 604 18.31 19.26 -12.78
CA GLN A 604 16.92 19.50 -13.18
C GLN A 604 16.68 19.07 -14.62
N SER A 605 17.22 17.89 -14.96
CA SER A 605 17.09 17.39 -16.33
C SER A 605 15.66 16.97 -16.66
N TYR A 606 14.84 16.68 -15.66
CA TYR A 606 13.44 16.33 -15.92
C TYR A 606 12.64 17.56 -16.35
N LEU A 607 13.07 18.75 -15.95
CA LEU A 607 12.37 19.96 -16.34
C LEU A 607 12.52 20.21 -17.83
N ASN A 608 11.41 20.51 -18.50
CA ASN A 608 11.41 20.88 -19.92
C ASN A 608 12.03 19.80 -20.80
N ASN A 609 11.79 18.53 -20.43
CA ASN A 609 12.29 17.42 -21.23
C ASN A 609 11.45 17.27 -22.49
N PRO A 610 12.04 17.31 -23.68
CA PRO A 610 11.25 17.17 -24.92
C PRO A 610 10.58 15.82 -25.07
N ASN A 611 11.00 14.80 -24.31
CA ASN A 611 10.46 13.45 -24.50
C ASN A 611 9.77 12.94 -23.24
N HIS A 612 8.98 13.80 -22.60
CA HIS A 612 8.21 13.43 -21.42
C HIS A 612 6.73 13.35 -21.81
N VAL A 613 6.11 12.21 -21.52
CA VAL A 613 4.68 12.03 -21.76
C VAL A 613 4.14 11.12 -20.67
N VAL A 614 2.95 11.44 -20.18
CA VAL A 614 2.29 10.66 -19.13
C VAL A 614 1.18 9.84 -19.77
N SER A 615 1.19 8.53 -19.49
CA SER A 615 0.21 7.60 -20.00
C SER A 615 -0.52 6.96 -18.83
N LEU A 616 -1.84 6.80 -18.97
CA LEU A 616 -2.66 6.34 -17.86
C LEU A 616 -3.63 5.28 -18.35
N THR A 617 -3.70 4.17 -17.62
CA THR A 617 -4.46 2.99 -18.00
C THR A 617 -5.49 2.67 -16.93
N GLY A 618 -6.40 1.76 -17.27
CA GLY A 618 -7.48 1.41 -16.36
C GLY A 618 -6.98 0.68 -15.13
N LYS A 619 -7.67 0.92 -14.02
CA LYS A 619 -7.31 0.30 -12.76
C LYS A 619 -7.63 -1.19 -12.77
N GLU A 620 -7.05 -1.89 -11.81
CA GLU A 620 -7.22 -3.32 -11.71
C GLU A 620 -8.12 -3.71 -10.61
N ARG A 621 -9.07 -4.53 -10.94
CA ARG A 621 -9.99 -5.08 -9.94
C ARG A 621 -10.62 -3.99 -9.10
N GLU A 622 -10.94 -2.86 -9.73
CA GLU A 622 -11.50 -1.70 -9.03
C GLU A 622 -12.96 -1.55 -9.43
N LEU A 623 -13.85 -1.64 -8.44
CA LEU A 623 -15.27 -1.39 -8.70
C LEU A 623 -15.57 0.10 -8.82
N SER A 624 -14.74 0.94 -8.20
CA SER A 624 -14.93 2.38 -8.29
C SER A 624 -14.72 2.84 -9.74
N VAL A 625 -15.75 3.46 -10.31
CA VAL A 625 -15.65 3.96 -11.67
C VAL A 625 -14.59 5.06 -11.72
N GLY A 626 -13.75 5.00 -12.75
CA GLY A 626 -12.65 5.94 -12.87
C GLY A 626 -11.41 5.40 -12.21
N ARG A 627 -10.81 6.22 -11.33
CA ARG A 627 -9.57 5.87 -10.62
C ARG A 627 -8.52 5.36 -11.60
N MET A 628 -8.15 6.25 -12.52
CA MET A 628 -7.27 5.88 -13.64
C MET A 628 -5.83 6.16 -13.23
N PHE A 629 -5.09 5.10 -12.91
CA PHE A 629 -3.69 5.22 -12.58
C PHE A 629 -2.83 5.45 -13.82
N ALA A 630 -1.68 6.09 -13.63
CA ALA A 630 -0.87 6.46 -14.75
C ALA A 630 0.56 6.13 -14.71
N MET A 631 1.16 6.06 -15.86
CA MET A 631 2.51 5.66 -15.96
C MET A 631 3.34 6.73 -16.49
N GLN A 632 4.62 6.58 -16.38
CA GLN A 632 5.53 7.67 -16.71
C GLN A 632 6.86 7.05 -17.12
N PRO A 633 7.60 7.71 -18.02
CA PRO A 633 8.87 7.13 -18.49
C PRO A 633 9.86 6.89 -17.35
N GLY A 634 10.94 6.19 -17.69
CA GLY A 634 11.80 5.63 -16.66
C GLY A 634 12.50 6.67 -15.81
N MET A 635 13.08 7.69 -16.46
CA MET A 635 13.86 8.69 -15.72
C MET A 635 12.98 9.52 -14.79
N PHE A 636 11.83 9.97 -15.30
CA PHE A 636 10.91 10.73 -14.47
C PHE A 636 10.31 9.85 -13.37
N ARG A 637 10.11 8.56 -13.64
CA ARG A 637 9.69 7.64 -12.58
C ARG A 637 10.76 7.52 -11.51
N GLN A 638 12.04 7.48 -11.92
CA GLN A 638 13.14 7.49 -10.95
C GLN A 638 13.07 8.72 -10.08
N VAL A 639 12.85 9.88 -10.69
CA VAL A 639 12.78 11.12 -9.92
C VAL A 639 11.61 11.07 -8.94
N GLN A 640 10.45 10.61 -9.40
CA GLN A 640 9.27 10.56 -8.54
C GLN A 640 9.47 9.62 -7.37
N ILE A 641 9.97 8.41 -7.64
CA ILE A 641 10.18 7.44 -6.57
C ILE A 641 11.24 7.92 -5.60
N LEU A 642 12.29 8.57 -6.10
CA LEU A 642 13.31 9.12 -5.21
C LEU A 642 12.71 10.19 -4.30
N ALA A 643 11.90 11.09 -4.87
CA ALA A 643 11.28 12.13 -4.05
C ALA A 643 10.38 11.53 -2.99
N GLU A 644 9.58 10.52 -3.36
CA GLU A 644 8.71 9.86 -2.39
C GLU A 644 9.54 9.18 -1.30
N LYS A 645 10.63 8.53 -1.68
CA LYS A 645 11.47 7.83 -0.70
C LYS A 645 12.09 8.79 0.29
N MET A 646 12.63 9.91 -0.19
CA MET A 646 13.17 10.90 0.74
C MET A 646 12.08 11.50 1.62
N ILE A 647 10.90 11.77 1.07
CA ILE A 647 9.82 12.27 1.89
C ILE A 647 9.54 11.30 3.03
N ALA A 648 9.36 10.02 2.69
CA ALA A 648 9.01 9.01 3.68
C ALA A 648 10.11 8.83 4.72
N GLU A 649 11.38 8.85 4.30
CA GLU A 649 12.47 8.54 5.20
C GLU A 649 12.98 9.74 5.99
N ASN A 650 12.65 10.95 5.59
CA ASN A 650 13.11 12.14 6.30
C ASN A 650 11.96 12.94 6.91
N ILE A 651 10.98 13.36 6.11
CA ILE A 651 9.98 14.29 6.59
C ILE A 651 8.80 13.57 7.22
N LEU A 652 8.53 12.32 6.81
CA LEU A 652 7.39 11.60 7.34
C LEU A 652 7.53 11.30 8.83
N GLN A 653 8.75 11.38 9.37
CA GLN A 653 8.93 11.24 10.81
C GLN A 653 8.42 12.46 11.57
N PHE A 654 8.22 13.58 10.91
CA PHE A 654 7.63 14.76 11.53
C PHE A 654 6.11 14.69 11.56
N PHE A 655 5.50 13.71 10.87
CA PHE A 655 4.05 13.58 10.78
C PHE A 655 3.69 12.15 11.15
N PRO A 656 3.59 11.84 12.45
CA PRO A 656 3.24 10.48 12.87
C PRO A 656 1.85 10.05 12.42
N GLU A 657 0.98 10.99 12.08
CA GLU A 657 -0.38 10.66 11.66
C GLU A 657 -0.45 10.07 10.25
N SER A 658 0.67 10.04 9.52
CA SER A 658 0.67 9.56 8.15
C SER A 658 0.22 8.10 8.06
N LEU A 659 0.49 7.31 9.10
CA LEU A 659 0.06 5.92 9.19
C LEU A 659 0.55 5.11 7.98
N THR A 660 1.87 5.00 7.88
CA THR A 660 2.52 4.26 6.81
C THR A 660 2.47 2.75 7.01
N ARG A 661 1.67 2.26 7.96
CA ARG A 661 1.58 0.83 8.23
C ARG A 661 1.00 0.08 7.05
N GLU A 666 -3.23 -4.98 12.68
CA GLU A 666 -2.47 -3.80 12.35
C GLU A 666 -3.36 -2.64 12.40
N LEU A 667 -4.40 -2.67 11.58
CA LEU A 667 -5.37 -1.61 11.65
C LEU A 667 -5.65 -1.65 13.10
N GLN A 668 -6.19 -2.76 13.56
CA GLN A 668 -6.55 -2.85 14.95
C GLN A 668 -5.59 -2.37 16.03
N LYS A 669 -4.30 -2.54 15.84
CA LYS A 669 -3.36 -1.94 16.77
C LYS A 669 -3.32 -0.47 16.56
N ILE A 670 -3.33 -0.07 15.30
CA ILE A 670 -3.31 1.36 14.96
C ILE A 670 -4.48 2.01 15.66
N LEU A 671 -5.63 1.38 15.55
CA LEU A 671 -6.80 1.90 16.18
C LEU A 671 -6.62 1.81 17.67
N GLU A 672 -5.82 0.86 18.15
CA GLU A 672 -5.72 0.64 19.57
C GLU A 672 -4.78 1.62 20.25
N LEU A 673 -3.81 2.17 19.55
CA LEU A 673 -2.94 3.20 20.15
C LEU A 673 -3.68 4.45 19.90
N LYS A 674 -4.44 4.47 18.81
CA LYS A 674 -5.26 5.64 18.56
C LYS A 674 -6.31 5.65 19.62
N ALA A 675 -6.93 4.50 19.86
CA ALA A 675 -7.89 4.44 20.90
C ALA A 675 -7.10 4.84 22.11
N GLY A 676 -5.96 4.18 22.32
CA GLY A 676 -5.10 4.54 23.43
C GLY A 676 -5.16 6.00 23.82
N ASN A 690 -17.06 22.51 31.89
CA ASN A 690 -17.54 21.47 32.78
C ASN A 690 -17.64 20.13 32.07
N TYR A 691 -17.71 20.18 30.74
CA TYR A 691 -17.83 18.97 29.92
C TYR A 691 -16.92 19.10 28.71
N ILE A 692 -16.32 17.99 28.30
CA ILE A 692 -15.48 17.94 27.12
C ILE A 692 -16.27 17.25 26.00
N SER A 693 -16.42 17.94 24.88
CA SER A 693 -17.23 17.46 23.77
C SER A 693 -16.33 16.84 22.72
N LYS A 694 -16.60 15.59 22.37
CA LYS A 694 -15.87 14.86 21.35
C LYS A 694 -16.69 14.77 20.06
N CYS A 695 -16.04 14.28 19.01
CA CYS A 695 -16.69 14.14 17.72
C CYS A 695 -15.86 13.18 16.87
N SER A 696 -16.29 13.00 15.61
CA SER A 696 -15.58 12.14 14.67
C SER A 696 -16.07 12.47 13.27
N ILE A 697 -15.14 12.75 12.37
CA ILE A 697 -15.43 13.04 10.98
C ILE A 697 -14.59 12.14 10.10
N ILE A 698 -15.23 11.44 9.17
CA ILE A 698 -14.55 10.58 8.21
C ILE A 698 -14.81 11.11 6.81
N THR A 699 -13.75 11.40 6.08
CA THR A 699 -13.85 11.94 4.73
C THR A 699 -12.94 11.17 3.79
N ASP A 700 -13.35 11.13 2.51
CA ASP A 700 -12.60 10.44 1.49
C ASP A 700 -11.61 11.37 0.81
N LEU A 701 -10.49 10.80 0.36
CA LEU A 701 -9.46 11.59 -0.30
C LEU A 701 -8.95 10.95 -1.59
N SER A 702 -9.75 10.06 -2.20
CA SER A 702 -9.33 9.46 -3.47
C SER A 702 -9.22 10.52 -4.56
N LYS A 703 -10.17 11.45 -4.61
CA LYS A 703 -10.14 12.54 -5.56
C LYS A 703 -9.41 13.77 -5.04
N PHE A 704 -8.81 13.75 -3.86
CA PHE A 704 -8.14 14.93 -3.36
C PHE A 704 -7.03 15.28 -4.24
N ASN A 705 -6.33 14.28 -4.67
CA ASN A 705 -5.09 14.55 -5.39
C ASN A 705 -5.29 15.54 -6.52
N GLN A 706 -6.52 15.66 -7.05
CA GLN A 706 -6.76 16.54 -8.19
C GLN A 706 -6.86 18.01 -7.81
N ALA A 707 -7.04 18.31 -6.52
CA ALA A 707 -7.26 19.69 -6.07
C ALA A 707 -5.97 20.38 -5.63
N PHE A 708 -4.84 20.07 -6.23
CA PHE A 708 -3.59 20.64 -5.75
C PHE A 708 -2.73 21.29 -6.82
N ARG A 709 -2.88 22.58 -7.05
CA ARG A 709 -2.13 23.30 -8.06
C ARG A 709 -0.69 23.49 -7.56
N TYR A 710 0.10 24.21 -8.34
CA TYR A 710 1.44 24.57 -7.87
C TYR A 710 1.35 25.46 -6.63
N GLU A 711 0.40 26.39 -6.62
CA GLU A 711 0.32 27.41 -5.58
C GLU A 711 -0.02 26.84 -4.22
N THR A 712 -0.51 25.61 -4.14
CA THR A 712 -0.90 25.01 -2.87
C THR A 712 -0.01 23.86 -2.44
N SER A 713 0.59 23.15 -3.38
CA SER A 713 1.45 22.02 -3.04
C SER A 713 2.92 22.44 -2.95
N CYS A 714 3.39 23.25 -3.90
CA CYS A 714 4.79 23.59 -3.95
C CYS A 714 5.20 24.65 -2.93
N ILE A 715 4.23 25.35 -2.31
CA ILE A 715 4.59 26.26 -1.23
C ILE A 715 5.15 25.50 -0.04
N CYS A 716 4.61 24.31 0.23
CA CYS A 716 5.16 23.43 1.25
C CYS A 716 6.27 22.54 0.71
N SER A 717 6.25 22.24 -0.59
CA SER A 717 7.33 21.48 -1.19
C SER A 717 8.64 22.26 -1.22
N ASP A 718 8.56 23.60 -1.23
CA ASP A 718 9.77 24.40 -1.17
C ASP A 718 10.50 24.20 0.15
N VAL A 719 9.77 23.91 1.23
CA VAL A 719 10.40 23.63 2.52
C VAL A 719 11.28 22.39 2.41
N LEU A 720 10.76 21.32 1.80
CA LEU A 720 11.54 20.11 1.61
C LEU A 720 12.69 20.35 0.65
N ASP A 721 12.45 21.15 -0.39
CA ASP A 721 13.51 21.51 -1.34
C ASP A 721 14.67 22.18 -0.62
N GLU A 722 14.36 23.14 0.26
CA GLU A 722 15.40 23.83 1.02
C GLU A 722 16.08 22.89 2.00
N LEU A 723 15.30 22.05 2.69
CA LEU A 723 15.87 21.13 3.67
C LEU A 723 16.85 20.16 3.03
N HIS A 724 16.49 19.62 1.86
CA HIS A 724 17.42 18.81 1.10
C HIS A 724 18.36 19.65 0.24
N GLY A 725 18.18 20.97 0.22
CA GLY A 725 19.05 21.85 -0.52
C GLY A 725 19.05 21.61 -2.02
N VAL A 726 17.93 21.14 -2.56
CA VAL A 726 17.83 20.74 -3.96
C VAL A 726 16.67 21.49 -4.60
N GLN A 727 16.87 21.91 -5.85
CA GLN A 727 15.89 22.72 -6.57
C GLN A 727 14.89 21.81 -7.29
N SER A 728 13.61 21.99 -6.96
CA SER A 728 12.51 21.39 -7.72
C SER A 728 12.59 19.87 -7.76
N LEU A 729 13.01 19.26 -6.66
CA LEU A 729 12.98 17.80 -6.60
C LEU A 729 11.59 17.29 -6.24
N PHE A 730 11.01 17.82 -5.16
CA PHE A 730 9.66 17.46 -4.76
C PHE A 730 8.61 18.32 -5.47
N SER A 731 9.04 19.30 -6.26
CA SER A 731 8.13 20.18 -7.00
C SER A 731 8.07 19.82 -8.47
N TRP A 732 8.63 18.68 -8.87
CA TRP A 732 8.69 18.32 -10.29
C TRP A 732 7.30 18.18 -10.91
N LEU A 733 6.31 17.80 -10.10
CA LEU A 733 4.98 17.50 -10.63
C LEU A 733 4.38 18.72 -11.30
N HIS A 734 4.06 19.75 -10.51
CA HIS A 734 3.56 20.99 -11.10
C HIS A 734 4.68 21.88 -11.59
N LEU A 735 5.64 21.28 -12.28
CA LEU A 735 6.63 21.98 -13.08
C LEU A 735 6.89 21.31 -14.42
N THR A 736 6.65 20.01 -14.55
CA THR A 736 6.78 19.33 -15.83
C THR A 736 5.50 18.65 -16.29
N ILE A 737 4.62 18.21 -15.39
CA ILE A 737 3.34 17.64 -15.82
C ILE A 737 2.50 18.67 -16.59
N PRO A 738 2.43 19.95 -16.20
CA PRO A 738 1.66 20.91 -17.01
C PRO A 738 2.04 20.95 -18.48
N HIS A 739 3.32 20.80 -18.82
CA HIS A 739 3.76 20.94 -20.20
C HIS A 739 3.73 19.65 -21.00
N VAL A 740 3.31 18.53 -20.41
CA VAL A 740 3.24 17.27 -21.12
C VAL A 740 1.79 16.99 -21.48
N THR A 741 1.59 16.05 -22.40
CA THR A 741 0.27 15.70 -22.91
C THR A 741 -0.24 14.46 -22.21
N ILE A 742 -1.37 14.58 -21.52
CA ILE A 742 -1.99 13.44 -20.85
C ILE A 742 -2.78 12.67 -21.90
N ILE A 743 -2.35 11.45 -22.21
CA ILE A 743 -2.90 10.68 -23.31
C ILE A 743 -3.38 9.33 -22.79
N CYS A 744 -4.53 8.89 -23.28
CA CYS A 744 -4.99 7.53 -23.02
C CYS A 744 -4.06 6.53 -23.68
N THR A 745 -3.77 5.45 -22.96
CA THR A 745 -2.88 4.40 -23.47
C THR A 745 -3.49 3.04 -23.15
N TYR A 746 -4.06 2.39 -24.16
CA TYR A 746 -4.51 1.02 -24.01
C TYR A 746 -4.49 0.37 -25.38
N ARG A 747 -4.46 -0.97 -25.39
CA ARG A 747 -4.32 -1.70 -26.64
C ARG A 747 -5.53 -1.53 -27.56
N HIS A 748 -6.64 -0.98 -27.07
CA HIS A 748 -7.83 -0.80 -27.90
C HIS A 748 -8.48 0.55 -27.66
N ALA A 749 -7.71 1.56 -27.23
CA ALA A 749 -8.21 2.91 -27.03
C ALA A 749 -7.26 3.91 -27.66
N PRO A 750 -7.19 3.94 -28.98
CA PRO A 750 -6.28 4.89 -29.64
C PRO A 750 -6.97 6.21 -29.90
N PRO A 751 -6.22 7.31 -29.94
CA PRO A 751 -6.80 8.59 -30.31
C PRO A 751 -6.67 8.90 -31.79
N TYR A 752 -7.59 9.73 -32.28
CA TYR A 752 -7.55 10.15 -33.67
C TYR A 752 -6.36 11.07 -33.88
N ILE A 753 -5.58 10.81 -34.93
CA ILE A 753 -4.36 11.57 -35.20
C ILE A 753 -4.60 12.55 -36.33
N GLY A 754 -4.96 12.04 -37.50
CA GLY A 754 -5.17 12.87 -38.67
C GLY A 754 -4.12 12.63 -39.74
N ASP A 755 -3.48 13.69 -40.22
CA ASP A 755 -2.46 13.59 -41.25
C ASP A 755 -1.30 14.51 -40.92
N HIS A 756 -0.09 14.03 -41.16
CA HIS A 756 1.14 14.81 -41.04
C HIS A 756 1.36 15.34 -39.62
N ILE A 757 0.84 14.63 -38.63
CA ILE A 757 1.03 14.99 -37.22
C ILE A 757 1.64 13.78 -36.53
N VAL A 758 2.84 13.95 -35.97
CA VAL A 758 3.60 12.83 -35.42
C VAL A 758 4.05 13.11 -33.99
N ASP A 759 3.38 14.04 -33.31
CA ASP A 759 3.74 14.33 -31.93
C ASP A 759 2.52 14.83 -31.17
N LEU A 760 2.48 14.53 -29.88
CA LEU A 760 1.33 14.85 -29.06
C LEU A 760 1.14 16.35 -28.90
N ASN A 761 2.23 17.11 -28.80
CA ASN A 761 2.12 18.56 -28.63
C ASN A 761 1.43 19.23 -29.80
N ASN A 762 1.37 18.57 -30.95
CA ASN A 762 0.60 19.05 -32.08
C ASN A 762 -0.68 18.26 -32.32
N VAL A 763 -0.81 17.07 -31.73
CA VAL A 763 -2.06 16.32 -31.81
C VAL A 763 -3.16 17.10 -31.11
N ASP A 764 -4.27 17.31 -31.82
CA ASP A 764 -5.42 17.96 -31.22
C ASP A 764 -5.99 17.09 -30.10
N GLU A 765 -6.50 17.75 -29.06
CA GLU A 765 -7.00 17.04 -27.89
C GLU A 765 -8.48 16.71 -28.06
N GLN A 766 -8.86 15.54 -27.59
CA GLN A 766 -10.23 15.07 -27.64
C GLN A 766 -10.52 14.33 -26.33
N SER A 767 -11.58 13.53 -26.31
CA SER A 767 -11.88 12.74 -25.13
C SER A 767 -10.77 11.75 -24.79
N GLY A 768 -9.90 11.44 -25.75
CA GLY A 768 -8.83 10.49 -25.48
C GLY A 768 -7.58 11.09 -24.87
N LEU A 769 -7.32 12.37 -25.11
CA LEU A 769 -6.11 12.98 -24.59
C LEU A 769 -6.33 14.48 -24.39
N TYR A 770 -5.52 15.06 -23.52
CA TYR A 770 -5.59 16.48 -23.23
C TYR A 770 -4.23 16.96 -22.71
N ARG A 771 -4.17 18.24 -22.34
CA ARG A 771 -2.93 18.89 -21.95
C ARG A 771 -3.19 19.83 -20.78
N TYR A 772 -2.09 20.35 -20.23
CA TYR A 772 -2.11 21.40 -19.20
C TYR A 772 -2.88 20.92 -17.97
N HIS A 773 -2.34 19.87 -17.35
CA HIS A 773 -3.06 19.12 -16.32
C HIS A 773 -3.50 20.02 -15.17
N MET A 774 -2.59 20.84 -14.65
CA MET A 774 -2.86 21.68 -13.47
C MET A 774 -3.32 20.83 -12.29
N GLY A 775 -2.68 19.69 -12.07
CA GLY A 775 -3.11 18.84 -10.99
C GLY A 775 -2.13 17.73 -10.71
N GLY A 776 -2.42 16.96 -9.67
CA GLY A 776 -1.63 15.81 -9.30
C GLY A 776 -2.06 14.55 -10.02
N ILE A 777 -1.44 13.45 -9.63
CA ILE A 777 -1.70 12.14 -10.21
C ILE A 777 -1.84 11.13 -9.07
N GLU A 778 -2.62 10.12 -9.27
CA GLU A 778 -2.73 9.19 -8.21
C GLU A 778 -1.37 8.60 -7.97
N GLY A 779 -1.10 8.14 -6.78
CA GLY A 779 0.14 7.49 -6.37
C GLY A 779 1.32 8.43 -6.19
N TRP A 780 1.59 9.27 -7.18
CA TRP A 780 2.69 10.22 -7.08
C TRP A 780 2.36 11.29 -6.05
N CYS A 781 3.33 11.58 -5.18
CA CYS A 781 3.24 12.65 -4.18
C CYS A 781 2.11 12.44 -3.18
N GLN A 782 1.66 11.20 -2.98
CA GLN A 782 0.64 10.94 -1.96
C GLN A 782 1.13 11.34 -0.58
N LYS A 783 2.40 11.03 -0.25
CA LYS A 783 2.92 11.39 1.06
C LYS A 783 3.05 12.89 1.23
N LEU A 784 3.45 13.60 0.16
CA LEU A 784 3.53 15.06 0.21
C LEU A 784 2.15 15.67 0.47
N TRP A 785 1.14 15.19 -0.26
CA TRP A 785 -0.20 15.70 -0.02
C TRP A 785 -0.73 15.30 1.35
N THR A 786 -0.31 14.14 1.86
CA THR A 786 -0.73 13.73 3.19
C THR A 786 -0.17 14.65 4.26
N ILE A 787 1.12 14.97 4.17
CA ILE A 787 1.71 15.86 5.16
C ILE A 787 1.16 17.28 5.01
N GLU A 788 0.88 17.72 3.78
CA GLU A 788 0.24 19.02 3.59
C GLU A 788 -1.16 19.03 4.21
N ALA A 789 -1.89 17.93 4.07
CA ALA A 789 -3.21 17.83 4.70
C ALA A 789 -3.09 17.87 6.22
N ILE A 790 -2.09 17.19 6.77
CA ILE A 790 -1.90 17.22 8.22
C ILE A 790 -1.63 18.64 8.69
N SER A 791 -0.82 19.39 7.93
CA SER A 791 -0.59 20.79 8.25
C SER A 791 -1.90 21.58 8.17
N LEU A 792 -2.72 21.28 7.16
CA LEU A 792 -4.00 21.97 7.00
C LEU A 792 -4.92 21.72 8.20
N LEU A 793 -4.98 20.47 8.67
CA LEU A 793 -5.75 20.17 9.87
C LEU A 793 -5.18 20.84 11.12
N ASP A 794 -3.85 20.95 11.21
CA ASP A 794 -3.29 21.68 12.34
C ASP A 794 -3.72 23.15 12.31
N LEU A 795 -3.73 23.74 11.12
CA LEU A 795 -4.26 25.10 10.98
C LEU A 795 -5.75 25.14 11.35
N ILE A 796 -6.49 24.09 10.97
CA ILE A 796 -7.90 24.00 11.32
C ILE A 796 -8.09 24.01 12.83
N SER A 797 -7.29 23.20 13.53
CA SER A 797 -7.37 23.14 14.98
C SER A 797 -6.99 24.47 15.62
N LEU A 798 -5.98 25.14 15.07
CA LEU A 798 -5.61 26.45 15.58
C LEU A 798 -6.76 27.46 15.40
N LYS A 799 -7.42 27.42 14.24
CA LYS A 799 -8.50 28.38 13.99
C LYS A 799 -9.74 28.06 14.80
N GLY A 800 -9.97 26.80 15.12
CA GLY A 800 -11.20 26.41 15.80
C GLY A 800 -11.08 26.20 17.29
N LYS A 801 -9.86 26.24 17.82
CA LYS A 801 -9.60 26.08 19.25
C LYS A 801 -10.10 24.72 19.75
N PHE A 802 -9.58 23.66 19.12
CA PHE A 802 -9.89 22.30 19.52
C PHE A 802 -8.76 21.37 19.12
N SER A 803 -8.75 20.18 19.70
CA SER A 803 -7.73 19.18 19.43
C SER A 803 -8.17 18.27 18.29
N ILE A 804 -7.17 17.77 17.55
CA ILE A 804 -7.40 16.87 16.42
C ILE A 804 -6.51 15.65 16.58
N THR A 805 -7.07 14.48 16.29
CA THR A 805 -6.40 13.18 16.43
C THR A 805 -6.46 12.43 15.10
N ALA A 806 -6.07 13.13 14.02
CA ALA A 806 -6.21 12.60 12.68
C ALA A 806 -5.46 11.28 12.51
N LEU A 807 -6.02 10.41 11.67
CA LEU A 807 -5.46 9.10 11.34
C LEU A 807 -5.46 8.89 9.83
N ILE A 808 -4.96 9.89 9.11
CA ILE A 808 -4.98 9.83 7.65
C ILE A 808 -4.16 8.65 7.16
N ASN A 809 -4.74 7.89 6.22
CA ASN A 809 -4.07 6.73 5.65
C ASN A 809 -4.62 6.42 4.26
N GLY A 810 -3.79 6.57 3.25
CA GLY A 810 -4.21 6.30 1.88
C GLY A 810 -5.30 7.26 1.44
N ASP A 811 -6.43 6.70 1.02
CA ASP A 811 -7.56 7.50 0.54
C ASP A 811 -8.56 7.86 1.63
N ASN A 812 -8.52 7.16 2.77
CA ASN A 812 -9.48 7.37 3.85
C ASN A 812 -8.85 8.23 4.93
N GLN A 813 -9.57 9.27 5.38
CA GLN A 813 -9.12 10.15 6.46
C GLN A 813 -10.06 10.12 7.62
N SER A 814 -9.58 9.98 8.84
CA SER A 814 -10.36 9.89 10.06
C SER A 814 -10.00 11.06 10.97
N ILE A 815 -11.03 11.67 11.58
CA ILE A 815 -10.86 12.84 12.43
C ILE A 815 -11.46 12.54 13.79
N ASP A 816 -10.84 13.06 14.84
CA ASP A 816 -11.36 12.94 16.20
C ASP A 816 -11.16 14.29 16.89
N ILE A 817 -12.18 15.14 16.83
CA ILE A 817 -12.13 16.48 17.41
C ILE A 817 -12.72 16.43 18.82
N SER A 818 -11.96 16.93 19.78
CA SER A 818 -12.39 17.04 21.17
C SER A 818 -12.20 18.47 21.64
N LYS A 819 -13.27 19.07 22.15
CA LYS A 819 -13.22 20.45 22.61
C LYS A 819 -14.00 20.62 23.90
N PRO A 820 -13.36 21.03 24.99
CA PRO A 820 -14.09 21.30 26.23
C PRO A 820 -15.08 22.44 26.05
N ILE A 821 -16.25 22.29 26.67
CA ILE A 821 -17.33 23.27 26.57
C ILE A 821 -17.89 23.52 27.96
N ARG A 822 -18.61 24.63 28.09
CA ARG A 822 -19.37 24.95 29.29
C ARG A 822 -20.82 24.55 29.03
N LEU A 823 -21.22 23.40 29.55
CA LEU A 823 -22.51 22.80 29.24
C LEU A 823 -23.62 23.66 29.82
N MET A 824 -24.45 24.23 28.94
CA MET A 824 -25.57 25.02 29.38
C MET A 824 -26.66 24.11 29.95
N GLU A 825 -27.53 24.68 30.79
CA GLU A 825 -28.44 23.89 31.60
C GLU A 825 -29.40 23.08 30.75
N GLY A 826 -29.78 21.90 31.26
CA GLY A 826 -30.74 21.06 30.57
C GLY A 826 -30.25 20.45 29.28
N GLN A 827 -28.99 20.01 29.24
CA GLN A 827 -28.46 19.31 28.07
C GLN A 827 -27.57 18.16 28.53
N THR A 828 -27.71 17.02 27.87
CA THR A 828 -26.85 15.87 28.13
C THR A 828 -25.59 16.00 27.27
N HIS A 829 -24.77 14.94 27.26
CA HIS A 829 -23.61 14.93 26.37
C HIS A 829 -24.01 15.01 24.91
N ALA A 830 -25.20 14.49 24.58
CA ALA A 830 -25.72 14.63 23.23
C ALA A 830 -26.14 16.07 22.98
N GLN A 831 -26.55 16.34 21.73
CA GLN A 831 -27.02 17.64 21.24
C GLN A 831 -26.04 18.76 21.56
N ALA A 832 -24.81 18.40 21.92
CA ALA A 832 -23.66 19.29 22.02
C ALA A 832 -22.50 18.79 21.18
N ASP A 833 -22.26 17.48 21.18
CA ASP A 833 -21.34 16.90 20.20
C ASP A 833 -21.83 17.12 18.78
N TYR A 834 -23.16 17.11 18.59
CA TYR A 834 -23.71 17.41 17.27
C TYR A 834 -23.40 18.84 16.85
N LEU A 835 -23.56 19.80 17.77
CA LEU A 835 -23.23 21.18 17.44
C LEU A 835 -21.74 21.34 17.18
N LEU A 836 -20.89 20.67 17.96
CA LEU A 836 -19.47 20.68 17.68
C LEU A 836 -19.17 20.11 16.30
N ALA A 837 -19.84 19.02 15.94
CA ALA A 837 -19.63 18.42 14.63
C ALA A 837 -20.03 19.36 13.52
N LEU A 838 -21.17 20.03 13.66
CA LEU A 838 -21.62 20.96 12.62
C LEU A 838 -20.67 22.15 12.49
N ASN A 839 -20.24 22.73 13.61
CA ASN A 839 -19.33 23.86 13.55
C ASN A 839 -18.00 23.45 12.93
N SER A 840 -17.46 22.30 13.36
CA SER A 840 -16.19 21.83 12.83
C SER A 840 -16.30 21.49 11.36
N LEU A 841 -17.44 20.93 10.94
CA LEU A 841 -17.63 20.63 9.53
C LEU A 841 -17.72 21.90 8.70
N LYS A 842 -18.41 22.93 9.20
CA LYS A 842 -18.46 24.20 8.49
C LYS A 842 -17.07 24.80 8.34
N LEU A 843 -16.29 24.80 9.42
CA LEU A 843 -14.94 25.34 9.37
C LEU A 843 -14.06 24.55 8.41
N LEU A 844 -14.13 23.21 8.51
CA LEU A 844 -13.34 22.33 7.68
C LEU A 844 -13.65 22.54 6.20
N TYR A 845 -14.95 22.60 5.88
CA TYR A 845 -15.38 22.92 4.53
C TYR A 845 -14.83 24.26 4.08
N LYS A 846 -14.88 25.26 4.95
CA LYS A 846 -14.45 26.61 4.58
C LYS A 846 -12.98 26.63 4.20
N GLU A 847 -12.12 26.02 5.01
CA GLU A 847 -10.70 26.08 4.68
C GLU A 847 -10.30 25.12 3.55
N TYR A 848 -10.95 23.97 3.39
CA TYR A 848 -10.69 23.24 2.14
C TYR A 848 -11.15 24.02 0.92
N ALA A 849 -12.28 24.72 0.99
CA ALA A 849 -12.69 25.55 -0.13
C ALA A 849 -11.66 26.63 -0.40
N GLY A 850 -11.14 27.25 0.67
CA GLY A 850 -10.13 28.29 0.49
C GLY A 850 -8.83 27.76 -0.09
N ILE A 851 -8.45 26.54 0.29
CA ILE A 851 -7.18 26.00 -0.17
C ILE A 851 -7.32 25.30 -1.53
N GLY A 852 -8.55 25.08 -1.99
CA GLY A 852 -8.75 24.53 -3.32
C GLY A 852 -9.68 23.35 -3.39
N HIS A 853 -9.75 22.56 -2.34
CA HIS A 853 -10.54 21.37 -2.39
C HIS A 853 -12.00 21.62 -2.19
N LYS A 854 -12.82 20.99 -2.99
CA LYS A 854 -14.25 21.23 -2.97
C LYS A 854 -15.00 19.97 -2.55
N LEU A 855 -14.53 19.34 -1.48
CA LEU A 855 -15.14 18.10 -1.00
C LEU A 855 -16.62 18.30 -0.72
N LYS A 856 -17.42 17.33 -1.11
CA LYS A 856 -18.87 17.40 -1.01
C LYS A 856 -19.36 16.55 0.16
N GLY A 857 -20.68 16.51 0.33
CA GLY A 857 -21.27 15.65 1.34
C GLY A 857 -21.17 14.18 1.01
N THR A 858 -20.91 13.84 -0.26
CA THR A 858 -20.71 12.45 -0.64
C THR A 858 -19.48 11.88 0.05
N GLU A 859 -18.39 12.64 0.09
CA GLU A 859 -17.13 12.12 0.60
C GLU A 859 -17.12 12.01 2.12
N THR A 860 -17.65 13.02 2.81
CA THR A 860 -17.49 13.14 4.25
C THR A 860 -18.79 12.80 4.99
N TYR A 861 -18.64 12.47 6.26
CA TYR A 861 -19.76 12.26 7.17
C TYR A 861 -19.24 12.39 8.60
N ILE A 862 -20.17 12.52 9.54
CA ILE A 862 -19.83 12.77 10.93
C ILE A 862 -20.31 11.62 11.79
N SER A 863 -19.67 11.48 12.96
CA SER A 863 -20.00 10.40 13.90
C SER A 863 -19.55 10.84 15.29
N ARG A 864 -19.99 10.07 16.29
CA ARG A 864 -19.73 10.39 17.69
C ARG A 864 -18.91 9.32 18.40
N ASP A 865 -19.33 8.05 18.32
CA ASP A 865 -18.69 6.97 19.05
C ASP A 865 -18.26 5.84 18.12
N MET A 866 -18.05 6.15 16.85
CA MET A 866 -17.71 5.17 15.83
C MET A 866 -16.40 5.60 15.17
N GLN A 867 -15.53 4.63 14.89
CA GLN A 867 -14.25 4.88 14.24
C GLN A 867 -14.13 3.99 13.01
N PHE A 868 -13.90 4.60 11.84
CA PHE A 868 -13.83 3.88 10.58
C PHE A 868 -12.53 4.19 9.87
N MET A 869 -11.81 3.14 9.48
CA MET A 869 -10.57 3.28 8.74
C MET A 869 -10.24 1.95 8.09
N SER A 870 -9.59 2.01 6.93
CA SER A 870 -9.16 0.82 6.20
C SER A 870 -10.30 -0.17 5.99
N LYS A 871 -11.52 0.35 5.90
CA LYS A 871 -12.72 -0.46 5.66
C LYS A 871 -12.96 -1.46 6.78
N THR A 872 -12.97 -0.96 8.01
CA THR A 872 -13.14 -1.79 9.20
C THR A 872 -14.19 -1.17 10.13
N ILE A 873 -14.81 -2.02 10.94
CA ILE A 873 -15.89 -1.63 11.84
C ILE A 873 -15.50 -1.98 13.26
N GLN A 874 -15.71 -1.04 14.19
CA GLN A 874 -15.56 -1.30 15.61
C GLN A 874 -16.14 -0.14 16.39
N HIS A 875 -16.57 -0.42 17.62
CA HIS A 875 -16.79 0.62 18.62
C HIS A 875 -16.81 -0.07 19.99
N ASN A 876 -16.70 0.75 21.03
CA ASN A 876 -16.62 0.28 22.42
C ASN A 876 -15.42 -0.62 22.66
N GLY A 877 -14.43 -0.58 21.76
CA GLY A 877 -13.27 -1.43 21.86
C GLY A 877 -13.44 -2.83 21.31
N VAL A 878 -14.62 -3.18 20.81
CA VAL A 878 -14.89 -4.51 20.26
C VAL A 878 -14.80 -4.43 18.75
N TYR A 879 -13.90 -5.21 18.17
CA TYR A 879 -13.67 -5.21 16.73
C TYR A 879 -14.64 -6.14 16.03
N TYR A 880 -15.19 -5.68 14.91
CA TYR A 880 -16.05 -6.50 14.06
C TYR A 880 -15.37 -6.69 12.71
N PRO A 881 -15.04 -7.92 12.32
CA PRO A 881 -14.15 -8.12 11.17
C PRO A 881 -14.85 -8.21 9.83
N ALA A 882 -14.08 -8.43 8.78
CA ALA A 882 -14.55 -8.69 7.42
C ALA A 882 -13.86 -9.95 6.88
N SER A 883 -13.86 -11.00 7.71
CA SER A 883 -13.13 -12.23 7.39
C SER A 883 -13.65 -12.86 6.11
N ILE A 884 -14.97 -12.90 5.93
CA ILE A 884 -15.54 -13.51 4.72
C ILE A 884 -15.09 -12.76 3.48
N LYS A 885 -15.04 -11.42 3.57
CA LYS A 885 -14.54 -10.63 2.46
C LYS A 885 -13.07 -10.92 2.19
N LYS A 886 -12.27 -11.06 3.25
CA LYS A 886 -10.85 -11.35 3.07
C LYS A 886 -10.62 -12.71 2.42
N VAL A 887 -11.45 -13.69 2.76
CA VAL A 887 -11.30 -15.05 2.25
C VAL A 887 -12.24 -15.29 1.06
N LEU A 888 -12.69 -14.22 0.41
CA LEU A 888 -13.68 -14.35 -0.66
C LEU A 888 -13.17 -15.21 -1.80
N ARG A 889 -11.97 -14.92 -2.30
CA ARG A 889 -11.45 -15.57 -3.50
C ARG A 889 -10.39 -16.59 -3.09
N VAL A 890 -10.85 -17.79 -2.77
CA VAL A 890 -9.98 -18.91 -2.44
C VAL A 890 -10.37 -20.07 -3.35
N GLY A 891 -9.39 -20.58 -4.09
CA GLY A 891 -9.62 -21.66 -5.03
C GLY A 891 -8.38 -22.48 -5.28
N PRO A 892 -8.37 -23.22 -6.40
CA PRO A 892 -7.26 -24.15 -6.67
C PRO A 892 -5.90 -23.47 -6.77
N TRP A 893 -5.75 -22.52 -7.68
CA TRP A 893 -4.45 -21.90 -7.96
C TRP A 893 -4.56 -20.40 -7.72
N ILE A 894 -4.37 -19.98 -6.47
CA ILE A 894 -4.50 -18.58 -6.08
C ILE A 894 -3.14 -18.04 -5.69
N ASN A 895 -2.89 -16.76 -6.04
CA ASN A 895 -1.68 -16.05 -5.65
C ASN A 895 -0.42 -16.79 -6.11
N THR A 896 -0.53 -17.50 -7.22
CA THR A 896 0.55 -18.35 -7.71
C THR A 896 1.04 -17.84 -9.07
N ILE A 897 2.24 -18.28 -9.43
CA ILE A 897 2.83 -17.99 -10.73
C ILE A 897 3.24 -19.31 -11.35
N LEU A 898 2.94 -19.47 -12.64
CA LEU A 898 3.13 -20.73 -13.37
C LEU A 898 2.40 -21.89 -12.70
N ASP A 899 1.25 -21.59 -12.08
CA ASP A 899 0.40 -22.59 -11.43
C ASP A 899 1.19 -23.42 -10.43
N ASP A 900 1.99 -22.73 -9.61
CA ASP A 900 2.79 -23.41 -8.60
C ASP A 900 1.88 -24.08 -7.58
N PHE A 901 2.25 -25.31 -7.19
CA PHE A 901 1.43 -26.08 -6.27
C PHE A 901 1.66 -25.64 -4.84
N LYS A 902 2.92 -25.59 -4.41
CA LYS A 902 3.23 -25.23 -3.03
C LYS A 902 2.81 -23.81 -2.71
N VAL A 903 2.98 -22.89 -3.67
CA VAL A 903 2.53 -21.52 -3.46
C VAL A 903 1.02 -21.47 -3.32
N SER A 904 0.30 -22.27 -4.11
CA SER A 904 -1.16 -22.32 -3.97
C SER A 904 -1.57 -22.85 -2.60
N LEU A 905 -0.89 -23.89 -2.13
CA LEU A 905 -1.17 -24.44 -0.80
C LEU A 905 -0.94 -23.38 0.28
N GLU A 906 0.20 -22.69 0.20
CA GLU A 906 0.52 -21.66 1.19
C GLU A 906 -0.49 -20.52 1.14
N SER A 907 -0.90 -20.12 -0.05
CA SER A 907 -1.86 -19.02 -0.19
C SER A 907 -3.22 -19.42 0.37
N ILE A 908 -3.66 -20.65 0.11
CA ILE A 908 -4.93 -21.11 0.66
C ILE A 908 -4.86 -21.12 2.19
N GLY A 909 -3.76 -21.65 2.74
CA GLY A 909 -3.62 -21.66 4.19
C GLY A 909 -3.64 -20.26 4.79
N SER A 910 -2.89 -19.35 4.19
CA SER A 910 -2.80 -17.99 4.71
C SER A 910 -4.16 -17.28 4.62
N LEU A 911 -4.86 -17.44 3.50
CA LEU A 911 -6.15 -16.77 3.34
C LEU A 911 -7.19 -17.35 4.30
N THR A 912 -7.21 -18.66 4.49
CA THR A 912 -8.17 -19.26 5.42
C THR A 912 -7.77 -19.01 6.88
N GLN A 913 -6.61 -18.55 7.19
CA GLN A 913 -6.40 -18.34 8.59
C GLN A 913 -7.23 -17.17 8.95
N GLU A 914 -7.32 -16.19 8.06
CA GLU A 914 -7.97 -14.95 8.43
C GLU A 914 -9.28 -15.17 9.17
N LEU A 915 -10.01 -16.26 8.84
CA LEU A 915 -11.29 -16.49 9.48
C LEU A 915 -11.14 -16.66 10.98
N GLU A 916 -10.15 -17.44 11.41
CA GLU A 916 -9.94 -17.60 12.85
C GLU A 916 -9.09 -16.50 13.46
N TYR A 917 -8.31 -15.78 12.64
CA TYR A 917 -7.57 -14.65 13.18
C TYR A 917 -8.43 -13.42 13.41
N ARG A 918 -9.56 -13.31 12.71
CA ARG A 918 -10.40 -12.11 12.82
C ARG A 918 -11.81 -12.41 13.31
N GLY A 919 -12.46 -13.44 12.79
CA GLY A 919 -13.80 -13.80 13.22
C GLY A 919 -13.90 -14.71 14.43
N GLU A 920 -12.76 -15.14 14.98
CA GLU A 920 -12.71 -16.03 16.15
C GLU A 920 -13.53 -17.30 15.91
N SER A 921 -13.08 -18.09 14.93
CA SER A 921 -13.73 -19.38 14.68
C SER A 921 -12.65 -20.34 14.17
N LEU A 922 -12.16 -21.20 15.07
CA LEU A 922 -11.17 -22.19 14.68
C LEU A 922 -11.73 -23.18 13.67
N LEU A 923 -12.90 -23.75 13.96
CA LEU A 923 -13.42 -24.83 13.12
C LEU A 923 -13.90 -24.33 11.77
N CYS A 924 -14.51 -23.15 11.71
CA CYS A 924 -14.96 -22.64 10.43
C CYS A 924 -13.80 -22.44 9.47
N SER A 925 -12.76 -21.75 9.93
CA SER A 925 -11.56 -21.56 9.11
C SER A 925 -10.91 -22.88 8.76
N LEU A 926 -10.80 -23.78 9.74
CA LEU A 926 -10.11 -25.04 9.51
C LEU A 926 -10.85 -25.90 8.49
N ILE A 927 -12.17 -25.97 8.59
CA ILE A 927 -12.96 -26.78 7.67
C ILE A 927 -12.98 -26.16 6.28
N PHE A 928 -13.06 -24.83 6.19
CA PHE A 928 -13.00 -24.18 4.88
C PHE A 928 -11.66 -24.47 4.21
N ARG A 929 -10.57 -24.34 4.97
CA ARG A 929 -9.25 -24.64 4.45
C ARG A 929 -9.15 -26.09 4.01
N ASN A 930 -9.71 -27.01 4.80
CA ASN A 930 -9.64 -28.42 4.44
C ASN A 930 -10.45 -28.71 3.19
N VAL A 931 -11.63 -28.07 3.05
CA VAL A 931 -12.43 -28.24 1.84
C VAL A 931 -11.61 -27.86 0.62
N TRP A 932 -11.01 -26.66 0.65
CA TRP A 932 -10.32 -26.21 -0.55
C TRP A 932 -9.01 -26.94 -0.77
N LEU A 933 -8.33 -27.34 0.30
CA LEU A 933 -7.11 -28.13 0.16
C LEU A 933 -7.40 -29.49 -0.45
N TYR A 934 -8.46 -30.16 0.02
CA TYR A 934 -8.83 -31.46 -0.54
C TYR A 934 -9.24 -31.30 -1.99
N ASN A 935 -10.01 -30.26 -2.32
CA ASN A 935 -10.36 -30.02 -3.71
C ASN A 935 -9.10 -29.89 -4.57
N GLN A 936 -8.17 -29.04 -4.14
CA GLN A 936 -6.95 -28.80 -4.90
C GLN A 936 -6.13 -30.07 -5.05
N ILE A 937 -6.02 -30.86 -3.98
CA ILE A 937 -5.16 -32.03 -4.00
C ILE A 937 -5.77 -33.13 -4.87
N ALA A 938 -6.99 -33.55 -4.55
CA ALA A 938 -7.57 -34.69 -5.24
C ALA A 938 -8.20 -34.31 -6.58
N LEU A 939 -9.11 -33.33 -6.56
CA LEU A 939 -9.98 -33.10 -7.72
C LEU A 939 -9.46 -32.04 -8.67
N GLN A 940 -8.33 -31.41 -8.38
CA GLN A 940 -7.80 -30.36 -9.25
C GLN A 940 -6.37 -30.59 -9.70
N LEU A 941 -5.64 -31.52 -9.09
CA LEU A 941 -4.28 -31.80 -9.55
C LEU A 941 -4.26 -32.53 -10.88
N LYS A 942 -5.32 -33.32 -11.16
CA LYS A 942 -5.39 -34.04 -12.42
C LYS A 942 -5.49 -33.11 -13.63
N ASN A 943 -5.91 -31.86 -13.42
CA ASN A 943 -6.14 -30.90 -14.50
C ASN A 943 -5.15 -29.74 -14.46
N HIS A 944 -3.91 -30.03 -14.10
CA HIS A 944 -2.88 -28.99 -14.10
C HIS A 944 -2.62 -28.50 -15.52
N ALA A 945 -2.49 -27.18 -15.67
CA ALA A 945 -2.41 -26.59 -17.00
C ALA A 945 -1.12 -26.96 -17.72
N LEU A 946 0.01 -26.84 -17.03
CA LEU A 946 1.30 -27.01 -17.70
C LEU A 946 1.57 -28.48 -18.02
N CYS A 947 1.70 -29.31 -16.99
CA CYS A 947 1.87 -30.74 -17.13
C CYS A 947 0.56 -31.43 -16.76
N ASN A 948 0.12 -32.37 -17.60
CA ASN A 948 -1.23 -32.88 -17.51
C ASN A 948 -1.49 -33.61 -16.19
N ASN A 949 -0.62 -34.56 -15.82
CA ASN A 949 -0.94 -35.44 -14.71
C ASN A 949 0.25 -35.77 -13.82
N LYS A 950 1.40 -35.14 -14.03
CA LYS A 950 2.61 -35.52 -13.31
C LYS A 950 2.46 -35.31 -11.81
N LEU A 951 1.89 -34.18 -11.39
CA LEU A 951 1.72 -33.95 -9.96
C LEU A 951 0.76 -34.95 -9.34
N TYR A 952 -0.32 -35.30 -10.05
CA TYR A 952 -1.25 -36.29 -9.49
C TYR A 952 -0.59 -37.66 -9.38
N LEU A 953 0.20 -38.05 -10.38
CA LEU A 953 0.90 -39.33 -10.29
C LEU A 953 1.88 -39.33 -9.13
N ASP A 954 2.61 -38.23 -8.95
CA ASP A 954 3.55 -38.15 -7.83
C ASP A 954 2.82 -38.16 -6.49
N ILE A 955 1.66 -37.50 -6.41
CA ILE A 955 0.88 -37.51 -5.18
C ILE A 955 0.38 -38.91 -4.88
N LEU A 956 -0.06 -39.64 -5.90
CA LEU A 956 -0.45 -41.04 -5.70
C LEU A 956 0.74 -41.86 -5.21
N LYS A 957 1.92 -41.64 -5.77
CA LYS A 957 3.12 -42.34 -5.31
C LYS A 957 3.40 -42.03 -3.84
N VAL A 958 3.27 -40.77 -3.45
CA VAL A 958 3.50 -40.37 -2.06
C VAL A 958 2.46 -41.02 -1.15
N LEU A 959 1.22 -41.12 -1.61
CA LEU A 959 0.17 -41.73 -0.80
C LEU A 959 0.44 -43.21 -0.59
N LYS A 960 0.84 -43.93 -1.64
CA LYS A 960 1.19 -45.34 -1.48
C LYS A 960 2.41 -45.49 -0.58
N HIS A 961 3.39 -44.59 -0.71
CA HIS A 961 4.58 -44.66 0.13
C HIS A 961 4.22 -44.44 1.59
N LEU A 962 3.33 -43.49 1.88
CA LEU A 962 2.90 -43.26 3.26
C LEU A 962 2.12 -44.46 3.79
N LYS A 963 1.26 -45.05 2.95
CA LYS A 963 0.49 -46.22 3.38
C LYS A 963 1.41 -47.38 3.72
N THR A 964 2.46 -47.59 2.91
CA THR A 964 3.41 -48.65 3.20
C THR A 964 4.24 -48.32 4.44
N PHE A 965 4.62 -47.05 4.61
CA PHE A 965 5.42 -46.64 5.75
C PHE A 965 4.67 -46.86 7.05
N PHE A 966 3.43 -46.37 7.14
CA PHE A 966 2.62 -46.55 8.32
C PHE A 966 1.76 -47.81 8.17
N ASN A 967 0.81 -48.00 9.08
CA ASN A 967 -0.11 -49.12 9.01
C ASN A 967 -1.50 -48.68 8.55
N LEU A 968 -1.56 -47.67 7.71
CA LEU A 968 -2.83 -47.16 7.22
C LEU A 968 -3.51 -48.19 6.33
N ASP A 969 -4.81 -48.39 6.56
CA ASP A 969 -5.54 -49.42 5.83
C ASP A 969 -5.88 -48.99 4.40
N ASN A 970 -6.13 -47.69 4.18
CA ASN A 970 -6.65 -47.22 2.91
C ASN A 970 -5.87 -46.01 2.42
N ILE A 971 -5.83 -45.88 1.09
CA ILE A 971 -5.24 -44.69 0.48
C ILE A 971 -6.02 -43.44 0.87
N ASP A 972 -7.29 -43.58 1.24
CA ASP A 972 -8.05 -42.46 1.77
C ASP A 972 -7.42 -41.96 3.07
N THR A 973 -7.12 -42.88 3.98
CA THR A 973 -6.44 -42.50 5.22
C THR A 973 -5.03 -42.00 4.95
N ALA A 974 -4.36 -42.56 3.94
CA ALA A 974 -3.05 -42.04 3.55
C ALA A 974 -3.14 -40.59 3.10
N LEU A 975 -4.16 -40.26 2.29
CA LEU A 975 -4.36 -38.88 1.86
C LEU A 975 -4.69 -37.99 3.04
N THR A 976 -5.50 -38.47 3.99
CA THR A 976 -5.80 -37.70 5.18
C THR A 976 -4.53 -37.37 5.96
N LEU A 977 -3.68 -38.38 6.18
CA LEU A 977 -2.43 -38.16 6.90
C LEU A 977 -1.52 -37.19 6.15
N TYR A 978 -1.44 -37.35 4.82
CA TYR A 978 -0.63 -36.42 4.02
C TYR A 978 -1.13 -34.99 4.17
N MET A 979 -2.45 -34.81 4.17
CA MET A 979 -3.02 -33.48 4.35
C MET A 979 -2.68 -32.93 5.72
N ASN A 980 -2.72 -33.77 6.75
CA ASN A 980 -2.40 -33.30 8.10
C ASN A 980 -0.90 -33.20 8.35
N LEU A 981 -0.07 -33.83 7.53
CA LEU A 981 1.37 -33.78 7.76
C LEU A 981 1.90 -32.39 7.46
N PRO A 982 2.83 -31.88 8.26
CA PRO A 982 3.34 -30.52 8.04
C PRO A 982 4.03 -30.38 6.70
N MET A 983 3.88 -29.20 6.09
CA MET A 983 4.43 -28.92 4.77
C MET A 983 5.95 -28.80 4.76
N LEU A 984 6.59 -28.72 5.94
CA LEU A 984 8.04 -28.62 5.97
C LEU A 984 8.70 -29.87 5.40
N PHE A 985 8.20 -31.05 5.79
CA PHE A 985 8.71 -32.31 5.25
C PHE A 985 7.90 -32.77 4.05
N GLY A 986 7.70 -31.88 3.09
CA GLY A 986 6.97 -32.22 1.88
C GLY A 986 5.56 -32.71 2.13
N GLY A 987 4.90 -32.18 3.16
CA GLY A 987 3.56 -32.63 3.50
C GLY A 987 2.46 -31.94 2.73
N GLY A 988 1.33 -31.69 3.40
CA GLY A 988 0.20 -31.04 2.77
C GLY A 988 -0.50 -30.03 3.66
N ASP A 989 0.03 -29.83 4.86
CA ASP A 989 -0.56 -28.88 5.81
C ASP A 989 0.22 -27.58 5.76
N PRO A 990 -0.33 -26.49 5.22
CA PRO A 990 0.46 -25.26 5.08
C PRO A 990 0.71 -24.54 6.39
N ASN A 991 -0.31 -24.43 7.24
CA ASN A 991 -0.20 -23.72 8.51
C ASN A 991 -0.29 -24.72 9.66
N LEU A 992 0.73 -24.74 10.52
CA LEU A 992 0.86 -25.76 11.55
C LEU A 992 -0.06 -25.44 12.72
N LEU A 993 0.09 -26.22 13.81
CA LEU A 993 -0.76 -26.03 14.97
C LEU A 993 -0.42 -24.75 15.74
N TYR A 994 0.86 -24.38 15.75
CA TYR A 994 1.25 -23.20 16.52
C TYR A 994 0.60 -21.94 15.98
N ARG A 995 0.32 -21.88 14.67
CA ARG A 995 -0.31 -20.71 14.09
C ARG A 995 -1.70 -20.47 14.69
N SER A 996 -2.35 -21.53 15.18
CA SER A 996 -3.64 -21.39 15.82
C SER A 996 -3.55 -20.86 17.24
N PHE A 997 -2.35 -20.68 17.77
CA PHE A 997 -2.19 -20.20 19.14
C PHE A 997 -1.27 -19.00 19.22
N TYR A 998 -0.31 -18.89 18.31
CA TYR A 998 0.57 -17.73 18.26
C TYR A 998 1.19 -17.63 16.87
N ARG A 999 1.23 -16.41 16.33
CA ARG A 999 1.59 -16.22 14.93
C ARG A 999 3.06 -16.52 14.67
N ARG A 1000 3.95 -15.79 15.32
CA ARG A 1000 5.38 -15.88 15.05
C ARG A 1000 6.04 -16.86 16.01
N THR A 1001 7.03 -17.59 15.51
CA THR A 1001 7.82 -18.53 16.28
C THR A 1001 9.29 -18.33 16.00
N PRO A 1002 10.16 -18.60 16.98
CA PRO A 1002 11.61 -18.46 16.72
C PRO A 1002 12.12 -19.40 15.64
N ASP A 1003 11.77 -20.68 15.70
CA ASP A 1003 12.21 -21.66 14.73
C ASP A 1003 11.02 -22.47 14.21
N PHE A 1004 11.14 -22.91 12.96
CA PHE A 1004 10.06 -23.67 12.33
C PHE A 1004 10.22 -25.17 12.49
N LEU A 1005 11.44 -25.66 12.68
CA LEU A 1005 11.66 -27.11 12.74
C LEU A 1005 10.99 -27.74 13.95
N THR A 1006 11.13 -27.11 15.13
CA THR A 1006 10.52 -27.66 16.33
C THR A 1006 8.99 -27.66 16.20
N GLU A 1007 8.43 -26.58 15.66
CA GLU A 1007 6.99 -26.52 15.47
C GLU A 1007 6.51 -27.58 14.49
N ALA A 1008 7.25 -27.79 13.40
CA ALA A 1008 6.88 -28.84 12.46
C ALA A 1008 6.96 -30.22 13.11
N ILE A 1009 7.98 -30.46 13.93
CA ILE A 1009 8.14 -31.76 14.58
C ILE A 1009 6.98 -32.01 15.55
N VAL A 1010 6.64 -31.01 16.37
CA VAL A 1010 5.55 -31.19 17.33
C VAL A 1010 4.22 -31.33 16.60
N HIS A 1011 4.03 -30.59 15.50
CA HIS A 1011 2.80 -30.75 14.71
C HIS A 1011 2.70 -32.15 14.15
N SER A 1012 3.81 -32.71 13.64
CA SER A 1012 3.80 -34.08 13.14
C SER A 1012 3.50 -35.07 14.25
N VAL A 1013 4.07 -34.85 15.44
CA VAL A 1013 3.82 -35.74 16.57
C VAL A 1013 2.33 -35.72 16.94
N PHE A 1014 1.76 -34.51 17.02
CA PHE A 1014 0.34 -34.40 17.36
C PHE A 1014 -0.55 -35.03 16.30
N ILE A 1015 -0.18 -34.88 15.01
CA ILE A 1015 -0.94 -35.50 13.94
C ILE A 1015 -0.89 -37.01 14.06
N LEU A 1016 0.31 -37.56 14.30
CA LEU A 1016 0.45 -39.00 14.44
C LEU A 1016 -0.19 -39.52 15.72
N SER A 1017 -0.48 -38.65 16.68
CA SER A 1017 -1.20 -39.07 17.88
C SER A 1017 -2.61 -39.56 17.56
N TYR A 1018 -3.16 -39.20 16.40
CA TYR A 1018 -4.45 -39.72 16.00
C TYR A 1018 -4.38 -41.22 15.71
N TYR A 1019 -3.42 -41.64 14.89
CA TYR A 1019 -3.32 -43.04 14.53
C TYR A 1019 -2.61 -43.87 15.59
N THR A 1020 -1.88 -43.21 16.49
CA THR A 1020 -1.18 -43.88 17.58
C THR A 1020 -1.69 -43.31 18.89
N ASN A 1021 -2.39 -44.14 19.67
CA ASN A 1021 -3.05 -43.70 20.89
C ASN A 1021 -2.08 -43.08 21.88
N HIS A 1022 -2.20 -41.77 22.10
CA HIS A 1022 -1.35 -41.06 23.04
C HIS A 1022 -2.20 -40.14 23.90
N ASP A 1023 -1.79 -39.98 25.16
CA ASP A 1023 -2.54 -39.14 26.09
C ASP A 1023 -2.31 -37.65 25.84
N LEU A 1024 -1.07 -37.28 25.48
CA LEU A 1024 -0.64 -35.90 25.28
C LEU A 1024 -0.75 -35.05 26.54
N LYS A 1025 -0.98 -35.70 27.66
CA LYS A 1025 -1.00 -34.99 28.92
C LYS A 1025 0.11 -35.59 29.76
N ASP A 1026 0.48 -36.84 29.49
CA ASP A 1026 1.58 -37.47 30.20
C ASP A 1026 2.85 -37.43 29.40
N LYS A 1027 3.17 -36.28 28.87
CA LYS A 1027 4.34 -36.19 28.01
C LYS A 1027 4.32 -37.28 26.99
N LEU A 1028 5.38 -38.06 26.93
CA LEU A 1028 5.47 -39.03 25.86
C LEU A 1028 5.99 -40.34 26.31
N GLN A 1029 5.27 -40.99 27.23
CA GLN A 1029 5.68 -42.30 27.65
C GLN A 1029 5.68 -43.21 26.45
N ASP A 1030 6.70 -44.07 26.36
CA ASP A 1030 6.77 -45.00 25.25
C ASP A 1030 5.51 -45.82 25.09
N LEU A 1031 5.32 -46.41 23.93
CA LEU A 1031 4.11 -47.15 23.62
C LEU A 1031 4.47 -48.36 22.76
N SER A 1032 3.57 -49.34 22.73
CA SER A 1032 3.77 -50.52 21.91
C SER A 1032 3.79 -50.17 20.43
N ASP A 1033 2.94 -49.24 20.00
CA ASP A 1033 2.92 -48.83 18.60
C ASP A 1033 4.20 -48.09 18.26
N ASP A 1034 4.72 -48.35 17.05
CA ASP A 1034 6.01 -47.84 16.63
C ASP A 1034 5.92 -46.89 15.44
N ARG A 1035 4.74 -46.36 15.14
CA ARG A 1035 4.62 -45.43 14.01
C ARG A 1035 5.36 -44.13 14.31
N LEU A 1036 5.09 -43.52 15.46
CA LEU A 1036 5.79 -42.30 15.84
C LEU A 1036 7.27 -42.56 16.06
N ASN A 1037 7.61 -43.69 16.66
CA ASN A 1037 9.00 -44.06 16.85
C ASN A 1037 9.74 -44.14 15.53
N LYS A 1038 9.12 -44.81 14.55
CA LYS A 1038 9.74 -44.93 13.23
C LYS A 1038 9.86 -43.59 12.54
N PHE A 1039 8.83 -42.74 12.66
CA PHE A 1039 8.89 -41.42 12.05
C PHE A 1039 10.04 -40.61 12.63
N LEU A 1040 10.15 -40.55 13.95
CA LEU A 1040 11.23 -39.78 14.58
C LEU A 1040 12.60 -40.36 14.26
N THR A 1041 12.72 -41.69 14.28
CA THR A 1041 13.99 -42.33 13.96
C THR A 1041 14.42 -42.04 12.54
N CYS A 1042 13.47 -42.05 11.60
CA CYS A 1042 13.79 -41.78 10.21
C CYS A 1042 14.11 -40.31 9.99
N ILE A 1043 13.48 -39.41 10.75
CA ILE A 1043 13.86 -38.01 10.72
C ILE A 1043 15.29 -37.84 11.22
N ILE A 1044 15.66 -38.59 12.26
CA ILE A 1044 17.00 -38.49 12.83
C ILE A 1044 18.04 -39.02 11.85
N THR A 1045 17.80 -40.18 11.27
CA THR A 1045 18.80 -40.90 10.49
C THR A 1045 18.64 -40.59 9.01
N PHE A 1046 19.69 -40.04 8.41
CA PHE A 1046 19.74 -39.78 6.98
C PHE A 1046 21.21 -39.56 6.59
N ASP A 1047 21.45 -39.50 5.29
CA ASP A 1047 22.80 -39.29 4.76
C ASP A 1047 23.06 -37.80 4.61
N LYS A 1048 24.18 -37.33 5.15
CA LYS A 1048 24.53 -35.92 5.09
C LYS A 1048 25.14 -35.57 3.75
N ASN A 1049 24.58 -34.56 3.09
CA ASN A 1049 25.11 -34.05 1.83
C ASN A 1049 25.16 -32.53 1.89
N PRO A 1050 26.07 -31.97 2.70
CA PRO A 1050 26.16 -30.51 2.79
C PRO A 1050 26.76 -29.91 1.53
N ASN A 1051 26.33 -28.68 1.24
CA ASN A 1051 26.84 -27.94 0.08
C ASN A 1051 26.47 -26.48 0.25
N ALA A 1052 27.47 -25.60 0.20
CA ALA A 1052 27.27 -24.16 0.38
C ALA A 1052 26.52 -23.88 1.68
N GLU A 1053 26.97 -24.57 2.74
CA GLU A 1053 26.22 -24.57 4.00
C GLU A 1053 26.15 -23.17 4.61
N PHE A 1054 27.27 -22.45 4.65
CA PHE A 1054 27.29 -21.17 5.34
C PHE A 1054 26.50 -20.12 4.58
N VAL A 1055 26.65 -20.07 3.25
CA VAL A 1055 25.87 -19.11 2.48
C VAL A 1055 24.39 -19.46 2.53
N THR A 1056 24.06 -20.75 2.63
CA THR A 1056 22.64 -21.13 2.75
C THR A 1056 22.09 -20.70 4.11
N LEU A 1057 22.88 -20.80 5.17
CA LEU A 1057 22.46 -20.28 6.46
C LEU A 1057 22.27 -18.77 6.42
N MET A 1058 23.18 -18.06 5.76
CA MET A 1058 23.07 -16.61 5.67
C MET A 1058 21.86 -16.19 4.83
N ARG A 1059 21.48 -17.01 3.84
CA ARG A 1059 20.27 -16.74 3.09
C ARG A 1059 19.02 -17.05 3.91
N ASP A 1060 19.02 -18.16 4.64
CA ASP A 1060 17.90 -18.58 5.47
C ASP A 1060 18.46 -19.20 6.75
N PRO A 1061 18.44 -18.47 7.86
CA PRO A 1061 19.05 -18.99 9.10
C PRO A 1061 18.40 -20.26 9.62
N GLN A 1062 17.17 -20.58 9.21
CA GLN A 1062 16.48 -21.77 9.65
C GLN A 1062 16.50 -22.88 8.61
N ALA A 1063 17.32 -22.75 7.57
CA ALA A 1063 17.39 -23.77 6.53
C ALA A 1063 18.00 -25.05 7.08
N LEU A 1064 17.60 -26.17 6.49
CA LEU A 1064 18.08 -27.49 6.89
C LEU A 1064 19.18 -28.02 5.97
N GLY A 1065 18.98 -27.93 4.67
CA GLY A 1065 19.99 -28.35 3.72
C GLY A 1065 20.08 -29.85 3.59
N SER A 1066 21.07 -30.29 2.81
CA SER A 1066 21.29 -31.70 2.51
C SER A 1066 20.02 -32.35 1.95
N GLU A 1067 19.31 -31.58 1.12
CA GLU A 1067 18.06 -32.03 0.49
C GLU A 1067 17.08 -32.60 1.51
N ARG A 1068 16.99 -31.93 2.67
CA ARG A 1068 16.07 -32.35 3.72
C ARG A 1068 14.94 -31.35 3.94
N GLN A 1069 14.78 -30.37 3.05
CA GLN A 1069 13.70 -29.40 3.16
C GLN A 1069 13.19 -29.06 1.76
N ALA A 1070 11.95 -28.57 1.71
CA ALA A 1070 11.35 -28.19 0.44
C ALA A 1070 12.09 -27.00 -0.15
N LYS A 1071 12.44 -27.10 -1.43
CA LYS A 1071 13.16 -26.04 -2.12
C LYS A 1071 12.18 -25.04 -2.70
N ILE A 1072 12.35 -23.76 -2.35
CA ILE A 1072 11.48 -22.72 -2.88
C ILE A 1072 12.00 -22.25 -4.23
N THR A 1073 11.11 -21.64 -5.00
CA THR A 1073 11.40 -21.32 -6.39
C THR A 1073 12.59 -20.40 -6.56
N SER A 1074 12.91 -19.58 -5.54
CA SER A 1074 14.04 -18.67 -5.65
C SER A 1074 15.35 -19.41 -5.83
N GLU A 1075 15.56 -20.48 -5.05
CA GLU A 1075 16.81 -21.22 -5.13
C GLU A 1075 16.99 -21.85 -6.51
N ILE A 1076 15.94 -22.44 -7.06
CA ILE A 1076 16.03 -23.05 -8.39
C ILE A 1076 16.24 -21.99 -9.46
N ASN A 1077 15.52 -20.88 -9.37
CA ASN A 1077 15.57 -19.86 -10.42
C ASN A 1077 16.80 -18.96 -10.33
N ARG A 1078 17.54 -18.99 -9.22
CA ARG A 1078 18.70 -18.13 -9.07
C ARG A 1078 19.72 -18.37 -10.18
N LEU A 1079 19.97 -19.64 -10.52
CA LEU A 1079 20.92 -19.95 -11.58
C LEU A 1079 20.50 -19.29 -12.88
N ALA A 1080 19.34 -19.68 -13.42
CA ALA A 1080 18.88 -19.15 -14.70
C ALA A 1080 18.84 -17.63 -14.69
N VAL A 1081 18.50 -17.02 -13.54
CA VAL A 1081 18.56 -15.57 -13.44
C VAL A 1081 19.99 -15.08 -13.63
N THR A 1082 20.93 -15.78 -13.02
CA THR A 1082 22.32 -15.40 -13.18
C THR A 1082 22.67 -15.40 -14.66
N GLU A 1083 22.48 -16.53 -15.33
CA GLU A 1083 22.90 -16.61 -16.73
C GLU A 1083 22.20 -15.57 -17.59
N VAL A 1084 20.90 -15.32 -17.36
CA VAL A 1084 20.23 -14.33 -18.20
C VAL A 1084 20.74 -12.93 -17.89
N LEU A 1085 21.11 -12.65 -16.64
CA LEU A 1085 21.62 -11.34 -16.27
C LEU A 1085 23.05 -11.13 -16.77
N SER A 1086 23.82 -12.21 -16.91
CA SER A 1086 25.21 -12.08 -17.36
C SER A 1086 25.28 -11.48 -18.75
N THR A 1087 24.41 -11.91 -19.65
CA THR A 1087 24.39 -11.41 -21.03
C THR A 1087 23.44 -10.22 -21.18
N ALA A 1088 23.60 -9.22 -20.31
CA ALA A 1088 22.77 -8.03 -20.36
C ALA A 1088 23.60 -6.80 -20.74
N PRO A 1089 23.01 -5.84 -21.44
CA PRO A 1089 23.76 -4.63 -21.80
C PRO A 1089 24.26 -3.84 -20.60
N ASN A 1090 23.53 -3.85 -19.48
CA ASN A 1090 23.92 -3.08 -18.32
C ASN A 1090 25.19 -3.66 -17.70
N LYS A 1091 26.23 -2.83 -17.60
CA LYS A 1091 27.51 -3.30 -17.08
C LYS A 1091 27.40 -3.74 -15.62
N ILE A 1092 26.63 -3.00 -14.83
CA ILE A 1092 26.52 -3.31 -13.40
C ILE A 1092 25.95 -4.70 -13.20
N PHE A 1093 24.75 -4.95 -13.75
CA PHE A 1093 24.13 -6.26 -13.60
C PHE A 1093 24.94 -7.35 -14.31
N SER A 1094 25.55 -7.02 -15.45
CA SER A 1094 26.35 -8.00 -16.17
C SER A 1094 27.51 -8.49 -15.31
N LYS A 1095 28.27 -7.57 -14.72
CA LYS A 1095 29.39 -7.97 -13.87
C LYS A 1095 28.90 -8.67 -12.61
N SER A 1096 27.80 -8.18 -12.01
CA SER A 1096 27.30 -8.80 -10.80
C SER A 1096 26.88 -10.25 -11.04
N ALA A 1097 26.30 -10.54 -12.21
CA ALA A 1097 25.95 -11.91 -12.54
C ALA A 1097 27.17 -12.73 -12.95
N GLN A 1098 28.12 -12.10 -13.63
CA GLN A 1098 29.32 -12.82 -14.06
C GLN A 1098 30.12 -13.30 -12.86
N HIS A 1099 30.24 -12.48 -11.83
CA HIS A 1099 30.96 -12.83 -10.62
C HIS A 1099 30.07 -13.49 -9.57
N TYR A 1100 28.80 -13.77 -9.90
CA TYR A 1100 27.85 -14.22 -8.90
C TYR A 1100 28.27 -15.55 -8.28
N THR A 1101 28.72 -16.50 -9.09
CA THR A 1101 29.11 -17.80 -8.57
C THR A 1101 30.37 -17.70 -7.72
N THR A 1102 31.37 -16.95 -8.19
CA THR A 1102 32.60 -16.78 -7.42
C THR A 1102 32.32 -16.04 -6.11
N THR A 1103 31.48 -15.00 -6.16
CA THR A 1103 31.08 -14.32 -4.93
C THR A 1103 30.30 -15.28 -4.03
N GLU A 1104 29.49 -16.15 -4.61
CA GLU A 1104 28.78 -17.13 -3.80
C GLU A 1104 29.75 -18.04 -3.05
N ILE A 1105 30.77 -18.53 -3.74
CA ILE A 1105 31.74 -19.42 -3.09
C ILE A 1105 32.51 -18.67 -2.01
N ASP A 1106 32.97 -17.46 -2.33
CA ASP A 1106 33.74 -16.68 -1.36
C ASP A 1106 32.90 -16.34 -0.14
N LEU A 1107 31.64 -15.93 -0.35
CA LEU A 1107 30.76 -15.60 0.75
C LEU A 1107 30.38 -16.84 1.55
N ASN A 1108 30.38 -18.02 0.92
CA ASN A 1108 30.13 -19.25 1.66
C ASN A 1108 31.32 -19.59 2.57
N ASP A 1109 32.54 -19.52 2.05
CA ASP A 1109 33.71 -19.92 2.82
C ASP A 1109 34.34 -18.77 3.60
N ILE A 1110 33.70 -17.60 3.63
CA ILE A 1110 34.24 -16.47 4.37
C ILE A 1110 34.41 -16.80 5.86
N MET A 1111 33.44 -17.51 6.44
CA MET A 1111 33.41 -17.76 7.87
C MET A 1111 33.25 -19.25 8.16
N GLN A 1112 34.01 -20.09 7.46
CA GLN A 1112 33.98 -21.53 7.70
C GLN A 1112 34.90 -21.95 8.84
N ASN A 1113 35.64 -21.02 9.45
CA ASN A 1113 36.60 -21.36 10.49
C ASN A 1113 36.06 -21.18 11.90
N ILE A 1114 34.99 -20.41 12.08
CA ILE A 1114 34.43 -20.20 13.40
C ILE A 1114 33.84 -21.50 13.92
N GLU A 1115 34.20 -21.87 15.16
CA GLU A 1115 33.71 -23.13 15.72
C GLU A 1115 32.21 -23.07 16.00
N PRO A 1116 31.70 -22.20 16.90
CA PRO A 1116 30.24 -22.13 17.09
C PRO A 1116 29.61 -21.22 16.05
N THR A 1117 28.87 -21.81 15.12
CA THR A 1117 28.26 -21.03 14.05
C THR A 1117 26.95 -20.43 14.52
N TYR A 1118 26.78 -19.13 14.28
CA TYR A 1118 25.56 -18.42 14.63
C TYR A 1118 24.83 -18.05 13.35
N PRO A 1119 23.70 -18.69 13.03
CA PRO A 1119 22.99 -18.34 11.78
C PRO A 1119 22.56 -16.88 11.74
N HIS A 1120 22.14 -16.31 12.87
CA HIS A 1120 21.68 -14.92 12.86
C HIS A 1120 22.85 -13.95 12.71
N GLY A 1121 23.97 -14.23 13.35
CA GLY A 1121 25.16 -13.41 13.12
C GLY A 1121 25.65 -13.53 11.69
N LEU A 1122 25.55 -14.72 11.11
CA LEU A 1122 25.89 -14.89 9.71
C LEU A 1122 24.95 -14.08 8.81
N ARG A 1123 23.67 -14.06 9.16
CA ARG A 1123 22.72 -13.23 8.41
C ARG A 1123 23.08 -11.75 8.52
N VAL A 1124 23.53 -11.32 9.70
CA VAL A 1124 23.98 -9.94 9.86
C VAL A 1124 25.19 -9.66 8.98
N VAL A 1125 26.14 -10.58 8.93
CA VAL A 1125 27.32 -10.41 8.07
C VAL A 1125 26.88 -10.30 6.61
N TYR A 1126 25.97 -11.18 6.21
CA TYR A 1126 25.49 -11.19 4.83
C TYR A 1126 24.76 -9.90 4.47
N GLU A 1127 23.96 -9.38 5.40
CA GLU A 1127 23.29 -8.10 5.18
C GLU A 1127 24.30 -6.97 5.07
N SER A 1128 25.34 -6.98 5.92
CA SER A 1128 26.34 -5.93 5.87
C SER A 1128 27.11 -5.95 4.56
N LEU A 1129 27.44 -7.14 4.06
CA LEU A 1129 28.18 -7.24 2.82
C LEU A 1129 27.31 -6.80 1.64
N PRO A 1130 27.93 -6.31 0.56
CA PRO A 1130 27.15 -5.77 -0.57
C PRO A 1130 26.43 -6.84 -1.38
N PHE A 1131 26.64 -8.12 -1.11
CA PHE A 1131 25.94 -9.17 -1.84
C PHE A 1131 24.45 -9.18 -1.54
N TYR A 1132 24.03 -8.57 -0.42
CA TYR A 1132 22.63 -8.62 -0.02
C TYR A 1132 21.74 -7.92 -1.04
N LYS A 1133 22.14 -6.74 -1.50
CA LYS A 1133 21.35 -6.01 -2.49
C LYS A 1133 21.30 -6.75 -3.82
N ALA A 1134 22.45 -7.29 -4.26
CA ALA A 1134 22.49 -8.02 -5.52
C ALA A 1134 21.59 -9.24 -5.47
N GLU A 1135 21.61 -9.98 -4.36
CA GLU A 1135 20.76 -11.15 -4.27
C GLU A 1135 19.29 -10.78 -4.08
N LYS A 1136 19.01 -9.61 -3.48
CA LYS A 1136 17.63 -9.14 -3.48
C LYS A 1136 17.14 -8.87 -4.89
N ILE A 1137 17.98 -8.26 -5.73
CA ILE A 1137 17.62 -8.04 -7.12
C ILE A 1137 17.42 -9.37 -7.84
N VAL A 1138 18.31 -10.34 -7.58
CA VAL A 1138 18.20 -11.65 -8.21
C VAL A 1138 16.89 -12.34 -7.80
N ASN A 1139 16.54 -12.26 -6.51
CA ASN A 1139 15.31 -12.89 -6.04
C ASN A 1139 14.08 -12.20 -6.63
N LEU A 1140 14.13 -10.87 -6.77
CA LEU A 1140 13.01 -10.17 -7.39
C LEU A 1140 12.85 -10.59 -8.84
N ILE A 1141 13.96 -10.74 -9.57
CA ILE A 1141 13.89 -11.17 -10.96
C ILE A 1141 13.39 -12.61 -11.05
N SER A 1142 13.77 -13.45 -10.09
CA SER A 1142 13.39 -14.86 -10.12
C SER A 1142 11.89 -15.06 -9.98
N GLY A 1143 11.17 -14.08 -9.46
CA GLY A 1143 9.74 -14.16 -9.31
C GLY A 1143 8.93 -13.73 -10.51
N THR A 1144 9.58 -13.40 -11.62
CA THR A 1144 8.87 -12.97 -12.81
C THR A 1144 8.25 -14.16 -13.54
N LYS A 1145 7.50 -13.90 -14.58
CA LYS A 1145 6.84 -15.00 -15.26
C LYS A 1145 7.81 -15.83 -15.98
N SER A 1146 8.66 -15.17 -16.74
CA SER A 1146 9.57 -15.92 -17.58
C SER A 1146 10.99 -15.45 -17.36
N ILE A 1147 11.92 -16.39 -17.20
CA ILE A 1147 13.34 -16.12 -17.11
C ILE A 1147 14.01 -16.65 -18.38
N THR A 1148 15.06 -15.96 -18.82
CA THR A 1148 15.69 -16.10 -20.13
C THR A 1148 14.78 -15.62 -21.24
N ASN A 1149 13.66 -15.03 -20.87
CA ASN A 1149 12.76 -14.46 -21.87
C ASN A 1149 12.44 -13.04 -21.49
N ILE A 1150 13.15 -12.48 -20.53
CA ILE A 1150 12.96 -11.09 -20.13
C ILE A 1150 13.35 -10.15 -21.27
N LEU A 1151 14.47 -10.43 -21.93
CA LEU A 1151 15.00 -9.55 -22.95
C LEU A 1151 14.62 -9.99 -24.36
N GLU A 1152 13.71 -10.94 -24.50
CA GLU A 1152 13.32 -11.46 -25.81
C GLU A 1152 12.09 -10.76 -26.38
N LYS A 1153 11.54 -9.77 -25.68
CA LYS A 1153 10.39 -9.00 -26.17
C LYS A 1153 9.21 -9.91 -26.50
N THR A 1154 8.80 -10.71 -25.52
CA THR A 1154 7.68 -11.62 -25.73
C THR A 1154 7.09 -12.06 -24.40
N SER A 1155 5.77 -11.99 -24.28
CA SER A 1155 5.11 -12.39 -23.05
C SER A 1155 4.77 -13.88 -23.06
N ALA A 1156 5.69 -14.71 -23.52
CA ALA A 1156 5.46 -16.15 -23.53
C ALA A 1156 6.54 -16.88 -22.76
N ILE A 1157 6.14 -17.75 -21.85
CA ILE A 1157 7.11 -18.48 -21.04
C ILE A 1157 7.86 -19.50 -21.86
N ASP A 1158 9.18 -19.56 -21.67
CA ASP A 1158 10.00 -20.51 -22.39
C ASP A 1158 9.81 -21.93 -21.86
N LEU A 1159 10.04 -22.91 -22.73
CA LEU A 1159 9.97 -24.31 -22.31
C LEU A 1159 11.01 -24.64 -21.27
N THR A 1160 12.14 -23.92 -21.26
CA THR A 1160 13.11 -24.08 -20.19
C THR A 1160 12.50 -23.73 -18.85
N ASP A 1161 11.80 -22.59 -18.79
CA ASP A 1161 11.09 -22.24 -17.55
C ASP A 1161 10.03 -23.28 -17.22
N ILE A 1162 9.28 -23.73 -18.23
CA ILE A 1162 8.19 -24.68 -17.99
C ILE A 1162 8.72 -25.96 -17.36
N ASP A 1163 9.73 -26.58 -17.99
CA ASP A 1163 10.18 -27.87 -17.49
C ASP A 1163 11.04 -27.73 -16.23
N ARG A 1164 11.76 -26.61 -16.06
CA ARG A 1164 12.46 -26.39 -14.79
C ARG A 1164 11.46 -26.28 -13.64
N ALA A 1165 10.42 -25.47 -13.81
CA ALA A 1165 9.39 -25.37 -12.78
C ALA A 1165 8.69 -26.70 -12.58
N THR A 1166 8.44 -27.44 -13.66
CA THR A 1166 7.75 -28.73 -13.54
C THR A 1166 8.58 -29.72 -12.72
N GLU A 1167 9.88 -29.81 -13.00
CA GLU A 1167 10.71 -30.75 -12.27
C GLU A 1167 10.89 -30.30 -10.82
N MET A 1168 10.96 -28.99 -10.57
CA MET A 1168 10.99 -28.51 -9.20
C MET A 1168 9.71 -28.90 -8.45
N MET A 1169 8.56 -28.75 -9.10
CA MET A 1169 7.29 -29.12 -8.50
C MET A 1169 7.22 -30.61 -8.22
N ARG A 1170 7.67 -31.43 -9.17
CA ARG A 1170 7.67 -32.88 -8.97
C ARG A 1170 8.58 -33.28 -7.82
N LYS A 1171 9.77 -32.66 -7.73
CA LYS A 1171 10.68 -32.97 -6.64
C LYS A 1171 10.09 -32.55 -5.30
N ASN A 1172 9.42 -31.39 -5.26
CA ASN A 1172 8.79 -30.94 -4.02
C ASN A 1172 7.67 -31.88 -3.61
N ILE A 1173 6.88 -32.36 -4.57
CA ILE A 1173 5.81 -33.31 -4.25
C ILE A 1173 6.42 -34.60 -3.73
N THR A 1174 7.44 -35.11 -4.40
CA THR A 1174 8.10 -36.36 -4.00
C THR A 1174 9.22 -36.06 -3.00
N LEU A 1175 8.84 -35.41 -1.91
CA LEU A 1175 9.76 -35.13 -0.81
C LEU A 1175 9.55 -36.05 0.38
N LEU A 1176 8.30 -36.41 0.67
CA LEU A 1176 8.04 -37.31 1.79
C LEU A 1176 8.70 -38.66 1.58
N ILE A 1177 8.87 -39.10 0.33
CA ILE A 1177 9.55 -40.36 0.07
C ILE A 1177 11.00 -40.30 0.52
N ARG A 1178 11.72 -39.24 0.12
CA ARG A 1178 13.12 -39.12 0.50
C ARG A 1178 13.28 -38.83 1.98
N ILE A 1179 12.38 -38.03 2.56
CA ILE A 1179 12.46 -37.74 3.99
C ILE A 1179 12.15 -39.00 4.81
N LEU A 1180 11.29 -39.88 4.29
CA LEU A 1180 10.87 -41.08 5.00
C LEU A 1180 11.09 -42.31 4.14
N PRO A 1181 12.34 -42.78 4.01
CA PRO A 1181 12.57 -44.08 3.37
C PRO A 1181 11.84 -45.19 4.12
N LEU A 1182 11.37 -46.18 3.35
CA LEU A 1182 10.56 -47.24 3.93
C LEU A 1182 11.36 -48.06 4.96
N ASP A 1183 12.61 -48.36 4.66
CA ASP A 1183 13.44 -49.17 5.53
C ASP A 1183 14.03 -48.39 6.71
N CYS A 1184 13.51 -47.18 6.97
CA CYS A 1184 13.99 -46.26 8.00
C CYS A 1184 15.52 -46.25 8.09
N ASN A 1185 16.15 -46.23 6.92
CA ASN A 1185 17.60 -46.21 6.84
C ASN A 1185 18.08 -47.39 7.64
N ARG A 1186 18.81 -47.13 8.71
CA ARG A 1186 19.51 -48.20 9.40
C ARG A 1186 18.61 -49.41 9.62
N ASP A 1187 19.13 -50.59 9.29
CA ASP A 1187 18.37 -51.84 9.37
C ASP A 1187 18.74 -52.54 10.68
N LYS A 1188 18.07 -52.14 11.75
CA LYS A 1188 18.28 -52.75 13.06
C LYS A 1188 17.09 -52.41 13.94
N ARG A 1189 16.97 -53.15 15.05
CA ARG A 1189 15.90 -52.90 16.01
C ARG A 1189 16.11 -51.63 16.80
N GLU A 1190 17.30 -51.05 16.75
CA GLU A 1190 17.59 -49.81 17.46
C GLU A 1190 16.88 -48.63 16.80
N ILE A 1191 15.84 -48.13 17.43
CA ILE A 1191 15.11 -46.96 16.97
C ILE A 1191 15.22 -45.87 18.04
N LEU A 1192 14.64 -44.71 17.76
CA LEU A 1192 14.71 -43.59 18.69
C LEU A 1192 13.90 -43.92 19.94
N SER A 1193 14.59 -44.09 21.06
CA SER A 1193 13.92 -44.36 22.32
C SER A 1193 13.18 -43.12 22.78
N MET A 1194 11.90 -43.29 23.13
CA MET A 1194 11.03 -42.17 23.46
C MET A 1194 11.00 -41.83 24.94
N GLU A 1195 11.76 -42.53 25.78
CA GLU A 1195 11.77 -42.23 27.20
C GLU A 1195 12.62 -41.00 27.48
N ASN A 1196 12.03 -40.03 28.17
CA ASN A 1196 12.71 -38.79 28.56
C ASN A 1196 13.35 -38.11 27.35
N LEU A 1197 12.53 -37.90 26.32
CA LEU A 1197 12.98 -37.30 25.07
C LEU A 1197 12.61 -35.82 25.04
N SER A 1198 13.57 -35.01 24.58
CA SER A 1198 13.37 -33.57 24.46
C SER A 1198 13.26 -33.22 22.98
N ILE A 1199 12.14 -32.60 22.60
CA ILE A 1199 11.93 -32.22 21.21
C ILE A 1199 12.91 -31.13 20.78
N THR A 1200 13.28 -30.22 21.68
CA THR A 1200 14.26 -29.20 21.34
C THR A 1200 15.62 -29.83 21.02
N GLU A 1201 16.05 -30.79 21.85
CA GLU A 1201 17.28 -31.51 21.57
C GLU A 1201 17.17 -32.29 20.27
N LEU A 1202 16.00 -32.89 20.02
CA LEU A 1202 15.77 -33.62 18.78
C LEU A 1202 15.97 -32.70 17.58
N SER A 1203 15.33 -31.54 17.59
CA SER A 1203 15.40 -30.61 16.47
C SER A 1203 16.82 -30.05 16.30
N LYS A 1204 17.49 -29.73 17.41
CA LYS A 1204 18.86 -29.23 17.32
C LYS A 1204 19.78 -30.28 16.71
N TYR A 1205 19.65 -31.54 17.14
CA TYR A 1205 20.46 -32.60 16.57
C TYR A 1205 20.14 -32.81 15.10
N VAL A 1206 18.85 -32.71 14.73
CA VAL A 1206 18.46 -32.85 13.33
C VAL A 1206 19.12 -31.76 12.48
N ARG A 1207 19.07 -30.51 12.95
CA ARG A 1207 19.68 -29.42 12.21
C ARG A 1207 21.19 -29.59 12.09
N GLU A 1208 21.85 -29.96 13.18
CA GLU A 1208 23.30 -30.13 13.15
C GLU A 1208 23.71 -31.28 12.24
N ARG A 1209 22.97 -32.39 12.28
CA ARG A 1209 23.28 -33.52 11.42
C ARG A 1209 23.02 -33.17 9.95
N SER A 1210 21.94 -32.43 9.68
CA SER A 1210 21.62 -32.05 8.31
C SER A 1210 22.69 -31.13 7.73
N TRP A 1211 23.19 -30.19 8.53
CA TRP A 1211 24.20 -29.26 8.04
C TRP A 1211 25.62 -29.74 8.26
N SER A 1212 25.81 -30.92 8.85
CA SER A 1212 27.13 -31.49 9.11
C SER A 1212 27.99 -30.51 9.91
N LEU A 1213 27.36 -29.81 10.85
CA LEU A 1213 28.01 -28.80 11.66
C LEU A 1213 28.12 -29.27 13.10
N SER A 1214 29.28 -29.00 13.71
CA SER A 1214 29.53 -29.49 15.06
C SER A 1214 28.56 -28.89 16.07
N ASN A 1215 28.26 -27.60 15.94
CA ASN A 1215 27.39 -26.94 16.91
C ASN A 1215 26.70 -25.77 16.24
N ILE A 1216 25.37 -25.78 16.25
CA ILE A 1216 24.55 -24.67 15.77
C ILE A 1216 23.76 -24.15 16.97
N VAL A 1217 23.93 -22.86 17.27
CA VAL A 1217 23.36 -22.27 18.47
C VAL A 1217 22.52 -21.05 18.10
N GLY A 1218 21.54 -20.75 18.96
CA GLY A 1218 20.76 -19.54 18.86
C GLY A 1218 19.45 -19.66 18.11
N VAL A 1219 19.28 -20.70 17.29
CA VAL A 1219 18.07 -20.83 16.48
C VAL A 1219 17.13 -21.84 17.11
N THR A 1220 17.67 -22.81 17.84
CA THR A 1220 16.87 -23.87 18.43
C THR A 1220 16.13 -23.31 19.65
N SER A 1221 14.82 -23.20 19.53
CA SER A 1221 13.97 -22.74 20.61
C SER A 1221 12.83 -23.73 20.83
N PRO A 1222 12.37 -23.87 22.07
CA PRO A 1222 11.33 -24.86 22.35
C PRO A 1222 10.00 -24.47 21.72
N SER A 1223 9.21 -25.50 21.41
CA SER A 1223 7.83 -25.30 21.00
C SER A 1223 6.99 -25.10 22.25
N ILE A 1224 6.44 -23.88 22.41
CA ILE A 1224 5.72 -23.55 23.63
C ILE A 1224 4.47 -24.43 23.76
N MET A 1225 3.84 -24.75 22.63
CA MET A 1225 2.64 -25.59 22.66
C MET A 1225 2.94 -26.96 23.27
N TYR A 1226 4.07 -27.57 22.88
CA TYR A 1226 4.42 -28.87 23.44
C TYR A 1226 4.92 -28.74 24.88
N THR A 1227 5.81 -27.78 25.12
CA THR A 1227 6.49 -27.70 26.42
C THR A 1227 5.64 -27.08 27.51
N MET A 1228 4.46 -26.57 27.18
CA MET A 1228 3.57 -25.95 28.15
C MET A 1228 2.29 -26.77 28.23
N ASP A 1229 2.07 -27.43 29.36
CA ASP A 1229 0.87 -28.21 29.57
C ASP A 1229 -0.28 -27.31 30.03
N ILE A 1230 -1.47 -27.88 30.09
CA ILE A 1230 -2.70 -27.15 30.38
C ILE A 1230 -3.35 -27.75 31.62
N LYS A 1231 -3.70 -26.88 32.57
CA LYS A 1231 -4.42 -27.31 33.77
C LYS A 1231 -5.37 -26.19 34.16
N TYR A 1232 -6.65 -26.54 34.34
CA TYR A 1232 -7.70 -25.56 34.59
C TYR A 1232 -7.95 -25.31 36.07
N THR A 1233 -7.26 -26.02 36.96
CA THR A 1233 -7.44 -25.85 38.39
C THR A 1233 -6.09 -25.97 39.08
N THR A 1234 -5.87 -25.10 40.08
CA THR A 1234 -4.60 -25.11 40.79
C THR A 1234 -4.49 -26.35 41.68
N SER A 1235 -3.27 -26.59 42.17
CA SER A 1235 -2.98 -27.73 43.02
C SER A 1235 -2.08 -27.25 44.15
N THR A 1236 -1.44 -28.20 44.85
CA THR A 1236 -0.52 -27.84 45.93
C THR A 1236 0.67 -27.05 45.41
N ILE A 1237 1.02 -27.22 44.13
CA ILE A 1237 2.06 -26.45 43.47
C ILE A 1237 1.49 -25.85 42.19
N SER A 1238 1.75 -24.57 41.98
CA SER A 1238 1.24 -23.91 40.77
C SER A 1238 2.28 -23.96 39.65
N SER A 1239 3.43 -23.33 39.86
CA SER A 1239 4.54 -23.33 38.91
C SER A 1239 4.07 -23.11 37.47
N GLY A 1240 3.13 -22.19 37.27
CA GLY A 1240 2.53 -22.01 35.96
C GLY A 1240 2.23 -20.54 35.70
N ILE A 1241 1.96 -20.25 34.43
CA ILE A 1241 1.55 -18.92 34.01
C ILE A 1241 0.07 -18.78 34.33
N ILE A 1242 -0.26 -18.12 35.43
CA ILE A 1242 -1.66 -17.94 35.80
C ILE A 1242 -2.31 -16.98 34.81
N ILE A 1243 -3.43 -17.40 34.23
CA ILE A 1243 -4.20 -16.56 33.32
C ILE A 1243 -5.66 -16.67 33.71
N GLU A 1244 -6.29 -15.53 33.98
CA GLU A 1244 -7.68 -15.46 34.37
C GLU A 1244 -8.38 -14.36 33.58
N LYS A 1245 -9.68 -14.53 33.39
CA LYS A 1245 -10.50 -13.56 32.67
C LYS A 1245 -11.14 -12.60 33.65
N TYR A 1246 -10.95 -11.29 33.41
CA TYR A 1246 -11.52 -10.29 34.29
C TYR A 1246 -13.03 -10.19 34.14
N ASN A 1247 -13.52 -10.22 32.89
CA ASN A 1247 -14.96 -10.15 32.64
C ASN A 1247 -15.62 -11.44 33.10
N VAL A 1248 -16.48 -11.33 34.11
CA VAL A 1248 -17.14 -12.51 34.67
C VAL A 1248 -18.39 -12.85 33.88
N ASN A 1249 -18.22 -13.64 32.83
CA ASN A 1249 -19.32 -14.08 31.98
C ASN A 1249 -18.83 -15.24 31.13
N SER A 1250 -19.80 -16.02 30.63
CA SER A 1250 -19.46 -17.22 29.87
C SER A 1250 -18.80 -16.87 28.54
N LEU A 1251 -19.52 -16.15 27.67
CA LEU A 1251 -19.01 -15.78 26.35
C LEU A 1251 -18.28 -14.45 26.45
N THR A 1252 -16.96 -14.52 26.61
CA THR A 1252 -16.14 -13.32 26.60
C THR A 1252 -15.86 -12.82 25.19
N ARG A 1253 -16.15 -13.61 24.17
CA ARG A 1253 -15.97 -13.17 22.80
C ARG A 1253 -16.95 -12.03 22.47
N GLY A 1254 -16.45 -11.02 21.79
CA GLY A 1254 -17.26 -9.86 21.47
C GLY A 1254 -17.38 -8.85 22.57
N GLU A 1255 -16.64 -9.01 23.66
CA GLU A 1255 -16.66 -8.09 24.79
C GLU A 1255 -15.24 -7.66 25.14
N ARG A 1256 -15.06 -6.37 25.37
CA ARG A 1256 -13.75 -5.80 25.66
C ARG A 1256 -13.52 -5.74 27.16
N GLY A 1257 -12.28 -5.99 27.57
CA GLY A 1257 -11.94 -6.04 28.97
C GLY A 1257 -11.24 -4.79 29.45
N PRO A 1258 -10.91 -4.75 30.75
CA PRO A 1258 -10.24 -3.58 31.33
C PRO A 1258 -8.72 -3.65 31.31
N THR A 1259 -8.12 -4.54 30.53
CA THR A 1259 -6.68 -4.73 30.50
C THR A 1259 -6.14 -4.27 29.16
N LYS A 1260 -4.89 -3.80 29.16
CA LYS A 1260 -4.26 -3.35 27.93
C LYS A 1260 -4.11 -4.51 26.95
N PRO A 1261 -4.19 -4.23 25.65
CA PRO A 1261 -4.05 -5.30 24.66
C PRO A 1261 -2.66 -5.92 24.70
N TRP A 1262 -2.60 -7.22 24.38
CA TRP A 1262 -1.35 -7.97 24.43
C TRP A 1262 -0.68 -7.89 23.06
N VAL A 1263 0.17 -6.89 22.89
CA VAL A 1263 0.92 -6.75 21.65
C VAL A 1263 1.93 -7.87 21.50
N GLY A 1264 2.56 -8.27 22.60
CA GLY A 1264 3.56 -9.33 22.57
C GLY A 1264 4.84 -8.96 21.85
N SER A 1265 5.33 -7.74 22.04
CA SER A 1265 6.59 -7.35 21.44
C SER A 1265 7.76 -8.04 22.14
N SER A 1266 8.84 -8.23 21.39
CA SER A 1266 10.02 -8.89 21.94
C SER A 1266 10.68 -8.02 23.00
N THR A 1267 11.58 -8.64 23.77
CA THR A 1267 12.29 -7.90 24.81
C THR A 1267 13.14 -6.80 24.19
N GLN A 1268 13.17 -5.65 24.87
CA GLN A 1268 13.85 -4.48 24.33
C GLN A 1268 15.35 -4.58 24.58
N GLU A 1269 16.13 -4.56 23.49
CA GLU A 1269 17.57 -4.53 23.62
C GLU A 1269 18.05 -3.18 24.15
N LYS A 1270 19.16 -3.20 24.87
CA LYS A 1270 19.70 -2.01 25.53
C LYS A 1270 20.95 -1.56 24.79
N LYS A 1271 20.84 -0.43 24.08
CA LYS A 1271 21.98 0.19 23.41
C LYS A 1271 21.95 1.68 23.67
N THR A 1272 23.13 2.30 23.61
CA THR A 1272 23.29 3.73 23.88
C THR A 1272 23.51 4.47 22.58
N MET A 1273 22.73 5.52 22.36
CA MET A 1273 22.84 6.31 21.14
C MET A 1273 24.09 7.19 21.22
N PRO A 1274 25.04 7.08 20.30
CA PRO A 1274 26.16 8.01 20.28
C PRO A 1274 25.71 9.41 19.91
N VAL A 1275 26.39 10.41 20.48
CA VAL A 1275 26.03 11.80 20.29
C VAL A 1275 26.70 12.29 19.01
N TYR A 1276 25.92 12.40 17.93
CA TYR A 1276 26.41 12.91 16.66
C TYR A 1276 25.22 13.41 15.86
N ASN A 1277 25.49 13.94 14.67
CA ASN A 1277 24.46 14.47 13.78
C ASN A 1277 23.87 13.34 12.97
N ARG A 1278 22.61 12.99 13.25
CA ARG A 1278 21.97 11.88 12.54
C ARG A 1278 21.57 12.29 11.12
N GLN A 1279 21.07 13.52 10.96
CA GLN A 1279 20.49 13.94 9.68
C GLN A 1279 21.51 14.01 8.56
N VAL A 1280 22.79 14.21 8.87
CA VAL A 1280 23.80 14.35 7.83
C VAL A 1280 24.13 13.00 7.20
N LEU A 1281 23.78 11.90 7.83
CA LEU A 1281 24.04 10.57 7.30
C LEU A 1281 22.77 10.02 6.65
N THR A 1282 22.94 9.39 5.48
CA THR A 1282 21.81 8.85 4.75
C THR A 1282 21.26 7.60 5.45
N LYS A 1283 20.06 7.19 5.03
CA LYS A 1283 19.40 6.05 5.67
C LYS A 1283 20.20 4.77 5.47
N LYS A 1284 20.73 4.54 4.27
CA LYS A 1284 21.52 3.34 4.02
C LYS A 1284 22.81 3.35 4.84
N GLN A 1285 23.46 4.50 4.95
CA GLN A 1285 24.67 4.60 5.76
C GLN A 1285 24.38 4.32 7.23
N ARG A 1286 23.28 4.88 7.74
CA ARG A 1286 22.90 4.62 9.13
C ARG A 1286 22.57 3.15 9.36
N ASP A 1287 21.88 2.53 8.39
CA ASP A 1287 21.55 1.11 8.51
C ASP A 1287 22.82 0.26 8.52
N GLN A 1288 23.78 0.59 7.67
CA GLN A 1288 25.02 -0.18 7.64
C GLN A 1288 25.84 0.05 8.91
N ILE A 1289 25.81 1.27 9.45
CA ILE A 1289 26.48 1.53 10.73
C ILE A 1289 25.85 0.70 11.84
N ASP A 1290 24.52 0.62 11.86
CA ASP A 1290 23.85 -0.22 12.85
C ASP A 1290 24.18 -1.69 12.65
N LEU A 1291 24.30 -2.13 11.39
CA LEU A 1291 24.69 -3.51 11.11
C LEU A 1291 26.08 -3.81 11.65
N LEU A 1292 27.03 -2.88 11.44
CA LEU A 1292 28.37 -3.08 11.95
C LEU A 1292 28.42 -3.03 13.47
N ALA A 1293 27.56 -2.21 14.09
CA ALA A 1293 27.47 -2.22 15.54
C ALA A 1293 26.95 -3.57 16.05
N LYS A 1294 25.94 -4.12 15.37
CA LYS A 1294 25.48 -5.46 15.69
C LYS A 1294 26.60 -6.47 15.51
N LEU A 1295 27.42 -6.29 14.47
CA LEU A 1295 28.54 -7.19 14.23
C LEU A 1295 29.55 -7.15 15.37
N ASP A 1296 29.89 -5.95 15.84
CA ASP A 1296 30.77 -5.85 17.01
C ASP A 1296 30.13 -6.47 18.24
N TRP A 1297 28.83 -6.27 18.43
CA TRP A 1297 28.16 -6.86 19.59
C TRP A 1297 28.20 -8.38 19.56
N VAL A 1298 27.99 -8.97 18.39
CA VAL A 1298 27.87 -10.43 18.31
C VAL A 1298 29.25 -11.08 18.26
N TYR A 1299 30.20 -10.49 17.54
CA TYR A 1299 31.51 -11.07 17.29
C TYR A 1299 32.62 -10.30 17.99
N ALA A 1300 32.37 -9.87 19.23
CA ALA A 1300 33.40 -9.18 19.99
C ALA A 1300 34.59 -10.09 20.26
N SER A 1301 34.34 -11.38 20.44
CA SER A 1301 35.40 -12.34 20.75
C SER A 1301 35.80 -13.07 19.47
N ILE A 1302 36.58 -12.37 18.63
CA ILE A 1302 37.14 -12.94 17.41
C ILE A 1302 38.64 -12.65 17.40
N ASP A 1303 39.43 -13.67 17.06
CA ASP A 1303 40.88 -13.49 16.98
C ASP A 1303 41.24 -12.50 15.87
N ASN A 1304 40.56 -12.58 14.74
CA ASN A 1304 40.81 -11.70 13.60
C ASN A 1304 39.88 -10.49 13.58
N LYS A 1305 39.27 -10.16 14.72
CA LYS A 1305 38.23 -9.14 14.75
C LYS A 1305 38.77 -7.77 14.34
N ASP A 1306 39.96 -7.41 14.82
CA ASP A 1306 40.48 -6.08 14.56
C ASP A 1306 40.67 -5.83 13.07
N GLU A 1307 41.39 -6.72 12.39
CA GLU A 1307 41.63 -6.54 10.96
C GLU A 1307 40.34 -6.73 10.17
N PHE A 1308 39.49 -7.67 10.60
CA PHE A 1308 38.24 -7.92 9.90
C PHE A 1308 37.35 -6.67 9.89
N MET A 1309 37.11 -6.08 11.06
CA MET A 1309 36.31 -4.86 11.11
C MET A 1309 37.02 -3.68 10.45
N GLU A 1310 38.35 -3.60 10.58
CA GLU A 1310 39.07 -2.50 9.96
C GLU A 1310 38.88 -2.50 8.45
N GLU A 1311 39.15 -3.64 7.80
CA GLU A 1311 39.03 -3.66 6.35
C GLU A 1311 37.56 -3.65 5.93
N LEU A 1312 36.66 -4.19 6.73
CA LEU A 1312 35.23 -4.10 6.41
C LEU A 1312 34.78 -2.65 6.37
N SER A 1313 35.19 -1.87 7.37
CA SER A 1313 34.84 -0.44 7.38
C SER A 1313 35.49 0.29 6.22
N ILE A 1314 36.76 -0.01 5.94
CA ILE A 1314 37.45 0.66 4.83
C ILE A 1314 36.75 0.37 3.51
N GLY A 1315 36.36 -0.89 3.29
CA GLY A 1315 35.69 -1.24 2.05
C GLY A 1315 34.30 -0.63 1.94
N THR A 1316 33.46 -0.87 2.95
CA THR A 1316 32.06 -0.43 2.87
C THR A 1316 31.94 1.08 3.02
N LEU A 1317 32.35 1.62 4.16
CA LEU A 1317 32.25 3.04 4.42
C LEU A 1317 33.55 3.72 4.01
N GLY A 1318 33.57 5.05 4.14
CA GLY A 1318 34.77 5.82 3.86
C GLY A 1318 35.56 6.08 5.12
N LEU A 1319 35.27 5.31 6.17
CA LEU A 1319 35.90 5.48 7.47
C LEU A 1319 36.76 4.27 7.81
N THR A 1320 37.56 4.43 8.86
CA THR A 1320 38.31 3.34 9.45
C THR A 1320 37.55 2.81 10.67
N TYR A 1321 38.05 1.68 11.21
CA TYR A 1321 37.39 1.07 12.35
C TYR A 1321 37.42 2.00 13.56
N GLU A 1322 38.56 2.62 13.82
CA GLU A 1322 38.67 3.51 14.97
C GLU A 1322 37.77 4.73 14.82
N LYS A 1323 37.65 5.26 13.60
CA LYS A 1323 36.78 6.41 13.38
C LYS A 1323 35.31 6.03 13.50
N ALA A 1324 34.94 4.85 13.01
CA ALA A 1324 33.54 4.42 13.03
C ALA A 1324 33.12 3.85 14.38
N LYS A 1325 34.05 3.50 15.26
CA LYS A 1325 33.68 2.92 16.54
C LYS A 1325 32.86 3.89 17.37
N LYS A 1326 33.23 5.17 17.37
CA LYS A 1326 32.44 6.16 18.11
C LYS A 1326 31.06 6.36 17.51
N LEU A 1327 30.89 6.08 16.22
CA LEU A 1327 29.57 6.13 15.59
C LEU A 1327 28.71 4.92 15.92
N PHE A 1328 29.32 3.83 16.35
CA PHE A 1328 28.59 2.60 16.58
C PHE A 1328 27.80 2.69 17.88
N PRO A 1329 26.50 2.43 17.87
CA PRO A 1329 25.73 2.44 19.12
C PRO A 1329 26.03 1.22 19.97
N GLN A 1330 27.10 1.30 20.77
CA GLN A 1330 27.54 0.18 21.57
C GLN A 1330 26.41 -0.35 22.45
N TYR A 1331 26.25 -1.67 22.44
CA TYR A 1331 25.16 -2.32 23.14
C TYR A 1331 25.52 -2.59 24.59
N LEU A 1332 24.50 -2.71 25.44
CA LEU A 1332 24.69 -2.95 26.87
C LEU A 1332 24.31 -4.36 27.29
N SER A 1333 23.44 -5.04 26.56
CA SER A 1333 23.08 -6.40 26.91
C SER A 1333 24.24 -7.34 26.60
N VAL A 1334 24.63 -8.14 27.59
CA VAL A 1334 25.75 -9.07 27.42
C VAL A 1334 25.37 -10.31 26.63
N ASN A 1335 24.09 -10.54 26.37
CA ASN A 1335 23.63 -11.72 25.66
C ASN A 1335 23.08 -11.31 24.31
N TYR A 1336 23.73 -11.79 23.24
CA TYR A 1336 23.29 -11.57 21.87
C TYR A 1336 22.43 -12.69 21.34
N LEU A 1337 22.19 -13.75 22.13
CA LEU A 1337 21.23 -14.78 21.77
C LEU A 1337 19.81 -14.43 22.19
N HIS A 1338 19.64 -13.41 23.03
CA HIS A 1338 18.34 -13.07 23.59
C HIS A 1338 17.84 -11.70 23.18
N ARG A 1339 18.73 -10.76 22.89
CA ARG A 1339 18.33 -9.38 22.60
C ARG A 1339 18.80 -8.93 21.22
N LEU A 1340 19.15 -9.85 20.33
CA LEU A 1340 19.56 -9.47 19.00
C LEU A 1340 18.35 -9.08 18.16
N THR A 1341 18.60 -8.24 17.16
CA THR A 1341 17.54 -7.65 16.34
C THR A 1341 17.83 -7.94 14.86
N VAL A 1342 18.04 -9.21 14.55
CA VAL A 1342 18.23 -9.63 13.17
C VAL A 1342 16.92 -9.51 12.41
N SER A 1343 17.00 -9.15 11.13
CA SER A 1343 15.81 -9.08 10.28
C SER A 1343 15.20 -10.45 10.02
N SER A 1344 15.92 -11.53 10.32
CA SER A 1344 15.41 -12.88 10.17
C SER A 1344 14.79 -13.43 11.46
N ARG A 1345 14.83 -12.65 12.54
CA ARG A 1345 14.22 -13.07 13.79
C ARG A 1345 12.93 -12.28 14.02
N PRO A 1346 11.91 -12.90 14.61
CA PRO A 1346 10.66 -12.17 14.86
C PRO A 1346 10.87 -11.03 15.85
N CYS A 1347 10.15 -9.94 15.62
CA CYS A 1347 10.19 -8.78 16.50
C CYS A 1347 8.98 -8.68 17.42
N GLU A 1348 7.86 -9.28 17.04
CA GLU A 1348 6.66 -9.32 17.87
C GLU A 1348 6.13 -10.74 17.90
N PHE A 1349 5.52 -11.11 19.03
CA PHE A 1349 4.95 -12.44 19.23
C PHE A 1349 3.51 -12.30 19.70
N PRO A 1350 2.61 -11.92 18.80
CA PRO A 1350 1.20 -11.72 19.19
C PRO A 1350 0.44 -13.03 19.21
N ALA A 1351 -0.75 -12.98 19.79
CA ALA A 1351 -1.61 -14.14 19.85
C ALA A 1351 -2.40 -14.29 18.56
N SER A 1352 -2.98 -15.48 18.36
CA SER A 1352 -3.84 -15.70 17.21
C SER A 1352 -5.09 -14.84 17.27
N ILE A 1353 -5.64 -14.68 18.47
CA ILE A 1353 -6.84 -13.87 18.69
C ILE A 1353 -6.49 -12.39 18.45
N PRO A 1354 -7.46 -11.54 18.08
CA PRO A 1354 -7.13 -10.14 17.80
C PRO A 1354 -6.77 -9.35 19.04
N ALA A 1355 -6.54 -8.05 18.86
CA ALA A 1355 -6.11 -7.20 19.97
C ALA A 1355 -7.17 -7.12 21.06
N TYR A 1356 -8.45 -6.96 20.67
CA TYR A 1356 -9.49 -6.70 21.67
C TYR A 1356 -9.71 -7.90 22.57
N ARG A 1357 -9.63 -9.11 22.02
CA ARG A 1357 -9.88 -10.30 22.83
C ARG A 1357 -8.80 -10.50 23.88
N THR A 1358 -7.58 -10.05 23.61
CA THR A 1358 -6.51 -10.15 24.60
C THR A 1358 -6.75 -9.23 25.80
N THR A 1359 -7.67 -8.27 25.70
CA THR A 1359 -7.95 -7.35 26.78
C THR A 1359 -8.82 -7.95 27.88
N ASN A 1360 -9.39 -9.12 27.65
CA ASN A 1360 -10.29 -9.75 28.62
C ASN A 1360 -9.57 -10.60 29.65
N TYR A 1361 -8.25 -10.74 29.56
CA TYR A 1361 -7.51 -11.66 30.41
C TYR A 1361 -6.34 -10.95 31.06
N HIS A 1362 -5.88 -11.52 32.18
CA HIS A 1362 -4.69 -11.08 32.88
C HIS A 1362 -3.75 -12.26 33.06
N PHE A 1363 -2.45 -11.97 33.07
CA PHE A 1363 -1.43 -13.00 33.12
C PHE A 1363 -0.37 -12.65 34.14
N ASP A 1364 0.31 -13.69 34.65
CA ASP A 1364 1.38 -13.53 35.60
C ASP A 1364 2.33 -14.71 35.49
N THR A 1365 3.63 -14.44 35.55
CA THR A 1365 4.66 -15.46 35.40
C THR A 1365 5.58 -15.54 36.63
N SER A 1366 5.09 -15.12 37.80
CA SER A 1366 5.91 -15.16 39.00
C SER A 1366 6.34 -16.58 39.39
N PRO A 1367 5.47 -17.60 39.41
CA PRO A 1367 5.96 -18.95 39.71
C PRO A 1367 6.98 -19.45 38.70
N ILE A 1368 6.81 -19.11 37.42
CA ILE A 1368 7.80 -19.47 36.42
C ILE A 1368 9.14 -18.81 36.73
N ASN A 1369 9.12 -17.54 37.09
CA ASN A 1369 10.36 -16.86 37.46
C ASN A 1369 11.01 -17.53 38.65
N ARG A 1370 10.21 -17.90 39.66
CA ARG A 1370 10.76 -18.57 40.84
C ARG A 1370 11.42 -19.89 40.46
N ILE A 1371 10.73 -20.72 39.68
CA ILE A 1371 11.27 -22.03 39.33
C ILE A 1371 12.51 -21.90 38.46
N LEU A 1372 12.50 -20.98 37.49
CA LEU A 1372 13.64 -20.82 36.60
C LEU A 1372 14.82 -20.13 37.29
N THR A 1373 14.59 -19.42 38.38
CA THR A 1373 15.70 -18.94 39.19
C THR A 1373 16.23 -20.01 40.12
N GLU A 1374 15.34 -20.89 40.62
CA GLU A 1374 15.80 -22.01 41.44
C GLU A 1374 16.65 -22.97 40.64
N LYS A 1375 16.26 -23.26 39.40
CA LYS A 1375 16.99 -24.18 38.54
C LYS A 1375 17.64 -23.39 37.41
N TYR A 1376 18.98 -23.38 37.39
CA TYR A 1376 19.75 -22.64 36.40
C TYR A 1376 19.40 -21.15 36.40
N GLY A 1377 19.39 -20.56 37.59
CA GLY A 1377 19.05 -19.16 37.71
C GLY A 1377 20.18 -18.23 37.27
N ASP A 1378 19.83 -16.94 37.18
CA ASP A 1378 20.75 -15.88 36.82
C ASP A 1378 21.36 -16.08 35.43
N GLU A 1379 20.70 -16.84 34.57
CA GLU A 1379 21.16 -17.05 33.20
C GLU A 1379 19.99 -16.91 32.25
N ASP A 1380 20.29 -16.54 31.01
CA ASP A 1380 19.25 -16.39 30.00
C ASP A 1380 18.77 -17.76 29.52
N ILE A 1381 17.52 -17.79 29.06
CA ILE A 1381 16.86 -19.02 28.68
C ILE A 1381 16.43 -18.93 27.22
N ASP A 1382 16.42 -20.08 26.55
CA ASP A 1382 16.07 -20.12 25.13
C ASP A 1382 14.60 -19.83 24.89
N ILE A 1383 13.73 -20.19 25.83
CA ILE A 1383 12.30 -19.99 25.63
C ILE A 1383 11.99 -18.49 25.60
N VAL A 1384 10.89 -18.15 24.94
CA VAL A 1384 10.40 -16.77 24.86
C VAL A 1384 9.05 -16.70 25.58
N PHE A 1385 8.92 -15.71 26.47
CA PHE A 1385 7.72 -15.61 27.29
C PHE A 1385 6.57 -14.91 26.58
N GLN A 1386 6.85 -14.09 25.56
CA GLN A 1386 5.78 -13.47 24.81
C GLN A 1386 4.92 -14.53 24.11
N ASN A 1387 5.57 -15.51 23.50
CA ASN A 1387 4.84 -16.64 22.92
C ASN A 1387 4.09 -17.41 24.00
N CYS A 1388 4.66 -17.49 25.20
CA CYS A 1388 3.98 -18.17 26.30
C CYS A 1388 2.65 -17.49 26.61
N ILE A 1389 2.68 -16.17 26.78
CA ILE A 1389 1.47 -15.43 27.11
C ILE A 1389 0.47 -15.49 25.96
N SER A 1390 0.94 -15.33 24.72
CA SER A 1390 0.06 -15.40 23.57
C SER A 1390 -0.59 -16.77 23.45
N PHE A 1391 0.19 -17.82 23.68
CA PHE A 1391 -0.35 -19.18 23.66
C PHE A 1391 -1.39 -19.37 24.75
N GLY A 1392 -1.14 -18.83 25.94
CA GLY A 1392 -2.14 -18.93 27.00
C GLY A 1392 -3.45 -18.25 26.64
N LEU A 1393 -3.37 -17.03 26.12
CA LEU A 1393 -4.58 -16.29 25.77
C LEU A 1393 -5.35 -16.98 24.65
N SER A 1394 -4.66 -17.35 23.57
CA SER A 1394 -5.32 -18.03 22.47
C SER A 1394 -5.88 -19.38 22.90
N LEU A 1395 -5.20 -20.08 23.80
CA LEU A 1395 -5.71 -21.34 24.30
C LEU A 1395 -6.96 -21.14 25.14
N MET A 1396 -7.00 -20.08 25.94
CA MET A 1396 -8.23 -19.77 26.67
C MET A 1396 -9.37 -19.50 25.71
N SER A 1397 -9.10 -18.76 24.63
CA SER A 1397 -10.15 -18.51 23.63
C SER A 1397 -10.61 -19.80 22.96
N VAL A 1398 -9.67 -20.70 22.65
CA VAL A 1398 -10.03 -21.96 22.00
C VAL A 1398 -10.85 -22.84 22.95
N VAL A 1399 -10.49 -22.84 24.24
CA VAL A 1399 -11.28 -23.58 25.22
C VAL A 1399 -12.68 -23.01 25.31
N GLU A 1400 -12.81 -21.68 25.29
CA GLU A 1400 -14.14 -21.07 25.25
C GLU A 1400 -14.91 -21.52 24.02
N GLN A 1401 -14.25 -21.56 22.87
CA GLN A 1401 -14.92 -22.00 21.64
C GLN A 1401 -15.41 -23.43 21.76
N PHE A 1402 -14.58 -24.31 22.31
CA PHE A 1402 -14.91 -25.74 22.34
C PHE A 1402 -15.78 -26.14 23.53
N THR A 1403 -15.97 -25.27 24.52
CA THR A 1403 -16.79 -25.62 25.68
C THR A 1403 -17.94 -24.65 25.93
N ASN A 1404 -18.13 -23.64 25.07
CA ASN A 1404 -19.20 -22.67 25.21
C ASN A 1404 -19.06 -21.84 26.48
N VAL A 1405 -17.98 -22.04 27.24
CA VAL A 1405 -17.71 -21.30 28.45
C VAL A 1405 -16.23 -20.96 28.50
N CYS A 1406 -15.93 -19.72 28.88
CA CYS A 1406 -14.54 -19.30 29.07
C CYS A 1406 -14.08 -19.71 30.46
N PRO A 1407 -12.91 -20.35 30.60
CA PRO A 1407 -12.48 -20.81 31.93
C PRO A 1407 -12.27 -19.65 32.89
N ASN A 1408 -12.59 -19.89 34.16
CA ASN A 1408 -12.38 -18.86 35.18
C ASN A 1408 -10.90 -18.54 35.34
N ARG A 1409 -10.05 -19.56 35.36
CA ARG A 1409 -8.62 -19.37 35.56
C ARG A 1409 -7.87 -20.56 34.98
N ILE A 1410 -6.78 -20.29 34.27
CA ILE A 1410 -5.98 -21.33 33.64
C ILE A 1410 -4.52 -21.10 34.00
N ILE A 1411 -3.79 -22.21 34.22
CA ILE A 1411 -2.37 -22.18 34.56
C ILE A 1411 -1.64 -23.13 33.62
N LEU A 1412 -0.42 -22.75 33.24
CA LEU A 1412 0.36 -23.48 32.25
C LEU A 1412 1.62 -24.04 32.91
N ILE A 1413 1.56 -25.30 33.31
CA ILE A 1413 2.74 -25.96 33.90
C ILE A 1413 3.70 -26.35 32.77
N PRO A 1414 4.96 -25.93 32.83
CA PRO A 1414 5.90 -26.27 31.76
C PRO A 1414 6.54 -27.64 31.97
N LYS A 1415 7.25 -28.08 30.93
CA LYS A 1415 8.07 -29.28 30.98
C LYS A 1415 9.53 -28.87 30.88
N LEU A 1416 10.29 -29.14 31.95
CA LEU A 1416 11.65 -28.61 32.05
C LEU A 1416 12.65 -29.31 31.14
N ASN A 1417 12.34 -30.50 30.64
CA ASN A 1417 13.28 -31.21 29.79
C ASN A 1417 13.49 -30.53 28.44
N GLU A 1418 12.58 -29.64 28.03
CA GLU A 1418 12.76 -28.85 26.81
C GLU A 1418 13.42 -27.51 27.08
N ILE A 1419 13.88 -27.27 28.30
CA ILE A 1419 14.49 -25.99 28.67
C ILE A 1419 16.00 -26.12 28.53
N HIS A 1420 16.62 -25.14 27.85
CA HIS A 1420 18.05 -25.12 27.64
C HIS A 1420 18.60 -23.75 28.01
N LEU A 1421 19.87 -23.73 28.39
CA LEU A 1421 20.56 -22.50 28.79
C LEU A 1421 21.39 -22.03 27.61
N MET A 1422 20.94 -20.99 26.93
CA MET A 1422 21.60 -20.48 25.73
C MET A 1422 22.52 -19.32 26.10
N LYS A 1423 23.57 -19.68 26.83
CA LYS A 1423 24.59 -18.70 27.19
C LYS A 1423 25.36 -18.26 25.94
N PRO A 1424 25.83 -17.02 25.91
CA PRO A 1424 26.59 -16.54 24.75
C PRO A 1424 27.93 -17.24 24.65
N PRO A 1425 28.16 -17.96 23.55
CA PRO A 1425 29.44 -18.65 23.37
C PRO A 1425 30.54 -17.67 22.97
N ILE A 1426 31.78 -18.13 23.13
CA ILE A 1426 32.97 -17.39 22.76
C ILE A 1426 33.48 -18.00 21.47
N PHE A 1427 33.36 -17.27 20.37
CA PHE A 1427 33.77 -17.77 19.07
C PHE A 1427 35.28 -17.97 19.02
N THR A 1428 35.71 -19.03 18.34
CA THR A 1428 37.13 -19.28 18.09
C THR A 1428 37.32 -19.56 16.61
N GLY A 1429 38.02 -18.68 15.93
CA GLY A 1429 38.26 -18.85 14.51
C GLY A 1429 38.73 -17.55 13.88
N ASP A 1430 39.01 -17.64 12.59
CA ASP A 1430 39.50 -16.51 11.80
C ASP A 1430 38.70 -16.41 10.52
N VAL A 1431 37.97 -15.30 10.36
CA VAL A 1431 37.29 -15.02 9.11
C VAL A 1431 38.33 -14.75 8.03
N ASP A 1432 38.08 -15.26 6.81
CA ASP A 1432 39.08 -15.19 5.76
C ASP A 1432 39.03 -13.79 5.14
N ILE A 1433 40.00 -12.97 5.51
CA ILE A 1433 40.07 -11.58 5.05
C ILE A 1433 40.21 -11.55 3.53
N HIS A 1434 40.96 -12.49 2.96
CA HIS A 1434 41.14 -12.52 1.51
C HIS A 1434 39.81 -12.73 0.79
N LYS A 1435 38.99 -13.68 1.27
CA LYS A 1435 37.69 -13.91 0.66
C LYS A 1435 36.76 -12.73 0.86
N LEU A 1436 36.82 -12.08 2.03
CA LEU A 1436 35.99 -10.90 2.26
C LEU A 1436 36.38 -9.78 1.31
N LYS A 1437 37.68 -9.56 1.13
CA LYS A 1437 38.15 -8.57 0.15
C LYS A 1437 37.68 -8.94 -1.24
N GLN A 1438 37.76 -10.22 -1.62
CA GLN A 1438 37.36 -10.63 -2.95
C GLN A 1438 35.88 -10.38 -3.18
N VAL A 1439 35.03 -10.70 -2.21
CA VAL A 1439 33.59 -10.55 -2.41
C VAL A 1439 33.23 -9.06 -2.47
N ILE A 1440 33.84 -8.23 -1.63
CA ILE A 1440 33.55 -6.79 -1.71
C ILE A 1440 34.03 -6.21 -3.03
N GLN A 1441 35.23 -6.60 -3.47
CA GLN A 1441 35.77 -6.05 -4.71
C GLN A 1441 34.93 -6.49 -5.91
N LYS A 1442 34.48 -7.75 -5.93
CA LYS A 1442 33.66 -8.21 -7.04
C LYS A 1442 32.30 -7.53 -7.05
N GLN A 1443 31.63 -7.48 -5.89
CA GLN A 1443 30.36 -6.76 -5.79
C GLN A 1443 30.57 -5.31 -5.36
N HIS A 1444 31.44 -4.60 -6.08
CA HIS A 1444 31.77 -3.23 -5.75
C HIS A 1444 30.78 -2.21 -6.30
N MET A 1445 29.75 -2.72 -6.95
CA MET A 1445 28.75 -1.87 -7.57
C MET A 1445 27.47 -1.84 -6.82
N PHE A 1446 27.46 -2.37 -5.65
CA PHE A 1446 26.27 -2.43 -4.81
C PHE A 1446 26.48 -1.83 -3.43
N LEU A 1447 27.67 -1.32 -3.13
CA LEU A 1447 27.91 -0.74 -1.82
C LEU A 1447 27.13 0.56 -1.66
N PRO A 1448 26.71 0.88 -0.43
CA PRO A 1448 26.03 2.16 -0.19
C PRO A 1448 26.99 3.34 -0.32
N ASP A 1449 26.49 4.55 -0.10
CA ASP A 1449 27.31 5.74 -0.20
C ASP A 1449 28.42 5.72 0.85
N LYS A 1450 29.66 5.77 0.40
CA LYS A 1450 30.78 5.85 1.32
C LYS A 1450 30.77 7.20 2.03
N ILE A 1451 31.08 7.17 3.34
CA ILE A 1451 31.07 8.38 4.14
C ILE A 1451 32.33 9.18 3.80
N SER A 1452 32.17 10.18 2.95
CA SER A 1452 33.28 11.04 2.57
C SER A 1452 33.72 11.90 3.75
N LEU A 1453 34.94 12.44 3.64
CA LEU A 1453 35.44 13.32 4.70
C LEU A 1453 34.61 14.59 4.79
N THR A 1454 34.21 15.15 3.65
CA THR A 1454 33.41 16.37 3.62
C THR A 1454 32.01 16.16 4.16
N GLN A 1455 31.60 14.91 4.40
CA GLN A 1455 30.38 14.61 5.12
C GLN A 1455 30.65 14.23 6.57
N TYR A 1456 31.78 13.59 6.84
CA TYR A 1456 32.07 13.08 8.19
C TYR A 1456 32.52 14.18 9.14
N VAL A 1457 33.23 15.20 8.63
CA VAL A 1457 33.81 16.20 9.53
C VAL A 1457 32.75 17.03 10.25
N GLU A 1458 31.52 17.08 9.75
CA GLU A 1458 30.44 17.82 10.40
C GLU A 1458 29.59 16.96 11.31
N LEU A 1459 30.02 15.73 11.61
CA LEU A 1459 29.27 14.88 12.52
C LEU A 1459 29.40 15.32 13.97
N PHE A 1460 30.39 16.15 14.30
CA PHE A 1460 30.70 16.52 15.68
C PHE A 1460 30.71 18.03 15.84
N LEU A 1461 29.69 18.69 15.28
CA LEU A 1461 29.49 20.12 15.46
C LEU A 1461 28.14 20.36 16.16
N SER A 1462 27.82 21.63 16.37
CA SER A 1462 26.60 22.01 17.05
C SER A 1462 25.73 22.90 16.17
N ASN B 130 7.20 52.39 26.22
CA ASN B 130 6.16 52.41 25.20
C ASN B 130 6.78 52.40 23.80
N ILE B 131 7.86 53.17 23.64
CA ILE B 131 8.52 53.24 22.34
C ILE B 131 9.09 51.89 21.94
N THR B 132 9.68 51.17 22.89
CA THR B 132 10.23 49.85 22.58
C THR B 132 9.12 48.88 22.18
N ALA B 133 8.00 48.89 22.91
CA ALA B 133 6.90 47.98 22.58
C ALA B 133 6.30 48.30 21.21
N ARG B 134 6.13 49.58 20.90
CA ARG B 134 5.58 49.95 19.61
C ARG B 134 6.55 49.64 18.47
N LEU B 135 7.85 49.82 18.69
CA LEU B 135 8.83 49.40 17.69
C LEU B 135 8.79 47.89 17.50
N ASP B 136 8.61 47.14 18.58
CA ASP B 136 8.50 45.69 18.47
C ASP B 136 7.27 45.29 17.68
N ARG B 137 6.14 45.96 17.90
CA ARG B 137 4.94 45.61 17.14
C ARG B 137 5.11 45.98 15.67
N ILE B 138 5.79 47.08 15.37
CA ILE B 138 6.14 47.39 13.98
C ILE B 138 7.00 46.27 13.41
N ASP B 139 7.91 45.74 14.22
CA ASP B 139 8.74 44.62 13.79
C ASP B 139 7.89 43.39 13.47
N GLU B 140 6.86 43.13 14.28
CA GLU B 140 5.98 42.00 13.99
C GLU B 140 5.22 42.20 12.68
N LYS B 141 4.70 43.42 12.45
CA LYS B 141 4.03 43.66 11.17
C LYS B 141 4.99 43.49 10.00
N LEU B 142 6.22 43.97 10.14
CA LEU B 142 7.21 43.79 9.09
C LEU B 142 7.53 42.32 8.87
N SER B 143 7.58 41.53 9.94
CA SER B 143 7.77 40.09 9.81
C SER B 143 6.63 39.47 9.02
N GLU B 144 5.40 39.93 9.27
CA GLU B 144 4.27 39.45 8.47
C GLU B 144 4.41 39.83 7.01
N ILE B 145 4.90 41.04 6.73
CA ILE B 145 5.14 41.43 5.34
C ILE B 145 6.18 40.51 4.70
N LEU B 146 7.27 40.22 5.41
CA LEU B 146 8.27 39.29 4.91
C LEU B 146 7.64 37.94 4.59
N GLY B 147 6.86 37.40 5.52
CA GLY B 147 6.27 36.09 5.32
C GLY B 147 5.32 36.05 4.14
N MET B 148 4.44 37.05 4.04
CA MET B 148 3.48 37.08 2.95
C MET B 148 4.18 37.24 1.60
N LEU B 149 5.16 38.13 1.51
CA LEU B 149 5.88 38.32 0.26
C LEU B 149 6.67 37.08 -0.13
N HIS B 150 7.28 36.40 0.85
CA HIS B 150 8.01 35.18 0.53
C HIS B 150 7.06 34.08 0.06
N THR B 151 5.88 33.97 0.68
CA THR B 151 4.89 33.00 0.23
C THR B 151 4.45 33.31 -1.19
N LEU B 152 4.23 34.59 -1.50
CA LEU B 152 3.84 34.98 -2.85
C LEU B 152 4.95 34.67 -3.84
N VAL B 153 6.21 34.89 -3.44
CA VAL B 153 7.34 34.57 -4.30
C VAL B 153 7.38 33.08 -4.60
N VAL B 154 7.19 32.25 -3.58
CA VAL B 154 7.23 30.81 -3.77
C VAL B 154 6.08 30.35 -4.66
N ALA B 155 4.87 30.85 -4.40
CA ALA B 155 3.70 30.43 -5.18
C ALA B 155 3.65 31.04 -6.57
N SER B 156 4.45 32.08 -6.84
CA SER B 156 4.41 32.77 -8.11
C SER B 156 5.38 32.21 -9.14
N ALA B 157 6.15 31.19 -8.80
CA ALA B 157 7.04 30.58 -9.79
C ALA B 157 6.24 29.76 -10.79
N GLY B 158 5.59 28.70 -10.32
CA GLY B 158 4.75 27.87 -11.15
C GLY B 158 5.49 27.20 -12.29
N PRO B 159 4.77 26.38 -13.07
CA PRO B 159 5.40 25.78 -14.26
C PRO B 159 5.82 26.80 -15.29
N THR B 160 5.27 28.02 -15.25
CA THR B 160 5.64 29.03 -16.23
C THR B 160 7.07 29.49 -16.05
N SER B 161 7.56 29.54 -14.82
CA SER B 161 8.96 29.92 -14.59
C SER B 161 9.90 28.78 -14.96
N ALA B 162 9.53 27.54 -14.65
CA ALA B 162 10.35 26.40 -15.02
C ALA B 162 10.46 26.27 -16.54
N ARG B 163 9.36 26.51 -17.25
CA ARG B 163 9.40 26.47 -18.71
C ARG B 163 10.33 27.56 -19.25
N ASP B 164 10.28 28.75 -18.67
CA ASP B 164 11.10 29.86 -19.09
C ASP B 164 12.46 29.89 -18.40
N GLY B 165 12.71 28.98 -17.46
CA GLY B 165 14.00 28.88 -16.80
C GLY B 165 14.38 30.05 -15.93
N ILE B 166 13.43 30.55 -15.13
CA ILE B 166 13.69 31.63 -14.18
C ILE B 166 13.32 31.25 -12.75
N ARG B 167 12.88 30.01 -12.52
CA ARG B 167 12.52 29.59 -11.17
C ARG B 167 13.72 29.62 -10.23
N ASP B 168 14.88 29.19 -10.72
CA ASP B 168 16.09 29.21 -9.90
C ASP B 168 16.45 30.64 -9.51
N ALA B 169 16.30 31.58 -10.44
CA ALA B 169 16.51 32.98 -10.11
C ALA B 169 15.50 33.47 -9.07
N MET B 170 14.25 33.05 -9.21
CA MET B 170 13.21 33.53 -8.29
C MET B 170 13.45 33.04 -6.88
N VAL B 171 13.71 31.75 -6.70
CA VAL B 171 13.73 31.18 -5.37
C VAL B 171 15.13 31.19 -4.75
N GLY B 172 16.18 31.12 -5.58
CA GLY B 172 17.53 31.19 -5.06
C GLY B 172 18.36 29.93 -5.30
N LEU B 173 19.66 30.11 -5.50
CA LEU B 173 20.55 28.97 -5.71
C LEU B 173 20.67 28.15 -4.44
N ARG B 174 20.74 26.82 -4.60
CA ARG B 174 20.80 25.89 -3.48
C ARG B 174 22.17 25.21 -3.40
N GLU B 175 22.35 24.45 -2.32
CA GLU B 175 23.66 23.90 -1.99
C GLU B 175 24.11 22.86 -3.00
N GLU B 176 23.20 22.03 -3.51
CA GLU B 176 23.61 21.04 -4.51
C GLU B 176 24.12 21.70 -5.78
N MET B 177 23.44 22.74 -6.25
CA MET B 177 23.93 23.46 -7.42
C MET B 177 25.23 24.18 -7.12
N ILE B 178 25.38 24.68 -5.89
CA ILE B 178 26.64 25.31 -5.50
C ILE B 178 27.78 24.29 -5.52
N GLU B 179 27.54 23.09 -5.02
CA GLU B 179 28.54 22.02 -5.11
C GLU B 179 28.84 21.66 -6.56
N LYS B 180 27.82 21.64 -7.42
CA LYS B 180 28.06 21.37 -8.83
C LYS B 180 28.99 22.42 -9.44
N ILE B 181 28.72 23.70 -9.15
CA ILE B 181 29.59 24.77 -9.65
C ILE B 181 31.00 24.63 -9.07
N ARG B 182 31.10 24.32 -7.78
CA ARG B 182 32.40 24.21 -7.13
C ARG B 182 33.22 23.08 -7.73
N THR B 183 32.60 21.92 -7.96
CA THR B 183 33.35 20.80 -8.52
C THR B 183 33.67 21.02 -9.99
N GLU B 184 32.79 21.72 -10.73
CA GLU B 184 33.12 22.06 -12.11
C GLU B 184 34.32 23.01 -12.15
N ALA B 185 34.38 23.96 -11.22
CA ALA B 185 35.54 24.85 -11.14
C ALA B 185 36.80 24.07 -10.78
N LEU B 186 36.74 23.29 -9.70
CA LEU B 186 37.93 22.57 -9.23
C LEU B 186 38.41 21.51 -10.21
N MET B 187 37.53 21.02 -11.08
CA MET B 187 37.93 20.04 -12.08
C MET B 187 38.68 20.72 -13.23
N ASN C 128 19.09 54.75 23.74
CA ASN C 128 20.10 53.74 24.06
C ASN C 128 20.37 52.85 22.85
N ASP C 129 21.10 51.75 23.09
CA ASP C 129 21.48 50.86 22.00
C ASP C 129 20.34 49.96 21.52
N ASN C 130 19.28 49.82 22.33
CA ASN C 130 18.17 48.96 21.94
C ASN C 130 17.49 49.47 20.68
N ILE C 131 17.22 50.78 20.61
CA ILE C 131 16.57 51.35 19.44
C ILE C 131 17.49 51.26 18.23
N THR C 132 18.79 51.50 18.43
CA THR C 132 19.74 51.40 17.33
C THR C 132 19.77 49.99 16.75
N ALA C 133 19.81 48.97 17.62
CA ALA C 133 19.78 47.60 17.14
C ALA C 133 18.45 47.27 16.46
N ARG C 134 17.34 47.79 16.99
CA ARG C 134 16.05 47.52 16.37
C ARG C 134 16.01 48.07 14.94
N LEU C 135 16.36 49.34 14.76
CA LEU C 135 16.40 49.86 13.40
C LEU C 135 17.48 49.19 12.55
N ASP C 136 18.55 48.71 13.19
CA ASP C 136 19.61 48.00 12.49
C ASP C 136 19.19 46.58 12.09
N ARG C 137 18.04 46.11 12.55
CA ARG C 137 17.42 44.94 11.92
C ARG C 137 16.28 45.31 10.97
N ILE C 138 15.58 46.43 11.24
CA ILE C 138 14.54 46.89 10.34
C ILE C 138 15.10 47.20 8.96
N ASP C 139 16.32 47.73 8.89
CA ASP C 139 16.88 48.07 7.58
C ASP C 139 17.06 46.83 6.70
N GLU C 140 17.58 45.73 7.26
CA GLU C 140 17.66 44.52 6.44
C GLU C 140 16.29 43.90 6.18
N LYS C 141 15.37 44.01 7.12
CA LYS C 141 14.01 43.52 6.86
C LYS C 141 13.40 44.23 5.66
N LEU C 142 13.51 45.56 5.63
CA LEU C 142 13.02 46.33 4.50
C LEU C 142 13.79 46.01 3.23
N SER C 143 15.11 45.79 3.33
CA SER C 143 15.88 45.43 2.14
C SER C 143 15.39 44.11 1.54
N GLU C 144 15.06 43.15 2.39
CA GLU C 144 14.54 41.88 1.89
C GLU C 144 13.14 42.05 1.31
N ILE C 145 12.33 42.93 1.90
CA ILE C 145 11.03 43.24 1.29
C ILE C 145 11.24 43.83 -0.10
N LEU C 146 12.18 44.78 -0.22
CA LEU C 146 12.55 45.31 -1.53
C LEU C 146 12.91 44.19 -2.50
N GLY C 147 13.80 43.29 -2.08
CA GLY C 147 14.25 42.23 -2.98
C GLY C 147 13.12 41.34 -3.45
N MET C 148 12.22 40.98 -2.53
CA MET C 148 11.06 40.19 -2.93
C MET C 148 10.20 40.95 -3.94
N LEU C 149 9.97 42.24 -3.70
CA LEU C 149 9.23 43.03 -4.68
C LEU C 149 9.94 43.08 -6.02
N HIS C 150 11.27 43.21 -6.00
CA HIS C 150 12.02 43.28 -7.26
C HIS C 150 11.85 42.00 -8.06
N THR C 151 12.02 40.85 -7.41
CA THR C 151 11.90 39.59 -8.14
C THR C 151 10.48 39.39 -8.65
N LEU C 152 9.47 39.74 -7.83
CA LEU C 152 8.10 39.60 -8.29
C LEU C 152 7.80 40.50 -9.49
N VAL C 153 8.24 41.76 -9.44
CA VAL C 153 7.91 42.67 -10.54
C VAL C 153 8.68 42.31 -11.81
N VAL C 154 9.92 41.82 -11.68
CA VAL C 154 10.64 41.44 -12.88
C VAL C 154 10.16 40.11 -13.45
N ALA C 155 9.51 39.27 -12.62
CA ALA C 155 8.95 38.03 -13.14
C ALA C 155 7.52 38.17 -13.64
N SER C 156 6.79 39.18 -13.19
CA SER C 156 5.39 39.33 -13.56
C SER C 156 5.23 40.07 -14.90
N ALA C 157 5.75 41.30 -14.98
CA ALA C 157 5.59 42.10 -16.17
C ALA C 157 6.52 41.59 -17.28
N GLY C 158 6.35 42.16 -18.47
CA GLY C 158 7.16 41.80 -19.60
C GLY C 158 6.89 40.40 -20.11
N PRO C 159 5.73 40.19 -20.72
CA PRO C 159 5.40 38.86 -21.27
C PRO C 159 6.44 38.42 -22.29
N THR C 160 7.16 37.35 -21.93
CA THR C 160 8.26 36.76 -22.73
C THR C 160 9.24 37.81 -23.23
N SER C 161 9.32 38.96 -22.55
CA SER C 161 10.23 40.05 -22.91
C SER C 161 11.48 40.07 -22.06
N ALA C 162 11.32 40.10 -20.74
CA ALA C 162 12.45 40.10 -19.82
C ALA C 162 12.91 38.70 -19.42
N ARG C 163 12.18 37.66 -19.83
CA ARG C 163 12.58 36.30 -19.47
C ARG C 163 13.95 35.96 -20.03
N ASP C 164 14.21 36.38 -21.28
CA ASP C 164 15.56 36.23 -21.83
C ASP C 164 16.58 37.01 -21.01
N GLY C 165 16.18 38.16 -20.48
CA GLY C 165 17.09 38.93 -19.66
C GLY C 165 17.48 38.19 -18.39
N ILE C 166 16.51 37.61 -17.69
CA ILE C 166 16.85 36.82 -16.51
C ILE C 166 17.64 35.58 -16.89
N ARG C 167 17.34 34.97 -18.04
CA ARG C 167 18.06 33.76 -18.43
C ARG C 167 19.53 34.05 -18.69
N ASP C 168 19.83 35.05 -19.52
CA ASP C 168 21.24 35.33 -19.77
C ASP C 168 21.91 36.03 -18.59
N ALA C 169 21.13 36.66 -17.70
CA ALA C 169 21.70 37.13 -16.45
C ALA C 169 22.14 35.96 -15.58
N MET C 170 21.35 34.89 -15.54
CA MET C 170 21.78 33.69 -14.83
C MET C 170 23.00 33.05 -15.48
N VAL C 171 23.06 33.06 -16.82
CA VAL C 171 24.24 32.53 -17.50
C VAL C 171 25.48 33.32 -17.09
N GLY C 172 25.39 34.65 -17.13
CA GLY C 172 26.51 35.47 -16.70
C GLY C 172 26.84 35.30 -15.23
N LEU C 173 25.82 35.10 -14.40
CA LEU C 173 26.04 34.91 -12.97
C LEU C 173 26.80 33.61 -12.71
N ARG C 174 26.41 32.53 -13.38
CA ARG C 174 27.12 31.28 -13.17
C ARG C 174 28.54 31.35 -13.71
N GLU C 175 28.75 32.05 -14.83
CA GLU C 175 30.10 32.24 -15.35
C GLU C 175 30.97 33.01 -14.36
N GLU C 176 30.47 34.15 -13.87
CA GLU C 176 31.27 34.94 -12.95
C GLU C 176 31.46 34.22 -11.62
N MET C 177 30.47 33.42 -11.18
CA MET C 177 30.61 32.67 -9.95
C MET C 177 31.69 31.60 -10.08
N ILE C 178 31.69 30.85 -11.18
CA ILE C 178 32.71 29.82 -11.34
C ILE C 178 34.09 30.44 -11.50
N GLU C 179 34.18 31.59 -12.18
CA GLU C 179 35.47 32.28 -12.28
C GLU C 179 35.94 32.79 -10.93
N LYS C 180 35.03 33.33 -10.12
CA LYS C 180 35.40 33.83 -8.80
C LYS C 180 35.80 32.71 -7.86
N ILE C 181 35.18 31.53 -8.00
CA ILE C 181 35.60 30.38 -7.22
C ILE C 181 36.97 29.90 -7.69
N ARG C 182 37.23 29.97 -8.99
CA ARG C 182 38.58 29.66 -9.49
C ARG C 182 39.61 30.59 -8.87
N THR C 183 39.30 31.88 -8.81
CA THR C 183 40.20 32.83 -8.16
C THR C 183 40.16 32.64 -6.65
N GLU C 184 41.31 32.84 -6.02
CA GLU C 184 41.44 32.72 -4.56
C GLU C 184 40.98 31.35 -4.06
N ASN D 128 20.26 63.58 18.47
CA ASN D 128 19.19 62.59 18.38
C ASN D 128 18.60 62.57 16.97
N ASP D 129 19.17 63.38 16.07
CA ASP D 129 18.69 63.46 14.70
C ASP D 129 19.05 62.23 13.87
N ASN D 130 19.98 61.40 14.32
CA ASN D 130 20.29 60.17 13.60
C ASN D 130 19.09 59.24 13.56
N ILE D 131 18.37 59.12 14.68
CA ILE D 131 17.17 58.29 14.72
C ILE D 131 16.12 58.84 13.77
N THR D 132 15.96 60.17 13.73
CA THR D 132 14.99 60.78 12.83
C THR D 132 15.37 60.54 11.37
N ALA D 133 16.66 60.64 11.04
CA ALA D 133 17.09 60.38 9.67
C ALA D 133 16.86 58.92 9.28
N ARG D 134 17.14 58.00 10.22
CA ARG D 134 16.87 56.60 9.95
C ARG D 134 15.37 56.36 9.73
N LEU D 135 14.54 57.00 10.54
CA LEU D 135 13.10 56.87 10.37
C LEU D 135 12.65 57.43 9.02
N ASP D 136 13.25 58.54 8.60
CA ASP D 136 12.90 59.11 7.29
C ASP D 136 13.30 58.18 6.15
N ARG D 137 14.49 57.58 6.22
CA ARG D 137 14.90 56.71 5.13
C ARG D 137 14.07 55.42 5.10
N ILE D 138 13.73 54.87 6.27
CA ILE D 138 12.87 53.70 6.26
C ILE D 138 11.45 54.06 5.80
N ASP D 139 10.99 55.28 6.09
CA ASP D 139 9.70 55.73 5.58
C ASP D 139 9.73 55.80 4.05
N GLU D 140 10.81 56.35 3.50
CA GLU D 140 10.95 56.39 2.04
C GLU D 140 10.97 55.00 1.45
N LYS D 141 11.71 54.08 2.08
CA LYS D 141 11.77 52.71 1.59
C LYS D 141 10.40 52.04 1.63
N LEU D 142 9.64 52.25 2.71
CA LEU D 142 8.33 51.62 2.83
C LEU D 142 7.33 52.24 1.84
N SER D 143 7.42 53.55 1.62
CA SER D 143 6.56 54.18 0.62
C SER D 143 6.85 53.65 -0.77
N GLU D 144 8.13 53.49 -1.12
CA GLU D 144 8.44 52.91 -2.41
C GLU D 144 8.04 51.44 -2.47
N ILE D 145 8.05 50.75 -1.31
CA ILE D 145 7.53 49.38 -1.25
C ILE D 145 6.05 49.37 -1.63
N LEU D 146 5.27 50.28 -1.05
CA LEU D 146 3.85 50.36 -1.40
C LEU D 146 3.68 50.67 -2.89
N GLY D 147 4.54 51.54 -3.42
CA GLY D 147 4.51 51.79 -4.86
C GLY D 147 4.76 50.53 -5.67
N MET D 148 5.71 49.70 -5.24
CA MET D 148 5.99 48.46 -5.96
C MET D 148 4.83 47.49 -5.88
N LEU D 149 4.17 47.38 -4.72
CA LEU D 149 2.98 46.53 -4.65
C LEU D 149 1.88 47.04 -5.58
N HIS D 150 1.66 48.36 -5.62
CA HIS D 150 0.63 48.90 -6.50
C HIS D 150 0.96 48.61 -7.96
N THR D 151 2.21 48.85 -8.38
CA THR D 151 2.60 48.55 -9.75
C THR D 151 2.50 47.06 -10.04
N LEU D 152 2.83 46.23 -9.05
CA LEU D 152 2.76 44.78 -9.22
C LEU D 152 1.33 44.33 -9.50
N VAL D 153 0.38 44.77 -8.66
CA VAL D 153 -1.00 44.36 -8.85
C VAL D 153 -1.56 44.93 -10.14
N VAL D 154 -1.15 46.15 -10.51
CA VAL D 154 -1.63 46.74 -11.76
C VAL D 154 -1.12 45.95 -12.96
N ALA D 155 0.17 45.60 -12.95
CA ALA D 155 0.75 44.87 -14.08
C ALA D 155 0.19 43.46 -14.18
N SER D 156 0.06 42.76 -13.05
CA SER D 156 -0.49 41.42 -13.08
C SER D 156 -1.98 41.40 -13.42
N ALA D 157 -2.69 42.49 -13.11
CA ALA D 157 -4.10 42.58 -13.49
C ALA D 157 -4.26 42.86 -14.98
N GLY D 158 -3.67 43.95 -15.45
CA GLY D 158 -3.75 44.31 -16.85
C GLY D 158 -3.99 45.79 -17.09
N MET D 170 12.81 48.37 -15.41
CA MET D 170 12.86 46.94 -15.17
C MET D 170 14.29 46.43 -15.20
N VAL D 171 15.16 47.14 -15.90
CA VAL D 171 16.55 46.72 -16.01
C VAL D 171 17.26 46.86 -14.67
N GLY D 172 17.08 48.00 -14.01
CA GLY D 172 17.69 48.19 -12.70
C GLY D 172 17.10 47.26 -11.66
N LEU D 173 15.79 47.04 -11.71
CA LEU D 173 15.14 46.11 -10.78
C LEU D 173 15.70 44.70 -10.96
N ARG D 174 15.81 44.26 -12.22
CA ARG D 174 16.38 42.95 -12.52
C ARG D 174 17.82 42.85 -12.04
N GLU D 175 18.61 43.89 -12.29
CA GLU D 175 20.01 43.88 -11.85
C GLU D 175 20.12 43.78 -10.33
N GLU D 176 19.26 44.51 -9.62
CA GLU D 176 19.27 44.45 -8.16
C GLU D 176 18.90 43.06 -7.66
N MET D 177 17.92 42.41 -8.30
CA MET D 177 17.58 41.08 -7.81
C MET D 177 18.59 40.02 -8.21
N ILE D 178 19.27 40.18 -9.36
CA ILE D 178 20.45 39.36 -9.65
C ILE D 178 21.51 39.56 -8.57
N GLU D 179 21.74 40.80 -8.14
CA GLU D 179 22.73 41.04 -7.10
C GLU D 179 22.33 40.36 -5.80
N LYS D 180 21.05 40.42 -5.45
CA LYS D 180 20.57 39.78 -4.23
C LYS D 180 20.77 38.27 -4.27
N ILE D 181 20.36 37.63 -5.36
CA ILE D 181 20.52 36.19 -5.45
C ILE D 181 22.00 35.80 -5.50
N ARG D 182 22.83 36.63 -6.15
CA ARG D 182 24.25 36.35 -6.22
C ARG D 182 24.89 36.41 -4.84
N THR D 183 24.55 37.43 -4.06
CA THR D 183 25.15 37.53 -2.73
C THR D 183 24.61 36.46 -1.79
N GLU D 184 23.35 36.05 -1.96
CA GLU D 184 22.84 34.93 -1.16
C GLU D 184 23.58 33.65 -1.49
N ALA D 185 23.81 33.39 -2.78
CA ALA D 185 24.58 32.21 -3.18
C ALA D 185 26.01 32.29 -2.66
N LEU D 186 26.59 33.49 -2.67
CA LEU D 186 27.95 33.65 -2.16
C LEU D 186 28.02 33.35 -0.66
N MET D 187 27.02 33.83 0.11
CA MET D 187 27.00 33.51 1.54
C MET D 187 26.85 32.02 1.77
N THR D 188 25.97 31.36 1.02
CA THR D 188 25.81 29.91 1.18
C THR D 188 27.09 29.18 0.82
N ASN D 189 27.75 29.61 -0.25
CA ASN D 189 28.99 28.96 -0.68
C ASN D 189 30.10 29.18 0.34
N ASP D 190 30.16 30.36 0.95
CA ASP D 190 31.14 30.59 2.01
C ASP D 190 30.85 29.71 3.22
N ARG D 191 29.57 29.54 3.56
CA ARG D 191 29.22 28.62 4.64
C ARG D 191 29.69 27.20 4.34
N LEU D 192 29.50 26.76 3.09
CA LEU D 192 29.94 25.42 2.71
C LEU D 192 31.46 25.31 2.74
N GLU D 193 32.16 26.35 2.28
CA GLU D 193 33.62 26.35 2.34
C GLU D 193 34.12 26.40 3.77
N ALA D 194 33.30 26.86 4.73
CA ALA D 194 33.69 26.79 6.13
C ALA D 194 33.90 25.34 6.56
N MET D 195 32.92 24.47 6.30
CA MET D 195 33.11 23.06 6.64
C MET D 195 34.12 22.39 5.73
N ALA D 196 34.30 22.88 4.50
CA ALA D 196 35.37 22.37 3.66
C ALA D 196 36.74 22.62 4.29
N ARG D 197 36.95 23.85 4.79
CA ARG D 197 38.20 24.16 5.47
C ARG D 197 38.32 23.38 6.77
N LEU D 198 37.21 23.17 7.47
CA LEU D 198 37.24 22.33 8.67
C LEU D 198 37.69 20.92 8.34
N ARG D 199 37.23 20.37 7.21
CA ARG D 199 37.74 19.09 6.74
C ARG D 199 39.23 19.16 6.44
N ASN D 200 39.66 20.22 5.76
CA ASN D 200 41.06 20.41 5.40
C ASN D 200 41.86 20.91 6.61
N GLU D 201 41.88 20.08 7.65
CA GLU D 201 42.62 20.39 8.88
C GLU D 201 42.86 19.14 9.70
N ASN E 128 10.56 63.31 23.58
CA ASN E 128 10.65 63.07 22.14
C ASN E 128 9.30 62.62 21.58
N ASP E 129 8.27 63.46 21.76
CA ASP E 129 6.96 63.15 21.20
C ASP E 129 6.88 63.44 19.71
N ASN E 130 7.78 64.25 19.18
CA ASN E 130 7.77 64.55 17.75
C ASN E 130 8.04 63.29 16.92
N ILE E 131 9.01 62.48 17.34
CA ILE E 131 9.32 61.27 16.59
C ILE E 131 8.18 60.28 16.68
N THR E 132 7.52 60.18 17.84
CA THR E 132 6.36 59.30 17.95
C THR E 132 5.22 59.76 17.05
N ALA E 133 4.98 61.07 17.02
CA ALA E 133 3.91 61.60 16.16
C ALA E 133 4.23 61.36 14.69
N ARG E 134 5.49 61.49 14.30
CA ARG E 134 5.87 61.31 12.91
C ARG E 134 6.03 59.84 12.53
N LEU E 135 6.13 58.93 13.50
CA LEU E 135 6.12 57.51 13.19
C LEU E 135 4.74 56.89 13.31
N ASP E 136 3.77 57.61 13.90
CA ASP E 136 2.39 57.16 13.80
C ASP E 136 1.95 57.05 12.35
N ARG E 137 2.47 57.93 11.49
CA ARG E 137 2.16 57.86 10.06
C ARG E 137 2.67 56.57 9.43
N ILE E 138 3.93 56.22 9.69
CA ILE E 138 4.46 54.99 9.12
C ILE E 138 3.77 53.78 9.73
N ASP E 139 3.38 53.88 11.01
CA ASP E 139 2.62 52.79 11.63
C ASP E 139 1.28 52.58 10.91
N GLU E 140 0.56 53.66 10.64
CA GLU E 140 -0.76 53.49 10.02
C GLU E 140 -0.64 53.05 8.57
N LYS E 141 0.37 53.54 7.84
CA LYS E 141 0.52 53.07 6.47
C LYS E 141 1.05 51.63 6.41
N LEU E 142 1.87 51.21 7.37
CA LEU E 142 2.21 49.80 7.46
C LEU E 142 0.98 48.95 7.77
N SER E 143 0.10 49.46 8.61
CA SER E 143 -1.15 48.74 8.89
C SER E 143 -2.01 48.61 7.65
N GLU E 144 -2.09 49.67 6.84
CA GLU E 144 -2.90 49.57 5.62
C GLU E 144 -2.23 48.68 4.58
N ILE E 145 -0.89 48.64 4.54
CA ILE E 145 -0.21 47.66 3.68
C ILE E 145 -0.51 46.24 4.14
N LEU E 146 -0.54 46.02 5.46
CA LEU E 146 -0.90 44.70 5.98
C LEU E 146 -2.32 44.33 5.59
N GLY E 147 -3.25 45.29 5.67
CA GLY E 147 -4.61 45.05 5.23
C GLY E 147 -4.68 44.72 3.74
N MET E 148 -3.91 45.44 2.93
CA MET E 148 -3.86 45.15 1.50
C MET E 148 -3.33 43.74 1.25
N LEU E 149 -2.30 43.34 1.98
CA LEU E 149 -1.76 41.99 1.84
C LEU E 149 -2.80 40.94 2.24
N HIS E 150 -3.52 41.18 3.33
CA HIS E 150 -4.55 40.25 3.77
C HIS E 150 -5.67 40.13 2.74
N THR E 151 -6.07 41.26 2.14
CA THR E 151 -7.10 41.23 1.12
C THR E 151 -6.58 40.81 -0.26
N LEU E 152 -5.27 40.64 -0.40
CA LEU E 152 -4.70 40.24 -1.68
C LEU E 152 -5.04 38.79 -1.96
N VAL E 153 -5.36 38.51 -3.23
CA VAL E 153 -5.81 37.18 -3.66
C VAL E 153 -4.93 36.74 -4.81
N VAL E 154 -4.66 35.45 -4.90
CA VAL E 154 -3.82 34.88 -5.95
C VAL E 154 -4.58 33.74 -6.64
N ALA E 155 -4.45 33.68 -7.95
CA ALA E 155 -5.09 32.65 -8.77
C ALA E 155 -4.06 31.64 -9.24
N SER E 156 -4.55 30.47 -9.64
CA SER E 156 -3.67 29.42 -10.11
C SER E 156 -3.21 29.69 -11.54
N ALA E 157 -2.14 29.01 -11.94
CA ALA E 157 -1.54 29.19 -13.26
C ALA E 157 -2.13 28.19 -14.26
N GLY E 158 -3.45 28.29 -14.46
CA GLY E 158 -4.15 27.38 -15.32
C GLY E 158 -3.86 27.65 -16.79
N PRO E 159 -4.45 26.81 -17.63
CA PRO E 159 -4.25 26.97 -19.09
C PRO E 159 -4.89 28.25 -19.61
N THR E 160 -4.31 28.77 -20.68
CA THR E 160 -4.81 30.00 -21.29
C THR E 160 -6.14 29.75 -22.00
N SER E 161 -6.73 30.82 -22.51
CA SER E 161 -7.95 30.70 -23.30
C SER E 161 -7.64 30.00 -24.64
N ALA E 162 -8.54 29.11 -25.04
CA ALA E 162 -8.37 28.30 -26.25
C ALA E 162 -7.09 27.47 -26.19
N ARG E 163 -6.65 27.14 -24.98
CA ARG E 163 -5.46 26.32 -24.72
C ARG E 163 -4.25 27.02 -25.33
N ASP E 164 -3.28 26.23 -25.81
CA ASP E 164 -2.07 26.75 -26.47
C ASP E 164 -1.30 27.71 -25.57
N GLY E 165 -0.80 27.18 -24.47
CA GLY E 165 0.04 27.93 -23.56
C GLY E 165 -0.40 27.78 -22.12
N ILE E 166 0.45 28.29 -21.23
CA ILE E 166 0.21 28.26 -19.79
C ILE E 166 0.09 29.71 -19.32
N ARG E 167 -1.03 30.03 -18.69
CA ARG E 167 -1.24 31.36 -18.14
C ARG E 167 -0.47 31.51 -16.83
N ASP E 168 0.03 32.72 -16.60
CA ASP E 168 0.80 32.99 -15.38
C ASP E 168 -0.11 32.95 -14.16
N ALA E 169 0.50 32.68 -13.01
CA ALA E 169 -0.22 32.66 -11.73
C ALA E 169 -0.47 34.11 -11.33
N MET E 170 -1.50 34.69 -11.93
CA MET E 170 -1.77 36.11 -11.76
C MET E 170 -2.25 36.41 -10.34
N VAL E 171 -1.85 37.57 -9.84
CA VAL E 171 -2.20 38.03 -8.50
C VAL E 171 -2.76 39.44 -8.61
N GLY E 172 -3.76 39.74 -7.79
CA GLY E 172 -4.38 41.05 -7.86
C GLY E 172 -5.30 41.27 -6.68
N LEU E 173 -5.95 42.44 -6.68
CA LEU E 173 -6.89 42.76 -5.61
C LEU E 173 -8.08 41.82 -5.65
N ARG E 174 -8.69 41.63 -4.48
CA ARG E 174 -9.79 40.69 -4.32
C ARG E 174 -10.98 41.04 -5.21
N GLU E 175 -11.62 42.18 -4.92
CA GLU E 175 -12.83 42.57 -5.65
C GLU E 175 -12.56 42.66 -7.15
N GLU E 176 -11.34 43.04 -7.53
CA GLU E 176 -10.99 43.10 -8.94
C GLU E 176 -11.13 41.73 -9.59
N MET E 177 -10.71 40.66 -8.91
CA MET E 177 -10.84 39.35 -9.53
C MET E 177 -12.19 38.70 -9.29
N ILE E 178 -12.98 39.11 -8.30
CA ILE E 178 -14.40 38.74 -8.39
C ILE E 178 -15.04 39.34 -9.64
N GLU E 179 -14.70 40.60 -9.94
CA GLU E 179 -15.19 41.20 -11.19
C GLU E 179 -14.67 40.44 -12.40
N LYS E 180 -13.41 40.01 -12.36
CA LYS E 180 -12.84 39.26 -13.47
C LYS E 180 -13.56 37.92 -13.66
N ILE E 181 -13.86 37.23 -12.56
CA ILE E 181 -14.59 35.97 -12.65
C ILE E 181 -15.98 36.21 -13.23
N ARG E 182 -16.68 37.22 -12.72
CA ARG E 182 -18.03 37.49 -13.21
C ARG E 182 -18.06 38.08 -14.60
N THR E 183 -16.93 38.53 -15.13
CA THR E 183 -16.84 39.04 -16.49
C THR E 183 -16.19 38.06 -17.46
N GLU E 184 -16.06 36.78 -17.07
CA GLU E 184 -15.52 35.72 -17.92
C GLU E 184 -14.07 36.01 -18.33
N ALA E 185 -13.35 36.76 -17.50
CA ALA E 185 -11.93 36.98 -17.77
C ALA E 185 -11.14 35.68 -17.65
N LEU E 186 -11.47 34.86 -16.65
CA LEU E 186 -10.84 33.56 -16.44
C LEU E 186 -11.94 32.50 -16.39
N MET E 187 -11.74 31.41 -17.13
CA MET E 187 -12.72 30.33 -17.16
C MET E 187 -12.59 29.48 -15.90
N THR E 188 -13.71 29.26 -15.23
CA THR E 188 -13.73 28.48 -14.00
C THR E 188 -15.03 27.68 -13.93
N ASN E 189 -14.93 26.46 -13.41
CA ASN E 189 -16.12 25.63 -13.26
C ASN E 189 -17.07 26.16 -12.19
N ASP E 190 -16.52 26.83 -11.17
CA ASP E 190 -17.30 27.36 -10.07
C ASP E 190 -17.31 28.89 -10.16
N ARG E 191 -18.51 29.47 -10.16
CA ARG E 191 -18.65 30.93 -10.19
C ARG E 191 -19.33 31.45 -8.93
N LEU E 192 -20.53 30.98 -8.60
CA LEU E 192 -21.26 31.54 -7.47
C LEU E 192 -20.58 31.24 -6.15
N GLU E 193 -20.22 29.98 -5.92
CA GLU E 193 -19.58 29.61 -4.66
C GLU E 193 -18.16 30.16 -4.57
N ALA E 194 -17.45 30.22 -5.69
CA ALA E 194 -16.14 30.86 -5.69
C ALA E 194 -16.25 32.33 -5.31
N MET E 195 -17.25 33.02 -5.88
CA MET E 195 -17.48 34.43 -5.53
C MET E 195 -17.81 34.58 -4.06
N ALA E 196 -18.67 33.69 -3.54
CA ALA E 196 -19.05 33.77 -2.13
C ALA E 196 -17.85 33.56 -1.22
N ARG E 197 -17.00 32.58 -1.56
CA ARG E 197 -15.81 32.34 -0.76
C ARG E 197 -14.84 33.52 -0.82
N LEU E 198 -14.68 34.11 -2.01
CA LEU E 198 -13.78 35.25 -2.16
C LEU E 198 -14.27 36.45 -1.36
N ARG E 199 -15.59 36.68 -1.34
CA ARG E 199 -16.15 37.79 -0.59
C ARG E 199 -16.42 37.44 0.87
N ASN E 200 -16.15 36.20 1.27
CA ASN E 200 -16.31 35.74 2.65
C ASN E 200 -17.77 35.89 3.10
N GLU E 201 -18.64 35.19 2.39
CA GLU E 201 -20.05 35.13 2.73
C GLU E 201 -20.51 33.68 2.69
N GLU E 202 -21.50 33.37 3.52
CA GLU E 202 -22.04 32.02 3.57
C GLU E 202 -22.91 31.77 2.34
N SER E 203 -22.55 30.74 1.56
CA SER E 203 -23.27 30.41 0.35
C SER E 203 -24.32 29.34 0.62
N GLU E 204 -25.36 29.33 -0.24
CA GLU E 204 -26.42 28.34 -0.08
C GLU E 204 -25.93 26.92 -0.32
N LYS E 205 -24.98 26.74 -1.23
CA LYS E 205 -24.42 25.40 -1.45
C LYS E 205 -23.67 24.93 -0.22
N MET E 206 -22.85 25.80 0.38
CA MET E 206 -22.14 25.43 1.60
C MET E 206 -23.10 25.15 2.75
N ALA E 207 -24.16 25.95 2.87
CA ALA E 207 -25.17 25.70 3.89
C ALA E 207 -25.84 24.34 3.69
N LYS E 208 -26.16 24.01 2.44
CA LYS E 208 -26.77 22.71 2.15
C LYS E 208 -25.81 21.56 2.48
N ASP E 209 -24.53 21.73 2.15
CA ASP E 209 -23.55 20.69 2.48
C ASP E 209 -23.40 20.51 3.99
N THR E 210 -23.43 21.61 4.74
CA THR E 210 -23.26 21.59 6.19
C THR E 210 -24.58 21.88 6.91
N SER E 211 -25.68 21.38 6.38
CA SER E 211 -26.98 21.59 7.00
C SER E 211 -27.15 20.66 8.20
N ASP E 212 -27.76 21.19 9.27
CA ASP E 212 -28.01 20.38 10.46
C ASP E 212 -29.03 19.28 10.17
N GLU E 213 -30.04 19.58 9.36
CA GLU E 213 -30.95 18.56 8.82
C GLU E 213 -30.92 18.64 7.29
N VAL E 214 -30.70 17.51 6.65
CA VAL E 214 -30.66 17.41 5.20
C VAL E 214 -31.94 16.77 4.70
N SER E 215 -32.54 17.37 3.68
CA SER E 215 -33.79 16.88 3.12
C SER E 215 -33.50 15.82 2.06
N LEU E 216 -34.53 15.42 1.33
CA LEU E 216 -34.42 14.38 0.31
C LEU E 216 -35.04 14.87 -1.00
N ASN E 217 -34.35 14.61 -2.10
CA ASN E 217 -34.94 14.83 -3.41
C ASN E 217 -36.07 13.83 -3.63
N PRO E 218 -36.99 14.11 -4.56
CA PRO E 218 -38.19 13.26 -4.69
C PRO E 218 -37.88 11.78 -4.88
N THR E 219 -36.82 11.45 -5.61
CA THR E 219 -36.44 10.04 -5.73
C THR E 219 -36.09 9.44 -4.38
N SER E 220 -35.35 10.18 -3.55
CA SER E 220 -35.00 9.68 -2.23
C SER E 220 -36.23 9.60 -1.33
N GLU E 221 -37.16 10.54 -1.47
CA GLU E 221 -38.39 10.49 -0.69
C GLU E 221 -39.20 9.24 -1.05
N LYS E 222 -39.31 8.94 -2.34
CA LYS E 222 -40.00 7.72 -2.77
C LYS E 222 -39.27 6.48 -2.27
N LEU E 223 -37.93 6.48 -2.33
CA LEU E 223 -37.18 5.34 -1.84
C LEU E 223 -37.41 5.13 -0.34
N ASN E 224 -37.43 6.22 0.43
CA ASN E 224 -37.68 6.11 1.86
C ASN E 224 -39.10 5.62 2.13
N ASN E 225 -40.07 6.08 1.33
CA ASN E 225 -41.45 5.62 1.50
C ASN E 225 -41.55 4.12 1.25
N LEU E 226 -40.90 3.62 0.19
CA LEU E 226 -40.93 2.19 -0.07
C LEU E 226 -40.16 1.40 0.99
N LEU E 227 -39.07 1.96 1.52
CA LEU E 227 -38.26 1.24 2.49
C LEU E 227 -38.95 1.14 3.83
N GLU E 228 -39.52 2.24 4.32
CA GLU E 228 -40.12 2.29 5.65
C GLU E 228 -41.59 1.92 5.66
N GLY E 229 -42.18 1.65 4.50
CA GLY E 229 -43.58 1.28 4.40
C GLY E 229 -43.75 -0.22 4.26
N ASN E 230 -44.92 -0.70 4.68
CA ASN E 230 -45.24 -2.12 4.52
C ASN E 230 -45.31 -2.46 3.03
N ASP E 231 -44.92 -3.69 2.71
CA ASP E 231 -44.89 -4.14 1.32
C ASP E 231 -46.31 -4.29 0.81
N SER E 232 -46.82 -3.28 0.11
CA SER E 232 -48.17 -3.31 -0.39
C SER E 232 -48.30 -4.25 -1.58
N ASP E 233 -47.50 -4.04 -2.62
CA ASP E 233 -47.54 -4.92 -3.79
C ASP E 233 -46.88 -6.27 -3.51
N ASN E 234 -45.89 -6.30 -2.62
CA ASN E 234 -45.14 -7.52 -2.31
C ASN E 234 -44.55 -8.13 -3.58
N ASP E 235 -44.01 -7.27 -4.44
CA ASP E 235 -43.46 -7.70 -5.73
C ASP E 235 -42.07 -8.32 -5.54
N LEU E 236 -42.04 -9.42 -4.79
CA LEU E 236 -40.82 -10.18 -4.55
C LEU E 236 -40.62 -11.19 -5.68
N SER E 237 -40.62 -10.68 -6.91
CA SER E 237 -40.55 -11.50 -8.11
C SER E 237 -39.42 -11.00 -9.00
N LEU E 238 -38.54 -11.91 -9.40
CA LEU E 238 -37.47 -11.57 -10.33
C LEU E 238 -37.95 -11.47 -11.77
N GLU E 239 -39.11 -12.06 -12.09
CA GLU E 239 -39.60 -12.02 -13.47
C GLU E 239 -39.96 -10.60 -13.90
N ASP E 240 -40.30 -9.73 -12.96
CA ASP E 240 -40.52 -8.33 -13.26
C ASP E 240 -39.20 -7.58 -13.32
N PHE E 241 -39.26 -6.34 -13.80
CA PHE E 241 -38.12 -5.43 -13.95
C PHE E 241 -36.78 -6.12 -14.21
#